data_2EKJ
#
_entry.id   2EKJ
#
_entity_poly.entity_id   1
_entity_poly.type   'polypeptide(L)'
_entity_poly.pdbx_seq_one_letter_code
;GSSGSSGRSPPSNLALASETPDSLQVSWTPPLGRVLHYWLTYAPASGLGPEKSVSVPGARSHVTLPDLQAATKYRVLVSA
IYAAGRSEAVSATGQTACPSGPSSG
;
_entity_poly.pdbx_strand_id   A
#
# COMPACT_ATOMS: atom_id res chain seq x y z
N GLY A 1 -3.56 -4.43 -24.02
CA GLY A 1 -3.63 -3.08 -24.55
C GLY A 1 -2.61 -2.82 -25.64
N SER A 2 -2.51 -1.57 -26.07
CA SER A 2 -1.57 -1.19 -27.12
C SER A 2 -0.13 -1.21 -26.59
N SER A 3 0.13 -0.41 -25.57
CA SER A 3 1.45 -0.33 -24.98
C SER A 3 1.63 -1.38 -23.88
N GLY A 4 2.75 -2.09 -23.93
CA GLY A 4 3.01 -3.13 -22.94
C GLY A 4 4.28 -3.90 -23.24
N SER A 5 5.23 -3.86 -22.31
CA SER A 5 6.50 -4.56 -22.47
C SER A 5 6.82 -5.40 -21.24
N SER A 6 7.57 -6.47 -21.44
CA SER A 6 7.95 -7.36 -20.36
C SER A 6 9.20 -6.84 -19.64
N GLY A 7 9.00 -6.02 -18.62
CA GLY A 7 10.12 -5.47 -17.87
C GLY A 7 9.71 -4.93 -16.52
N ARG A 8 8.67 -4.10 -16.51
CA ARG A 8 8.18 -3.50 -15.27
C ARG A 8 6.83 -4.09 -14.89
N SER A 9 6.78 -4.79 -13.77
CA SER A 9 5.54 -5.40 -13.30
C SER A 9 5.14 -4.85 -11.94
N PRO A 10 3.93 -4.28 -11.87
CA PRO A 10 3.40 -3.70 -10.64
C PRO A 10 3.07 -4.76 -9.59
N PRO A 11 3.02 -4.33 -8.32
CA PRO A 11 2.71 -5.23 -7.19
C PRO A 11 1.27 -5.71 -7.20
N SER A 12 1.08 -7.02 -7.14
CA SER A 12 -0.25 -7.60 -7.15
C SER A 12 -0.50 -8.41 -5.87
N ASN A 13 -1.71 -8.95 -5.76
CA ASN A 13 -2.08 -9.74 -4.58
C ASN A 13 -2.07 -8.88 -3.32
N LEU A 14 -2.46 -7.62 -3.47
CA LEU A 14 -2.50 -6.69 -2.35
C LEU A 14 -3.41 -7.21 -1.25
N ALA A 15 -2.90 -7.20 -0.01
CA ALA A 15 -3.66 -7.67 1.13
C ALA A 15 -3.57 -6.68 2.30
N LEU A 16 -4.67 -6.01 2.58
CA LEU A 16 -4.72 -5.03 3.68
C LEU A 16 -5.24 -5.67 4.95
N ALA A 17 -4.37 -5.81 5.95
CA ALA A 17 -4.74 -6.40 7.23
C ALA A 17 -4.67 -5.37 8.35
N SER A 18 -5.77 -5.23 9.09
CA SER A 18 -5.83 -4.28 10.18
C SER A 18 -5.69 -4.99 11.53
N GLU A 19 -4.59 -4.69 12.23
CA GLU A 19 -4.33 -5.30 13.53
C GLU A 19 -4.58 -4.31 14.66
N THR A 20 -4.55 -3.02 14.32
CA THR A 20 -4.76 -1.97 15.30
C THR A 20 -5.39 -0.74 14.67
N PRO A 21 -6.23 -0.03 15.44
CA PRO A 21 -6.92 1.18 14.96
C PRO A 21 -5.95 2.35 14.77
N ASP A 22 -4.67 2.09 14.98
CA ASP A 22 -3.65 3.13 14.83
C ASP A 22 -2.68 2.77 13.71
N SER A 23 -2.78 1.54 13.21
CA SER A 23 -1.91 1.07 12.14
C SER A 23 -2.63 0.05 11.28
N LEU A 24 -2.18 -0.08 10.03
CA LEU A 24 -2.78 -1.03 9.09
C LEU A 24 -1.70 -1.77 8.30
N GLN A 25 -1.66 -3.09 8.44
CA GLN A 25 -0.68 -3.90 7.74
C GLN A 25 -1.05 -4.05 6.26
N VAL A 26 -0.04 -4.05 5.40
CA VAL A 26 -0.26 -4.18 3.97
C VAL A 26 0.94 -4.84 3.28
N SER A 27 0.65 -5.87 2.49
CA SER A 27 1.70 -6.60 1.78
C SER A 27 1.33 -6.80 0.32
N TRP A 28 2.19 -7.50 -0.40
CA TRP A 28 1.96 -7.76 -1.83
C TRP A 28 3.01 -8.71 -2.39
N THR A 29 2.76 -9.22 -3.58
CA THR A 29 3.68 -10.14 -4.24
C THR A 29 4.64 -9.40 -5.16
N PRO A 30 5.92 -9.31 -4.76
CA PRO A 30 6.96 -8.63 -5.54
C PRO A 30 7.31 -9.39 -6.81
N PRO A 31 7.58 -8.65 -7.89
CA PRO A 31 7.94 -9.23 -9.18
C PRO A 31 9.33 -9.87 -9.17
N LEU A 32 9.74 -10.39 -10.31
CA LEU A 32 11.06 -11.03 -10.43
C LEU A 32 12.14 -10.01 -10.75
N GLY A 33 11.76 -8.94 -11.43
CA GLY A 33 12.71 -7.90 -11.78
C GLY A 33 13.21 -7.14 -10.58
N ARG A 34 14.38 -6.54 -10.70
CA ARG A 34 14.98 -5.77 -9.60
C ARG A 34 14.23 -4.46 -9.39
N VAL A 35 13.71 -4.27 -8.18
CA VAL A 35 12.97 -3.06 -7.85
C VAL A 35 13.75 -2.19 -6.87
N LEU A 36 13.97 -0.94 -7.25
CA LEU A 36 14.71 -0.01 -6.41
C LEU A 36 13.97 0.24 -5.09
N HIS A 37 12.76 0.78 -5.18
CA HIS A 37 11.95 1.07 -4.01
C HIS A 37 10.47 0.93 -4.32
N TYR A 38 9.63 0.97 -3.28
CA TYR A 38 8.19 0.86 -3.46
C TYR A 38 7.48 2.14 -3.02
N TRP A 39 7.07 2.94 -4.00
CA TRP A 39 6.38 4.20 -3.71
C TRP A 39 4.95 3.94 -3.25
N LEU A 40 4.74 4.00 -1.94
CA LEU A 40 3.41 3.78 -1.37
C LEU A 40 2.68 5.10 -1.17
N THR A 41 1.41 5.12 -1.57
CA THR A 41 0.59 6.33 -1.43
C THR A 41 -0.79 5.99 -0.86
N TYR A 42 -0.90 6.01 0.46
CA TYR A 42 -2.16 5.71 1.13
C TYR A 42 -2.97 6.98 1.38
N ALA A 43 -4.27 6.83 1.50
CA ALA A 43 -5.15 7.97 1.75
C ALA A 43 -6.58 7.52 2.02
N PRO A 44 -7.42 8.45 2.50
CA PRO A 44 -8.83 8.16 2.81
C PRO A 44 -9.66 7.91 1.55
N ALA A 45 -9.86 6.64 1.23
CA ALA A 45 -10.64 6.26 0.07
C ALA A 45 -11.80 7.22 -0.16
N SER A 46 -12.50 7.55 0.92
CA SER A 46 -13.64 8.46 0.85
C SER A 46 -13.34 9.63 -0.08
N GLY A 47 -12.18 10.25 0.13
CA GLY A 47 -11.79 11.39 -0.69
C GLY A 47 -12.18 12.71 -0.07
N LEU A 48 -11.74 12.94 1.16
CA LEU A 48 -12.04 14.18 1.86
C LEU A 48 -10.78 14.92 2.26
N GLY A 49 -9.78 14.16 2.72
CA GLY A 49 -8.53 14.76 3.13
C GLY A 49 -7.46 14.66 2.06
N PRO A 50 -6.26 15.19 2.35
CA PRO A 50 -5.13 15.17 1.41
C PRO A 50 -4.57 13.76 1.21
N GLU A 51 -3.63 13.64 0.29
CA GLU A 51 -3.01 12.35 -0.01
C GLU A 51 -1.64 12.23 0.65
N LYS A 52 -1.35 11.07 1.21
CA LYS A 52 -0.08 10.83 1.87
C LYS A 52 0.81 9.91 1.03
N SER A 53 1.98 9.59 1.56
CA SER A 53 2.92 8.72 0.86
C SER A 53 4.06 8.30 1.78
N VAL A 54 4.43 7.03 1.72
CA VAL A 54 5.52 6.50 2.54
C VAL A 54 6.46 5.62 1.72
N SER A 55 7.76 5.84 1.87
CA SER A 55 8.76 5.07 1.15
C SER A 55 8.96 3.70 1.79
N VAL A 56 9.38 2.74 0.98
CA VAL A 56 9.62 1.38 1.48
C VAL A 56 10.75 0.71 0.70
N PRO A 57 11.62 -0.02 1.42
CA PRO A 57 12.75 -0.73 0.82
C PRO A 57 12.31 -1.91 -0.02
N GLY A 58 12.45 -1.77 -1.33
CA GLY A 58 12.07 -2.85 -2.23
C GLY A 58 12.39 -4.22 -1.67
N ALA A 59 13.44 -4.30 -0.87
CA ALA A 59 13.85 -5.55 -0.27
C ALA A 59 12.66 -6.32 0.30
N ARG A 60 11.78 -5.59 0.98
CA ARG A 60 10.59 -6.19 1.58
C ARG A 60 9.36 -5.91 0.73
N SER A 61 8.38 -6.81 0.79
CA SER A 61 7.14 -6.66 0.03
C SER A 61 5.97 -6.36 0.95
N HIS A 62 6.24 -5.60 2.01
CA HIS A 62 5.20 -5.24 2.97
C HIS A 62 5.61 -4.00 3.77
N VAL A 63 4.63 -3.36 4.39
CA VAL A 63 4.87 -2.16 5.19
C VAL A 63 3.65 -1.78 6.01
N THR A 64 3.89 -1.23 7.19
CA THR A 64 2.80 -0.81 8.07
C THR A 64 2.66 0.71 8.08
N LEU A 65 1.42 1.18 7.97
CA LEU A 65 1.14 2.61 7.96
C LEU A 65 0.56 3.06 9.30
N PRO A 66 1.44 3.55 10.20
CA PRO A 66 1.04 4.02 11.52
C PRO A 66 0.22 5.31 11.46
N ASP A 67 -0.18 5.80 12.62
CA ASP A 67 -0.95 7.04 12.71
C ASP A 67 -2.22 6.92 11.86
N LEU A 68 -2.97 5.85 12.06
CA LEU A 68 -4.21 5.63 11.32
C LEU A 68 -5.42 5.80 12.22
N GLN A 69 -6.59 5.95 11.60
CA GLN A 69 -7.83 6.13 12.36
C GLN A 69 -8.55 4.80 12.54
N ALA A 70 -9.74 4.86 13.14
CA ALA A 70 -10.52 3.65 13.37
C ALA A 70 -11.75 3.60 12.46
N ALA A 71 -12.27 2.41 12.25
CA ALA A 71 -13.44 2.22 11.40
C ALA A 71 -13.36 3.10 10.16
N THR A 72 -12.23 3.02 9.45
CA THR A 72 -12.03 3.80 8.24
C THR A 72 -10.96 3.17 7.36
N LYS A 73 -11.36 2.74 6.16
CA LYS A 73 -10.43 2.12 5.22
C LYS A 73 -9.46 3.15 4.66
N TYR A 74 -8.53 2.69 3.84
CA TYR A 74 -7.53 3.57 3.24
C TYR A 74 -7.10 3.05 1.87
N ARG A 75 -7.21 3.89 0.86
CA ARG A 75 -6.83 3.53 -0.50
C ARG A 75 -5.32 3.46 -0.65
N VAL A 76 -4.75 2.27 -0.43
CA VAL A 76 -3.32 2.07 -0.53
C VAL A 76 -2.89 1.89 -2.00
N LEU A 77 -2.11 2.85 -2.49
CA LEU A 77 -1.63 2.80 -3.87
C LEU A 77 -0.12 2.56 -3.91
N VAL A 78 0.27 1.35 -4.30
CA VAL A 78 1.68 0.99 -4.39
C VAL A 78 2.17 1.04 -5.83
N SER A 79 3.47 1.24 -6.00
CA SER A 79 4.06 1.31 -7.34
C SER A 79 5.52 0.86 -7.31
N ALA A 80 5.86 -0.07 -8.19
CA ALA A 80 7.22 -0.59 -8.27
C ALA A 80 8.11 0.32 -9.11
N ILE A 81 9.19 0.79 -8.49
CA ILE A 81 10.12 1.68 -9.18
C ILE A 81 11.31 0.90 -9.73
N TYR A 82 11.60 1.09 -11.01
CA TYR A 82 12.70 0.41 -11.67
C TYR A 82 13.72 1.42 -12.21
N ALA A 83 14.86 0.91 -12.67
CA ALA A 83 15.92 1.75 -13.21
C ALA A 83 15.38 2.63 -14.35
N ALA A 84 14.60 2.02 -15.23
CA ALA A 84 14.03 2.74 -16.36
C ALA A 84 12.86 3.62 -15.92
N GLY A 85 11.93 3.03 -15.17
CA GLY A 85 10.78 3.76 -14.70
C GLY A 85 9.94 2.97 -13.72
N ARG A 86 8.88 3.58 -13.21
CA ARG A 86 8.00 2.92 -12.26
C ARG A 86 6.73 2.41 -12.95
N SER A 87 6.26 1.26 -12.51
CA SER A 87 5.05 0.66 -13.10
C SER A 87 3.80 1.36 -12.59
N GLU A 88 2.66 0.99 -13.16
CA GLU A 88 1.38 1.59 -12.76
C GLU A 88 1.19 1.52 -11.25
N ALA A 89 0.06 2.03 -10.77
CA ALA A 89 -0.24 2.03 -9.35
C ALA A 89 -1.45 1.15 -9.05
N VAL A 90 -1.34 0.34 -8.01
CA VAL A 90 -2.43 -0.55 -7.62
C VAL A 90 -3.09 -0.07 -6.33
N SER A 91 -4.37 0.27 -6.41
CA SER A 91 -5.13 0.75 -5.26
C SER A 91 -5.76 -0.42 -4.51
N ALA A 92 -5.98 -0.22 -3.21
CA ALA A 92 -6.58 -1.25 -2.37
C ALA A 92 -7.11 -0.66 -1.07
N THR A 93 -8.43 -0.72 -0.88
CA THR A 93 -9.07 -0.19 0.31
C THR A 93 -9.17 -1.26 1.39
N GLY A 94 -8.73 -0.92 2.60
CA GLY A 94 -8.80 -1.86 3.71
C GLY A 94 -9.29 -1.22 4.99
N GLN A 95 -10.51 -1.56 5.38
CA GLN A 95 -11.10 -1.01 6.60
C GLN A 95 -10.20 -1.27 7.81
N THR A 96 -9.98 -0.22 8.60
CA THR A 96 -9.13 -0.33 9.78
C THR A 96 -9.83 -1.12 10.88
N ALA A 97 -9.14 -1.28 12.00
CA ALA A 97 -9.69 -2.02 13.14
C ALA A 97 -10.55 -1.11 14.02
N CYS A 98 -11.46 -1.72 14.76
CA CYS A 98 -12.35 -0.97 15.65
C CYS A 98 -11.69 -0.73 17.00
N PRO A 99 -12.01 0.41 17.63
CA PRO A 99 -11.45 0.78 18.94
C PRO A 99 -11.99 -0.11 20.07
N SER A 100 -11.08 -0.62 20.88
CA SER A 100 -11.45 -1.49 21.99
C SER A 100 -10.36 -1.49 23.06
N GLY A 101 -10.73 -1.09 24.28
CA GLY A 101 -9.78 -1.06 25.36
C GLY A 101 -10.43 -0.80 26.71
N PRO A 102 -9.72 -1.13 27.80
CA PRO A 102 -10.23 -0.95 29.16
C PRO A 102 -10.32 0.52 29.55
N SER A 103 -11.50 0.93 30.01
CA SER A 103 -11.73 2.31 30.41
C SER A 103 -12.69 2.39 31.59
N SER A 104 -12.47 3.35 32.47
CA SER A 104 -13.32 3.52 33.64
C SER A 104 -14.34 4.64 33.41
N GLY A 105 -14.92 4.66 32.21
CA GLY A 105 -15.90 5.69 31.89
C GLY A 105 -17.05 5.13 31.08
N GLY A 1 16.96 4.38 -23.90
CA GLY A 1 16.10 5.33 -23.23
C GLY A 1 14.95 5.79 -24.11
N SER A 2 15.27 6.58 -25.12
CA SER A 2 14.25 7.10 -26.03
C SER A 2 13.54 5.96 -26.75
N SER A 3 14.31 5.11 -27.42
CA SER A 3 13.76 3.98 -28.15
C SER A 3 14.15 2.66 -27.49
N GLY A 4 13.17 2.02 -26.84
CA GLY A 4 13.43 0.76 -26.17
C GLY A 4 12.88 0.73 -24.75
N SER A 5 12.64 -0.47 -24.24
CA SER A 5 12.12 -0.63 -22.90
C SER A 5 12.57 -1.96 -22.29
N SER A 6 12.68 -2.00 -20.97
CA SER A 6 13.11 -3.20 -20.27
C SER A 6 11.90 -3.98 -19.75
N GLY A 7 11.01 -3.30 -19.05
CA GLY A 7 9.83 -3.93 -18.51
C GLY A 7 9.59 -3.60 -17.05
N ARG A 8 8.33 -3.46 -16.68
CA ARG A 8 7.97 -3.13 -15.30
C ARG A 8 6.66 -3.81 -14.90
N SER A 9 6.64 -4.36 -13.69
CA SER A 9 5.45 -5.05 -13.18
C SER A 9 5.04 -4.48 -11.83
N PRO A 10 3.79 -3.97 -11.76
CA PRO A 10 3.24 -3.39 -10.54
C PRO A 10 2.97 -4.44 -9.47
N PRO A 11 2.89 -4.00 -8.20
CA PRO A 11 2.63 -4.89 -7.07
C PRO A 11 1.20 -5.44 -7.07
N SER A 12 1.09 -6.75 -7.10
CA SER A 12 -0.22 -7.41 -7.10
C SER A 12 -0.43 -8.22 -5.82
N ASN A 13 -1.61 -8.82 -5.71
CA ASN A 13 -1.94 -9.63 -4.54
C ASN A 13 -1.94 -8.77 -3.28
N LEU A 14 -2.45 -7.55 -3.40
CA LEU A 14 -2.52 -6.63 -2.27
C LEU A 14 -3.49 -7.13 -1.22
N ALA A 15 -2.98 -7.35 0.00
CA ALA A 15 -3.82 -7.82 1.09
C ALA A 15 -3.71 -6.90 2.31
N LEU A 16 -4.70 -6.04 2.48
CA LEU A 16 -4.72 -5.11 3.59
C LEU A 16 -5.18 -5.80 4.87
N ALA A 17 -4.28 -5.88 5.84
CA ALA A 17 -4.60 -6.51 7.12
C ALA A 17 -4.57 -5.50 8.26
N SER A 18 -5.69 -5.37 8.95
CA SER A 18 -5.80 -4.43 10.07
C SER A 18 -5.55 -5.13 11.40
N GLU A 19 -4.50 -4.70 12.09
CA GLU A 19 -4.15 -5.29 13.38
C GLU A 19 -4.46 -4.32 14.53
N THR A 20 -4.32 -3.03 14.25
CA THR A 20 -4.59 -2.00 15.24
C THR A 20 -5.30 -0.80 14.63
N PRO A 21 -6.18 -0.16 15.43
CA PRO A 21 -6.95 1.00 14.98
C PRO A 21 -6.06 2.23 14.79
N ASP A 22 -4.76 2.06 15.01
CA ASP A 22 -3.82 3.17 14.86
C ASP A 22 -2.79 2.86 13.77
N SER A 23 -2.93 1.69 13.15
CA SER A 23 -2.01 1.27 12.10
C SER A 23 -2.63 0.16 11.26
N LEU A 24 -2.31 0.16 9.96
CA LEU A 24 -2.82 -0.85 9.05
C LEU A 24 -1.69 -1.55 8.31
N GLN A 25 -1.67 -2.87 8.36
CA GLN A 25 -0.63 -3.65 7.70
C GLN A 25 -1.03 -3.94 6.25
N VAL A 26 -0.04 -3.89 5.35
CA VAL A 26 -0.29 -4.15 3.93
C VAL A 26 0.83 -4.99 3.33
N SER A 27 0.45 -6.08 2.67
CA SER A 27 1.42 -6.98 2.05
C SER A 27 1.06 -7.23 0.60
N TRP A 28 2.07 -7.23 -0.27
CA TRP A 28 1.87 -7.46 -1.69
C TRP A 28 2.90 -8.44 -2.24
N THR A 29 2.72 -8.84 -3.49
CA THR A 29 3.64 -9.78 -4.13
C THR A 29 4.58 -9.06 -5.09
N PRO A 30 5.88 -9.03 -4.73
CA PRO A 30 6.91 -8.38 -5.55
C PRO A 30 7.18 -9.13 -6.84
N PRO A 31 7.37 -8.38 -7.93
CA PRO A 31 7.64 -8.94 -9.25
C PRO A 31 9.03 -9.58 -9.33
N LEU A 32 9.43 -9.96 -10.54
CA LEU A 32 10.74 -10.58 -10.76
C LEU A 32 11.80 -9.52 -11.03
N GLY A 33 11.50 -8.62 -11.97
CA GLY A 33 12.44 -7.58 -12.31
C GLY A 33 13.05 -6.92 -11.09
N ARG A 34 14.13 -6.18 -11.31
CA ARG A 34 14.82 -5.50 -10.21
C ARG A 34 14.14 -4.17 -9.89
N VAL A 35 13.57 -4.08 -8.69
CA VAL A 35 12.90 -2.86 -8.26
C VAL A 35 13.70 -2.12 -7.19
N LEU A 36 14.00 -0.86 -7.46
CA LEU A 36 14.76 -0.04 -6.52
C LEU A 36 14.02 0.12 -5.20
N HIS A 37 12.88 0.80 -5.24
CA HIS A 37 12.08 1.02 -4.05
C HIS A 37 10.59 0.91 -4.36
N TYR A 38 9.77 0.83 -3.32
CA TYR A 38 8.32 0.73 -3.50
C TYR A 38 7.63 1.98 -2.97
N TRP A 39 7.24 2.86 -3.89
CA TRP A 39 6.56 4.09 -3.53
C TRP A 39 5.12 3.82 -3.11
N LEU A 40 4.87 3.79 -1.80
CA LEU A 40 3.53 3.54 -1.28
C LEU A 40 2.81 4.84 -0.97
N THR A 41 1.55 4.92 -1.38
CA THR A 41 0.74 6.12 -1.15
C THR A 41 -0.65 5.76 -0.65
N TYR A 42 -0.87 5.97 0.64
CA TYR A 42 -2.17 5.66 1.26
C TYR A 42 -3.02 6.92 1.38
N ALA A 43 -4.32 6.76 1.17
CA ALA A 43 -5.25 7.87 1.26
C ALA A 43 -6.64 7.41 1.68
N PRO A 44 -7.40 8.30 2.33
CA PRO A 44 -8.76 8.00 2.80
C PRO A 44 -9.74 7.85 1.64
N ALA A 45 -9.90 6.61 1.17
CA ALA A 45 -10.82 6.34 0.06
C ALA A 45 -12.04 7.24 0.13
N SER A 46 -12.70 7.27 1.29
CA SER A 46 -13.89 8.09 1.49
C SER A 46 -13.76 9.41 0.72
N GLY A 47 -12.63 10.07 0.86
CA GLY A 47 -12.40 11.33 0.18
C GLY A 47 -12.63 12.53 1.09
N LEU A 48 -11.87 12.60 2.17
CA LEU A 48 -11.99 13.70 3.12
C LEU A 48 -10.63 14.28 3.47
N GLY A 49 -9.65 13.40 3.64
CA GLY A 49 -8.30 13.83 3.98
C GLY A 49 -7.37 13.80 2.77
N PRO A 50 -6.18 14.39 2.95
CA PRO A 50 -5.16 14.44 1.88
C PRO A 50 -4.56 13.07 1.59
N GLU A 51 -3.60 13.03 0.67
CA GLU A 51 -2.95 11.78 0.30
C GLU A 51 -1.52 11.74 0.83
N LYS A 52 -1.23 10.73 1.64
CA LYS A 52 0.10 10.57 2.21
C LYS A 52 0.93 9.57 1.42
N SER A 53 2.24 9.59 1.62
CA SER A 53 3.14 8.69 0.91
C SER A 53 4.28 8.25 1.82
N VAL A 54 4.57 6.95 1.82
CA VAL A 54 5.63 6.39 2.64
C VAL A 54 6.62 5.59 1.79
N SER A 55 7.91 5.83 2.00
CA SER A 55 8.95 5.14 1.26
C SER A 55 9.19 3.75 1.83
N VAL A 56 9.48 2.80 0.95
CA VAL A 56 9.73 1.41 1.35
C VAL A 56 10.90 0.82 0.58
N PRO A 57 11.78 0.11 1.31
CA PRO A 57 12.96 -0.54 0.70
C PRO A 57 12.58 -1.71 -0.18
N GLY A 58 12.95 -1.62 -1.46
CA GLY A 58 12.64 -2.68 -2.39
C GLY A 58 12.88 -4.06 -1.80
N ALA A 59 13.93 -4.19 -1.01
CA ALA A 59 14.27 -5.46 -0.38
C ALA A 59 13.02 -6.19 0.11
N ARG A 60 12.13 -5.44 0.75
CA ARG A 60 10.89 -6.01 1.25
C ARG A 60 9.69 -5.57 0.41
N SER A 61 8.60 -6.31 0.52
CA SER A 61 7.38 -6.00 -0.24
C SER A 61 6.19 -5.83 0.69
N HIS A 62 6.45 -5.34 1.90
CA HIS A 62 5.40 -5.13 2.88
C HIS A 62 5.76 -3.98 3.82
N VAL A 63 4.75 -3.27 4.29
CA VAL A 63 4.96 -2.15 5.20
C VAL A 63 3.67 -1.77 5.92
N THR A 64 3.80 -1.19 7.11
CA THR A 64 2.65 -0.79 7.90
C THR A 64 2.47 0.72 7.87
N LEU A 65 1.22 1.17 7.88
CA LEU A 65 0.91 2.60 7.86
C LEU A 65 0.36 3.06 9.20
N PRO A 66 1.24 3.57 10.07
CA PRO A 66 0.85 4.06 11.40
C PRO A 66 0.03 5.34 11.33
N ASP A 67 -0.39 5.83 12.49
CA ASP A 67 -1.19 7.05 12.56
C ASP A 67 -2.46 6.90 11.76
N LEU A 68 -3.23 5.85 12.05
CA LEU A 68 -4.49 5.60 11.35
C LEU A 68 -5.66 5.64 12.32
N GLN A 69 -6.87 5.66 11.76
CA GLN A 69 -8.09 5.70 12.58
C GLN A 69 -8.78 4.35 12.58
N ALA A 70 -9.92 4.28 13.27
CA ALA A 70 -10.69 3.04 13.35
C ALA A 70 -11.91 3.10 12.44
N ALA A 71 -12.44 1.92 12.10
CA ALA A 71 -13.61 1.84 11.24
C ALA A 71 -13.49 2.79 10.05
N THR A 72 -12.34 2.77 9.40
CA THR A 72 -12.11 3.62 8.24
C THR A 72 -11.05 3.02 7.32
N LYS A 73 -11.48 2.61 6.13
CA LYS A 73 -10.58 2.02 5.15
C LYS A 73 -9.61 3.07 4.61
N TYR A 74 -8.67 2.62 3.77
CA TYR A 74 -7.68 3.51 3.18
C TYR A 74 -7.20 2.98 1.83
N ARG A 75 -7.34 3.80 0.80
CA ARG A 75 -6.91 3.41 -0.54
C ARG A 75 -5.39 3.39 -0.65
N VAL A 76 -4.80 2.22 -0.49
CA VAL A 76 -3.35 2.07 -0.57
C VAL A 76 -2.90 1.89 -2.01
N LEU A 77 -2.12 2.83 -2.51
CA LEU A 77 -1.61 2.78 -3.87
C LEU A 77 -0.12 2.46 -3.90
N VAL A 78 0.23 1.27 -4.32
CA VAL A 78 1.62 0.85 -4.40
C VAL A 78 2.11 0.77 -5.84
N SER A 79 3.31 1.26 -6.09
CA SER A 79 3.88 1.24 -7.43
C SER A 79 5.36 0.87 -7.38
N ALA A 80 5.74 -0.11 -8.19
CA ALA A 80 7.12 -0.57 -8.24
C ALA A 80 7.98 0.39 -9.06
N ILE A 81 9.13 0.77 -8.51
CA ILE A 81 10.03 1.68 -9.18
C ILE A 81 11.18 0.92 -9.86
N TYR A 82 11.47 1.29 -11.09
CA TYR A 82 12.53 0.64 -11.85
C TYR A 82 13.52 1.67 -12.39
N ALA A 83 14.71 1.20 -12.77
CA ALA A 83 15.75 2.08 -13.29
C ALA A 83 15.18 3.02 -14.35
N ALA A 84 14.38 2.47 -15.25
CA ALA A 84 13.77 3.26 -16.32
C ALA A 84 12.62 4.11 -15.78
N GLY A 85 11.66 3.46 -15.13
CA GLY A 85 10.53 4.17 -14.58
C GLY A 85 9.64 3.28 -13.73
N ARG A 86 8.77 3.90 -12.94
CA ARG A 86 7.86 3.16 -12.07
C ARG A 86 6.62 2.70 -12.84
N SER A 87 6.12 1.52 -12.47
CA SER A 87 4.94 0.97 -13.13
C SER A 87 3.67 1.60 -12.58
N GLU A 88 2.53 1.25 -13.18
CA GLU A 88 1.25 1.79 -12.75
C GLU A 88 1.07 1.65 -11.24
N ALA A 89 -0.03 2.19 -10.73
CA ALA A 89 -0.31 2.12 -9.30
C ALA A 89 -1.60 1.33 -9.03
N VAL A 90 -1.50 0.36 -8.14
CA VAL A 90 -2.66 -0.47 -7.80
C VAL A 90 -3.30 0.00 -6.50
N SER A 91 -4.61 0.24 -6.54
CA SER A 91 -5.35 0.68 -5.37
C SER A 91 -5.84 -0.50 -4.55
N ALA A 92 -6.14 -0.24 -3.27
CA ALA A 92 -6.62 -1.28 -2.38
C ALA A 92 -7.24 -0.68 -1.12
N THR A 93 -8.53 -0.93 -0.93
CA THR A 93 -9.25 -0.41 0.24
C THR A 93 -9.30 -1.45 1.35
N GLY A 94 -8.82 -1.07 2.53
CA GLY A 94 -8.83 -1.99 3.66
C GLY A 94 -9.36 -1.34 4.92
N GLN A 95 -10.56 -1.72 5.32
CA GLN A 95 -11.19 -1.17 6.52
C GLN A 95 -10.31 -1.43 7.75
N THR A 96 -10.04 -0.37 8.51
CA THR A 96 -9.21 -0.48 9.70
C THR A 96 -9.93 -1.28 10.79
N ALA A 97 -9.25 -1.48 11.91
CA ALA A 97 -9.82 -2.22 13.03
C ALA A 97 -10.76 -1.34 13.86
N CYS A 98 -11.68 -1.97 14.57
CA CYS A 98 -12.63 -1.25 15.40
C CYS A 98 -12.33 -1.46 16.88
N PRO A 99 -12.70 -0.47 17.70
CA PRO A 99 -12.48 -0.52 19.15
C PRO A 99 -13.38 -1.55 19.84
N SER A 100 -14.25 -2.18 19.05
CA SER A 100 -15.17 -3.18 19.58
C SER A 100 -14.45 -4.51 19.82
N GLY A 101 -14.87 -5.23 20.86
CA GLY A 101 -14.25 -6.50 21.17
C GLY A 101 -13.80 -6.59 22.62
N PRO A 102 -13.11 -7.68 22.96
CA PRO A 102 -12.60 -7.90 24.32
C PRO A 102 -11.47 -6.95 24.67
N SER A 103 -11.64 -6.22 25.77
CA SER A 103 -10.63 -5.26 26.22
C SER A 103 -10.05 -5.70 27.57
N SER A 104 -8.73 -5.82 27.61
CA SER A 104 -8.03 -6.23 28.83
C SER A 104 -8.54 -7.59 29.31
N GLY A 105 -8.73 -8.51 28.37
CA GLY A 105 -9.21 -9.84 28.71
C GLY A 105 -8.64 -10.91 27.80
N GLY A 1 3.21 5.03 -24.99
CA GLY A 1 3.60 3.83 -24.25
C GLY A 1 3.94 2.68 -25.18
N SER A 2 4.96 1.90 -24.80
CA SER A 2 5.38 0.75 -25.60
C SER A 2 4.45 -0.43 -25.39
N SER A 3 4.19 -1.17 -26.46
CA SER A 3 3.31 -2.33 -26.39
C SER A 3 4.09 -3.62 -26.66
N GLY A 4 3.63 -4.72 -26.07
CA GLY A 4 4.29 -6.00 -26.26
C GLY A 4 5.33 -6.27 -25.19
N SER A 5 6.60 -6.20 -25.57
CA SER A 5 7.70 -6.45 -24.64
C SER A 5 7.37 -5.88 -23.26
N SER A 6 7.41 -6.74 -22.25
CA SER A 6 7.12 -6.33 -20.89
C SER A 6 8.40 -5.89 -20.17
N GLY A 7 8.26 -4.89 -19.30
CA GLY A 7 9.41 -4.38 -18.57
C GLY A 7 9.11 -4.17 -17.09
N ARG A 8 8.28 -3.17 -16.80
CA ARG A 8 7.91 -2.86 -15.42
C ARG A 8 6.64 -3.60 -15.02
N SER A 9 6.62 -4.12 -13.80
CA SER A 9 5.47 -4.85 -13.30
C SER A 9 5.04 -4.31 -11.92
N PRO A 10 3.80 -3.83 -11.84
CA PRO A 10 3.25 -3.29 -10.60
C PRO A 10 2.99 -4.37 -9.56
N PRO A 11 2.93 -3.96 -8.28
CA PRO A 11 2.69 -4.87 -7.17
C PRO A 11 1.27 -5.43 -7.16
N SER A 12 1.16 -6.76 -7.18
CA SER A 12 -0.14 -7.41 -7.17
C SER A 12 -0.36 -8.20 -5.89
N ASN A 13 -1.54 -8.80 -5.76
CA ASN A 13 -1.86 -9.59 -4.58
C ASN A 13 -1.88 -8.72 -3.33
N LEU A 14 -2.38 -7.50 -3.49
CA LEU A 14 -2.46 -6.56 -2.37
C LEU A 14 -3.37 -7.11 -1.26
N ALA A 15 -2.84 -7.16 -0.04
CA ALA A 15 -3.60 -7.65 1.09
C ALA A 15 -3.52 -6.69 2.27
N LEU A 16 -4.63 -6.01 2.56
CA LEU A 16 -4.68 -5.05 3.65
C LEU A 16 -5.20 -5.72 4.92
N ALA A 17 -4.35 -5.79 5.94
CA ALA A 17 -4.73 -6.40 7.22
C ALA A 17 -4.74 -5.36 8.34
N SER A 18 -5.86 -5.30 9.06
CA SER A 18 -6.00 -4.35 10.16
C SER A 18 -5.81 -5.04 11.50
N GLU A 19 -4.80 -4.61 12.24
CA GLU A 19 -4.50 -5.19 13.55
C GLU A 19 -4.72 -4.16 14.66
N THR A 20 -4.70 -2.88 14.29
CA THR A 20 -4.89 -1.80 15.25
C THR A 20 -5.41 -0.54 14.56
N PRO A 21 -6.25 0.21 15.27
CA PRO A 21 -6.84 1.45 14.75
C PRO A 21 -5.80 2.57 14.62
N ASP A 22 -4.55 2.23 14.86
CA ASP A 22 -3.46 3.21 14.77
C ASP A 22 -2.56 2.90 13.58
N SER A 23 -2.67 1.69 13.04
CA SER A 23 -1.87 1.28 11.91
C SER A 23 -2.58 0.18 11.11
N LEU A 24 -2.19 0.05 9.85
CA LEU A 24 -2.79 -0.96 8.98
C LEU A 24 -1.72 -1.71 8.20
N GLN A 25 -1.66 -3.03 8.39
CA GLN A 25 -0.68 -3.86 7.70
C GLN A 25 -1.03 -4.01 6.22
N VAL A 26 -0.02 -4.00 5.38
CA VAL A 26 -0.22 -4.13 3.93
C VAL A 26 0.96 -4.83 3.28
N SER A 27 0.67 -5.87 2.50
CA SER A 27 1.71 -6.63 1.82
C SER A 27 1.33 -6.86 0.35
N TRP A 28 2.28 -7.41 -0.41
CA TRP A 28 2.05 -7.68 -1.83
C TRP A 28 3.11 -8.63 -2.37
N THR A 29 2.98 -8.98 -3.65
CA THR A 29 3.93 -9.89 -4.29
C THR A 29 4.88 -9.12 -5.21
N PRO A 30 6.18 -9.14 -4.85
CA PRO A 30 7.21 -8.46 -5.63
C PRO A 30 7.46 -9.13 -6.98
N PRO A 31 7.68 -8.30 -8.02
CA PRO A 31 7.94 -8.80 -9.37
C PRO A 31 9.31 -9.47 -9.50
N LEU A 32 9.76 -9.66 -10.74
CA LEU A 32 11.05 -10.28 -10.99
C LEU A 32 12.09 -9.25 -11.40
N GLY A 33 11.63 -8.16 -12.00
CA GLY A 33 12.54 -7.11 -12.42
C GLY A 33 13.12 -6.34 -11.26
N ARG A 34 14.37 -5.92 -11.40
CA ARG A 34 15.04 -5.17 -10.34
C ARG A 34 14.26 -3.92 -9.98
N VAL A 35 13.76 -3.87 -8.73
CA VAL A 35 13.00 -2.73 -8.26
C VAL A 35 13.78 -1.93 -7.23
N LEU A 36 14.01 -0.66 -7.53
CA LEU A 36 14.75 0.22 -6.63
C LEU A 36 14.01 0.39 -5.30
N HIS A 37 12.81 0.94 -5.37
CA HIS A 37 12.00 1.16 -4.19
C HIS A 37 10.51 1.01 -4.51
N TYR A 38 9.69 0.97 -3.46
CA TYR A 38 8.24 0.82 -3.63
C TYR A 38 7.51 2.06 -3.14
N TRP A 39 7.13 2.92 -4.08
CA TRP A 39 6.41 4.15 -3.74
C TRP A 39 5.01 3.84 -3.24
N LEU A 40 4.83 3.89 -1.93
CA LEU A 40 3.53 3.61 -1.32
C LEU A 40 2.80 4.91 -0.99
N THR A 41 1.51 4.95 -1.30
CA THR A 41 0.69 6.12 -1.04
C THR A 41 -0.69 5.74 -0.50
N TYR A 42 -0.89 5.94 0.79
CA TYR A 42 -2.16 5.61 1.43
C TYR A 42 -3.03 6.85 1.58
N ALA A 43 -4.35 6.65 1.57
CA ALA A 43 -5.29 7.75 1.71
C ALA A 43 -6.58 7.28 2.38
N PRO A 44 -7.43 8.25 2.76
CA PRO A 44 -8.71 7.97 3.42
C PRO A 44 -9.72 7.32 2.47
N ALA A 45 -9.28 7.05 1.24
CA ALA A 45 -10.15 6.44 0.25
C ALA A 45 -11.37 7.30 -0.04
N SER A 46 -11.18 8.62 0.02
CA SER A 46 -12.27 9.56 -0.22
C SER A 46 -11.74 10.89 -0.72
N GLY A 47 -12.47 11.49 -1.67
CA GLY A 47 -12.05 12.76 -2.22
C GLY A 47 -12.39 13.93 -1.31
N LEU A 48 -11.98 13.84 -0.06
CA LEU A 48 -12.24 14.89 0.92
C LEU A 48 -10.94 15.48 1.45
N GLY A 49 -9.98 14.61 1.73
CA GLY A 49 -8.70 15.05 2.24
C GLY A 49 -7.54 14.62 1.37
N PRO A 50 -6.33 15.08 1.71
CA PRO A 50 -5.11 14.75 0.96
C PRO A 50 -4.70 13.29 1.14
N GLU A 51 -3.70 12.86 0.39
CA GLU A 51 -3.21 11.49 0.47
C GLU A 51 -1.77 11.46 0.93
N LYS A 52 -1.50 10.68 1.98
CA LYS A 52 -0.16 10.55 2.53
C LYS A 52 0.68 9.60 1.69
N SER A 53 1.99 9.61 1.93
CA SER A 53 2.91 8.75 1.19
C SER A 53 4.05 8.29 2.08
N VAL A 54 4.55 7.08 1.82
CA VAL A 54 5.65 6.52 2.60
C VAL A 54 6.59 5.71 1.72
N SER A 55 7.87 5.72 2.06
CA SER A 55 8.87 4.98 1.30
C SER A 55 9.09 3.60 1.89
N VAL A 56 9.42 2.64 1.03
CA VAL A 56 9.65 1.27 1.46
C VAL A 56 10.83 0.65 0.72
N PRO A 57 11.67 -0.09 1.46
CA PRO A 57 12.85 -0.76 0.89
C PRO A 57 12.48 -1.90 -0.04
N GLY A 58 12.68 -1.71 -1.33
CA GLY A 58 12.37 -2.73 -2.30
C GLY A 58 12.67 -4.13 -1.79
N ALA A 59 13.69 -4.23 -0.92
CA ALA A 59 14.08 -5.51 -0.36
C ALA A 59 12.86 -6.30 0.12
N ARG A 60 11.98 -5.63 0.86
CA ARG A 60 10.78 -6.27 1.38
C ARG A 60 9.57 -5.93 0.52
N SER A 61 8.48 -6.66 0.71
CA SER A 61 7.25 -6.43 -0.05
C SER A 61 6.06 -6.21 0.89
N HIS A 62 6.36 -5.74 2.10
CA HIS A 62 5.32 -5.48 3.09
C HIS A 62 5.72 -4.34 4.02
N VAL A 63 4.72 -3.61 4.51
CA VAL A 63 4.97 -2.49 5.40
C VAL A 63 3.72 -2.15 6.22
N THR A 64 3.88 -1.22 7.16
CA THR A 64 2.77 -0.82 8.02
C THR A 64 2.62 0.71 8.03
N LEU A 65 1.38 1.18 7.93
CA LEU A 65 1.10 2.60 7.93
C LEU A 65 0.52 3.04 9.27
N PRO A 66 1.40 3.53 10.16
CA PRO A 66 1.00 4.00 11.50
C PRO A 66 0.19 5.29 11.44
N ASP A 67 -0.26 5.74 12.60
CA ASP A 67 -1.05 6.97 12.68
C ASP A 67 -2.34 6.84 11.90
N LEU A 68 -3.12 5.80 12.21
CA LEU A 68 -4.38 5.56 11.53
C LEU A 68 -5.56 5.73 12.49
N GLN A 69 -6.77 5.60 11.96
CA GLN A 69 -7.97 5.74 12.77
C GLN A 69 -8.69 4.40 12.90
N ALA A 70 -9.86 4.42 13.54
CA ALA A 70 -10.65 3.22 13.73
C ALA A 70 -11.98 3.29 12.97
N ALA A 71 -12.30 2.23 12.25
CA ALA A 71 -13.54 2.18 11.48
C ALA A 71 -13.46 3.09 10.26
N THR A 72 -12.35 3.02 9.55
CA THR A 72 -12.14 3.84 8.36
C THR A 72 -11.08 3.24 7.45
N LYS A 73 -11.51 2.66 6.34
CA LYS A 73 -10.60 2.04 5.38
C LYS A 73 -9.57 3.06 4.88
N TYR A 74 -8.66 2.60 4.03
CA TYR A 74 -7.62 3.47 3.48
C TYR A 74 -7.14 2.95 2.13
N ARG A 75 -7.29 3.76 1.10
CA ARG A 75 -6.86 3.39 -0.24
C ARG A 75 -5.34 3.34 -0.33
N VAL A 76 -4.78 2.14 -0.25
CA VAL A 76 -3.33 1.96 -0.32
C VAL A 76 -2.88 1.80 -1.77
N LEU A 77 -2.12 2.77 -2.25
CA LEU A 77 -1.61 2.74 -3.63
C LEU A 77 -0.12 2.38 -3.65
N VAL A 78 0.19 1.24 -4.27
CA VAL A 78 1.57 0.79 -4.36
C VAL A 78 2.03 0.74 -5.81
N SER A 79 3.23 1.26 -6.06
CA SER A 79 3.79 1.27 -7.42
C SER A 79 5.26 0.89 -7.39
N ALA A 80 5.60 -0.13 -8.17
CA ALA A 80 6.99 -0.60 -8.25
C ALA A 80 7.84 0.33 -9.10
N ILE A 81 8.95 0.78 -8.54
CA ILE A 81 9.86 1.68 -9.25
C ILE A 81 10.95 0.90 -9.97
N TYR A 82 11.42 1.46 -11.09
CA TYR A 82 12.47 0.82 -11.88
C TYR A 82 13.43 1.86 -12.46
N ALA A 83 14.60 1.40 -12.85
CA ALA A 83 15.61 2.29 -13.43
C ALA A 83 15.00 3.21 -14.47
N ALA A 84 14.23 2.64 -15.39
CA ALA A 84 13.59 3.40 -16.44
C ALA A 84 12.44 4.24 -15.89
N GLY A 85 11.50 3.57 -15.22
CA GLY A 85 10.36 4.27 -14.64
C GLY A 85 9.51 3.37 -13.78
N ARG A 86 8.62 3.97 -12.99
CA ARG A 86 7.75 3.22 -12.10
C ARG A 86 6.49 2.76 -12.83
N SER A 87 6.00 1.58 -12.48
CA SER A 87 4.81 1.02 -13.10
C SER A 87 3.56 1.70 -12.57
N GLU A 88 2.41 1.33 -13.14
CA GLU A 88 1.13 1.91 -12.71
C GLU A 88 0.95 1.79 -11.20
N ALA A 89 -0.14 2.34 -10.69
CA ALA A 89 -0.42 2.29 -9.27
C ALA A 89 -1.67 1.44 -8.99
N VAL A 90 -1.55 0.52 -8.03
CA VAL A 90 -2.66 -0.34 -7.66
C VAL A 90 -3.30 0.11 -6.35
N SER A 91 -4.59 0.42 -6.41
CA SER A 91 -5.33 0.86 -5.23
C SER A 91 -5.92 -0.32 -4.48
N ALA A 92 -6.14 -0.15 -3.18
CA ALA A 92 -6.70 -1.20 -2.34
C ALA A 92 -7.27 -0.63 -1.06
N THR A 93 -8.58 -0.78 -0.88
CA THR A 93 -9.25 -0.28 0.31
C THR A 93 -9.31 -1.34 1.40
N GLY A 94 -8.82 -1.00 2.59
CA GLY A 94 -8.81 -1.93 3.70
C GLY A 94 -9.37 -1.32 4.97
N GLN A 95 -10.59 -1.74 5.33
CA GLN A 95 -11.24 -1.23 6.53
C GLN A 95 -10.36 -1.45 7.76
N THR A 96 -10.09 -0.37 8.50
CA THR A 96 -9.26 -0.43 9.69
C THR A 96 -10.00 -1.14 10.82
N ALA A 97 -9.33 -1.26 11.98
CA ALA A 97 -9.92 -1.91 13.13
C ALA A 97 -10.85 -0.96 13.88
N CYS A 98 -12.01 -1.48 14.28
CA CYS A 98 -12.99 -0.67 15.00
C CYS A 98 -12.47 -0.29 16.39
N PRO A 99 -12.93 0.88 16.88
CA PRO A 99 -12.52 1.38 18.20
C PRO A 99 -13.09 0.56 19.34
N SER A 100 -13.96 -0.38 19.01
CA SER A 100 -14.58 -1.25 20.01
C SER A 100 -14.37 -2.72 19.66
N GLY A 101 -13.13 -3.15 19.64
CA GLY A 101 -12.81 -4.52 19.33
C GLY A 101 -13.65 -5.50 20.12
N PRO A 102 -14.06 -6.61 19.48
CA PRO A 102 -14.87 -7.65 20.12
C PRO A 102 -14.09 -8.42 21.17
N SER A 103 -14.31 -8.08 22.44
CA SER A 103 -13.62 -8.75 23.54
C SER A 103 -14.58 -9.03 24.69
N SER A 104 -14.37 -10.15 25.37
CA SER A 104 -15.24 -10.54 26.49
C SER A 104 -14.42 -10.63 27.77
N GLY A 105 -15.12 -10.62 28.91
CA GLY A 105 -14.45 -10.70 30.20
C GLY A 105 -15.42 -10.74 31.35
N GLY A 1 0.28 4.76 -19.84
CA GLY A 1 1.01 4.39 -21.03
C GLY A 1 1.70 3.05 -20.90
N SER A 2 0.95 1.97 -21.08
CA SER A 2 1.50 0.63 -20.97
C SER A 2 1.69 0.00 -22.35
N SER A 3 2.19 0.80 -23.29
CA SER A 3 2.41 0.33 -24.65
C SER A 3 3.76 0.79 -25.18
N GLY A 4 4.67 -0.15 -25.42
CA GLY A 4 5.99 0.19 -25.92
C GLY A 4 7.08 -0.66 -25.31
N SER A 5 7.72 -0.13 -24.26
CA SER A 5 8.79 -0.86 -23.59
C SER A 5 8.24 -1.70 -22.43
N SER A 6 7.12 -2.37 -22.69
CA SER A 6 6.50 -3.21 -21.67
C SER A 6 7.55 -3.98 -20.87
N GLY A 7 7.28 -4.19 -19.59
CA GLY A 7 8.21 -4.91 -18.74
C GLY A 7 7.89 -4.74 -17.27
N ARG A 8 8.00 -3.50 -16.78
CA ARG A 8 7.73 -3.22 -15.38
C ARG A 8 6.44 -3.91 -14.92
N SER A 9 6.53 -4.60 -13.79
CA SER A 9 5.39 -5.32 -13.24
C SER A 9 5.00 -4.76 -11.87
N PRO A 10 3.80 -4.18 -11.79
CA PRO A 10 3.28 -3.61 -10.54
C PRO A 10 2.96 -4.67 -9.50
N PRO A 11 2.92 -4.25 -8.22
CA PRO A 11 2.61 -5.15 -7.10
C PRO A 11 1.17 -5.62 -7.11
N SER A 12 0.96 -6.94 -7.09
CA SER A 12 -0.37 -7.50 -7.09
C SER A 12 -0.62 -8.33 -5.84
N ASN A 13 -1.82 -8.87 -5.71
CA ASN A 13 -2.18 -9.67 -4.55
C ASN A 13 -2.13 -8.85 -3.27
N LEU A 14 -2.55 -7.59 -3.36
CA LEU A 14 -2.55 -6.69 -2.22
C LEU A 14 -3.48 -7.20 -1.12
N ALA A 15 -2.92 -7.44 0.06
CA ALA A 15 -3.72 -7.92 1.19
C ALA A 15 -3.64 -6.95 2.37
N LEU A 16 -4.70 -6.17 2.56
CA LEU A 16 -4.75 -5.21 3.65
C LEU A 16 -5.26 -5.87 4.94
N ALA A 17 -4.38 -5.95 5.94
CA ALA A 17 -4.74 -6.55 7.22
C ALA A 17 -4.73 -5.50 8.33
N SER A 18 -5.83 -5.45 9.08
CA SER A 18 -5.95 -4.49 10.18
C SER A 18 -5.74 -5.18 11.52
N GLU A 19 -4.67 -4.79 12.21
CA GLU A 19 -4.35 -5.37 13.51
C GLU A 19 -4.61 -4.36 14.63
N THR A 20 -4.43 -3.08 14.32
CA THR A 20 -4.64 -2.02 15.29
C THR A 20 -5.30 -0.81 14.65
N PRO A 21 -6.17 -0.13 15.42
CA PRO A 21 -6.89 1.06 14.95
C PRO A 21 -5.96 2.25 14.78
N ASP A 22 -4.66 2.04 15.01
CA ASP A 22 -3.68 3.11 14.87
C ASP A 22 -2.70 2.80 13.74
N SER A 23 -2.85 1.62 13.14
CA SER A 23 -1.98 1.22 12.04
C SER A 23 -2.65 0.14 11.19
N LEU A 24 -2.26 0.06 9.93
CA LEU A 24 -2.82 -0.92 9.00
C LEU A 24 -1.71 -1.62 8.21
N GLN A 25 -1.66 -2.94 8.35
CA GLN A 25 -0.64 -3.74 7.66
C GLN A 25 -1.08 -4.02 6.22
N VAL A 26 -0.12 -3.94 5.29
CA VAL A 26 -0.39 -4.18 3.89
C VAL A 26 0.77 -4.90 3.22
N SER A 27 0.47 -6.02 2.56
CA SER A 27 1.50 -6.80 1.89
C SER A 27 1.14 -6.98 0.41
N TRP A 28 2.10 -7.51 -0.36
CA TRP A 28 1.89 -7.73 -1.78
C TRP A 28 2.95 -8.68 -2.34
N THR A 29 2.77 -9.10 -3.59
CA THR A 29 3.70 -10.01 -4.24
C THR A 29 4.70 -9.25 -5.09
N PRO A 30 5.94 -9.14 -4.61
CA PRO A 30 7.02 -8.44 -5.32
C PRO A 30 7.47 -9.18 -6.57
N PRO A 31 7.64 -8.43 -7.67
CA PRO A 31 8.08 -9.00 -8.94
C PRO A 31 9.52 -9.47 -8.91
N LEU A 32 10.00 -10.00 -10.03
CA LEU A 32 11.37 -10.48 -10.13
C LEU A 32 12.33 -9.35 -10.49
N GLY A 33 11.95 -8.54 -11.47
CA GLY A 33 12.78 -7.43 -11.88
C GLY A 33 13.34 -6.65 -10.70
N ARG A 34 14.45 -5.96 -10.91
CA ARG A 34 15.08 -5.17 -9.86
C ARG A 34 14.28 -3.91 -9.57
N VAL A 35 13.66 -3.87 -8.38
CA VAL A 35 12.86 -2.72 -7.99
C VAL A 35 13.58 -1.89 -6.93
N LEU A 36 14.11 -0.75 -7.34
CA LEU A 36 14.82 0.14 -6.42
C LEU A 36 14.02 0.37 -5.15
N HIS A 37 12.89 1.04 -5.27
CA HIS A 37 12.02 1.33 -4.13
C HIS A 37 10.55 1.19 -4.51
N TYR A 38 9.70 1.05 -3.51
CA TYR A 38 8.27 0.90 -3.74
C TYR A 38 7.51 2.13 -3.27
N TRP A 39 7.24 3.04 -4.21
CA TRP A 39 6.53 4.27 -3.90
C TRP A 39 5.12 3.97 -3.37
N LEU A 40 4.97 4.01 -2.06
CA LEU A 40 3.68 3.74 -1.43
C LEU A 40 2.92 5.04 -1.18
N THR A 41 1.59 4.97 -1.30
CA THR A 41 0.74 6.13 -1.08
C THR A 41 -0.64 5.72 -0.59
N TYR A 42 -0.90 5.93 0.69
CA TYR A 42 -2.18 5.58 1.29
C TYR A 42 -3.11 6.78 1.32
N ALA A 43 -4.42 6.52 1.37
CA ALA A 43 -5.41 7.59 1.42
C ALA A 43 -6.71 7.09 2.03
N PRO A 44 -7.60 8.05 2.38
CA PRO A 44 -8.90 7.73 2.98
C PRO A 44 -9.85 7.06 2.00
N ALA A 45 -9.36 6.79 0.79
CA ALA A 45 -10.16 6.15 -0.23
C ALA A 45 -11.29 7.05 -0.69
N SER A 46 -10.99 8.34 -0.85
CA SER A 46 -11.98 9.31 -1.29
C SER A 46 -11.31 10.65 -1.63
N GLY A 47 -11.80 11.28 -2.71
CA GLY A 47 -11.24 12.54 -3.12
C GLY A 47 -11.79 13.72 -2.32
N LEU A 48 -11.52 13.71 -1.02
CA LEU A 48 -12.00 14.77 -0.14
C LEU A 48 -10.85 15.39 0.64
N GLY A 49 -9.98 14.53 1.19
CA GLY A 49 -8.84 15.02 1.94
C GLY A 49 -7.54 14.83 1.20
N PRO A 50 -6.43 15.26 1.84
CA PRO A 50 -5.10 15.16 1.24
C PRO A 50 -4.61 13.71 1.15
N GLU A 51 -3.51 13.50 0.43
CA GLU A 51 -2.95 12.16 0.28
C GLU A 51 -1.52 12.10 0.82
N LYS A 52 -1.20 11.01 1.49
CA LYS A 52 0.12 10.81 2.06
C LYS A 52 0.98 9.92 1.18
N SER A 53 2.22 9.71 1.57
CA SER A 53 3.14 8.86 0.82
C SER A 53 4.34 8.45 1.67
N VAL A 54 4.61 7.16 1.72
CA VAL A 54 5.72 6.63 2.50
C VAL A 54 6.63 5.74 1.65
N SER A 55 7.93 5.87 1.85
CA SER A 55 8.91 5.08 1.10
C SER A 55 9.11 3.72 1.75
N VAL A 56 9.33 2.70 0.92
CA VAL A 56 9.55 1.35 1.42
C VAL A 56 10.75 0.70 0.74
N PRO A 57 11.60 0.03 1.55
CA PRO A 57 12.80 -0.64 1.05
C PRO A 57 12.48 -1.87 0.21
N GLY A 58 12.73 -1.77 -1.09
CA GLY A 58 12.45 -2.88 -1.98
C GLY A 58 12.69 -4.23 -1.32
N ALA A 59 13.68 -4.28 -0.44
CA ALA A 59 14.01 -5.52 0.26
C ALA A 59 12.74 -6.25 0.72
N ARG A 60 11.84 -5.50 1.36
CA ARG A 60 10.59 -6.09 1.84
C ARG A 60 9.43 -5.70 0.92
N SER A 61 8.41 -6.55 0.89
CA SER A 61 7.24 -6.31 0.06
C SER A 61 6.01 -6.00 0.91
N HIS A 62 6.24 -5.34 2.05
CA HIS A 62 5.16 -4.98 2.95
C HIS A 62 5.61 -3.89 3.93
N VAL A 63 4.64 -3.11 4.41
CA VAL A 63 4.93 -2.02 5.34
C VAL A 63 3.69 -1.63 6.12
N THR A 64 3.90 -1.13 7.34
CA THR A 64 2.78 -0.71 8.19
C THR A 64 2.63 0.81 8.16
N LEU A 65 1.37 1.26 8.09
CA LEU A 65 1.08 2.68 8.07
C LEU A 65 0.48 3.15 9.39
N PRO A 66 1.33 3.68 10.27
CA PRO A 66 0.91 4.17 11.58
C PRO A 66 0.07 5.44 11.49
N ASP A 67 -0.36 5.95 12.64
CA ASP A 67 -1.18 7.16 12.68
C ASP A 67 -2.45 6.99 11.86
N LEU A 68 -3.18 5.91 12.13
CA LEU A 68 -4.41 5.63 11.41
C LEU A 68 -5.62 5.75 12.34
N GLN A 69 -6.80 5.85 11.75
CA GLN A 69 -8.03 5.97 12.52
C GLN A 69 -8.74 4.63 12.65
N ALA A 70 -9.88 4.61 13.32
CA ALA A 70 -10.65 3.38 13.51
C ALA A 70 -11.93 3.41 12.68
N ALA A 71 -12.31 2.26 12.15
CA ALA A 71 -13.52 2.15 11.35
C ALA A 71 -13.44 3.04 10.11
N THR A 72 -12.27 3.03 9.46
CA THR A 72 -12.06 3.84 8.27
C THR A 72 -11.01 3.21 7.36
N LYS A 73 -11.47 2.61 6.27
CA LYS A 73 -10.57 1.97 5.32
C LYS A 73 -9.53 2.95 4.80
N TYR A 74 -8.58 2.45 4.02
CA TYR A 74 -7.52 3.28 3.47
C TYR A 74 -7.01 2.72 2.15
N ARG A 75 -7.23 3.44 1.06
CA ARG A 75 -6.80 3.01 -0.26
C ARG A 75 -5.28 3.08 -0.37
N VAL A 76 -4.63 1.92 -0.32
CA VAL A 76 -3.18 1.84 -0.42
C VAL A 76 -2.73 1.75 -1.87
N LEU A 77 -1.98 2.75 -2.33
CA LEU A 77 -1.49 2.78 -3.70
C LEU A 77 0.00 2.47 -3.75
N VAL A 78 0.35 1.34 -4.35
CA VAL A 78 1.75 0.94 -4.47
C VAL A 78 2.20 0.94 -5.93
N SER A 79 3.49 1.16 -6.14
CA SER A 79 4.05 1.19 -7.49
C SER A 79 5.53 0.86 -7.47
N ALA A 80 5.92 -0.14 -8.23
CA ALA A 80 7.32 -0.56 -8.31
C ALA A 80 8.15 0.42 -9.14
N ILE A 81 9.25 0.89 -8.57
CA ILE A 81 10.13 1.82 -9.27
C ILE A 81 11.32 1.11 -9.90
N TYR A 82 11.50 1.30 -11.20
CA TYR A 82 12.60 0.68 -11.92
C TYR A 82 13.53 1.73 -12.52
N ALA A 83 14.71 1.29 -12.94
CA ALA A 83 15.69 2.20 -13.54
C ALA A 83 15.05 3.05 -14.62
N ALA A 84 14.30 2.42 -15.52
CA ALA A 84 13.64 3.12 -16.59
C ALA A 84 12.48 3.97 -16.06
N GLY A 85 11.60 3.35 -15.29
CA GLY A 85 10.46 4.07 -14.73
C GLY A 85 9.63 3.19 -13.81
N ARG A 86 8.71 3.82 -13.09
CA ARG A 86 7.84 3.10 -12.17
C ARG A 86 6.58 2.60 -12.86
N SER A 87 6.12 1.42 -12.48
CA SER A 87 4.93 0.83 -13.07
C SER A 87 3.67 1.51 -12.57
N GLU A 88 2.53 1.15 -13.13
CA GLU A 88 1.25 1.73 -12.74
C GLU A 88 1.05 1.63 -11.22
N ALA A 89 0.01 2.30 -10.73
CA ALA A 89 -0.28 2.29 -9.30
C ALA A 89 -1.54 1.47 -9.01
N VAL A 90 -1.40 0.47 -8.14
CA VAL A 90 -2.51 -0.39 -7.77
C VAL A 90 -3.16 0.06 -6.47
N SER A 91 -4.47 0.26 -6.49
CA SER A 91 -5.20 0.70 -5.31
C SER A 91 -5.77 -0.49 -4.54
N ALA A 92 -6.03 -0.29 -3.27
CA ALA A 92 -6.57 -1.36 -2.42
C ALA A 92 -7.12 -0.80 -1.11
N THR A 93 -8.43 -0.89 -0.93
CA THR A 93 -9.07 -0.40 0.28
C THR A 93 -9.14 -1.48 1.35
N GLY A 94 -8.84 -1.10 2.59
CA GLY A 94 -8.88 -2.05 3.69
C GLY A 94 -9.42 -1.43 4.96
N GLN A 95 -10.64 -1.81 5.33
CA GLN A 95 -11.26 -1.29 6.54
C GLN A 95 -10.41 -1.58 7.77
N THR A 96 -10.23 -0.57 8.61
CA THR A 96 -9.42 -0.73 9.82
C THR A 96 -10.20 -1.47 10.90
N ALA A 97 -9.59 -1.62 12.06
CA ALA A 97 -10.23 -2.32 13.18
C ALA A 97 -11.18 -1.40 13.93
N CYS A 98 -12.29 -1.96 14.38
CA CYS A 98 -13.29 -1.19 15.11
C CYS A 98 -12.99 -1.17 16.61
N PRO A 99 -13.35 -0.07 17.27
CA PRO A 99 -13.13 0.09 18.71
C PRO A 99 -14.01 -0.82 19.55
N SER A 100 -15.27 -0.94 19.15
CA SER A 100 -16.22 -1.79 19.87
C SER A 100 -17.22 -2.42 18.90
N GLY A 101 -17.63 -3.64 19.21
CA GLY A 101 -18.58 -4.35 18.37
C GLY A 101 -19.45 -5.32 19.14
N PRO A 102 -19.98 -6.33 18.44
CA PRO A 102 -20.85 -7.34 19.05
C PRO A 102 -20.07 -8.27 19.99
N SER A 103 -18.75 -8.27 19.86
CA SER A 103 -17.90 -9.11 20.68
C SER A 103 -17.70 -8.49 22.06
N SER A 104 -18.11 -7.25 22.21
CA SER A 104 -17.97 -6.53 23.47
C SER A 104 -19.06 -6.95 24.45
N GLY A 105 -20.30 -7.00 23.97
CA GLY A 105 -21.41 -7.39 24.83
C GLY A 105 -21.65 -6.41 25.96
N GLY A 1 21.61 -1.30 -23.12
CA GLY A 1 21.30 -0.55 -21.92
C GLY A 1 21.59 -1.33 -20.65
N SER A 2 20.56 -1.61 -19.87
CA SER A 2 20.73 -2.34 -18.62
C SER A 2 20.32 -3.81 -18.79
N SER A 3 21.05 -4.70 -18.13
CA SER A 3 20.77 -6.13 -18.22
C SER A 3 19.36 -6.43 -17.72
N GLY A 4 18.85 -7.60 -18.10
CA GLY A 4 17.52 -8.00 -17.68
C GLY A 4 16.46 -7.00 -18.11
N SER A 5 15.95 -7.17 -19.33
CA SER A 5 14.93 -6.26 -19.86
C SER A 5 13.58 -6.98 -19.98
N SER A 6 12.84 -7.03 -18.88
CA SER A 6 11.55 -7.68 -18.86
C SER A 6 10.42 -6.67 -18.92
N GLY A 7 10.54 -5.61 -18.13
CA GLY A 7 9.53 -4.57 -18.10
C GLY A 7 9.03 -4.28 -16.71
N ARG A 8 8.50 -3.07 -16.52
CA ARG A 8 7.99 -2.66 -15.21
C ARG A 8 6.68 -3.38 -14.89
N SER A 9 6.64 -4.03 -13.73
CA SER A 9 5.45 -4.76 -13.31
C SER A 9 4.97 -4.28 -11.95
N PRO A 10 3.71 -3.85 -11.88
CA PRO A 10 3.10 -3.34 -10.65
C PRO A 10 2.87 -4.45 -9.63
N PRO A 11 2.81 -4.07 -8.35
CA PRO A 11 2.59 -5.02 -7.24
C PRO A 11 1.18 -5.59 -7.25
N SER A 12 1.08 -6.92 -7.22
CA SER A 12 -0.21 -7.59 -7.23
C SER A 12 -0.43 -8.37 -5.93
N ASN A 13 -1.59 -8.98 -5.80
CA ASN A 13 -1.92 -9.75 -4.61
C ASN A 13 -1.96 -8.86 -3.38
N LEU A 14 -2.41 -7.62 -3.57
CA LEU A 14 -2.51 -6.67 -2.46
C LEU A 14 -3.43 -7.19 -1.37
N ALA A 15 -2.92 -7.19 -0.13
CA ALA A 15 -3.69 -7.66 1.01
C ALA A 15 -3.60 -6.69 2.18
N LEU A 16 -4.71 -6.03 2.48
CA LEU A 16 -4.77 -5.08 3.58
C LEU A 16 -5.25 -5.73 4.87
N ALA A 17 -4.37 -5.81 5.86
CA ALA A 17 -4.70 -6.41 7.14
C ALA A 17 -4.69 -5.37 8.26
N SER A 18 -5.75 -5.35 9.05
CA SER A 18 -5.87 -4.40 10.16
C SER A 18 -5.57 -5.08 11.49
N GLU A 19 -4.58 -4.57 12.20
CA GLU A 19 -4.19 -5.13 13.50
C GLU A 19 -4.38 -4.11 14.61
N THR A 20 -4.40 -2.82 14.23
CA THR A 20 -4.58 -1.75 15.19
C THR A 20 -5.27 -0.56 14.57
N PRO A 21 -6.12 0.13 15.36
CA PRO A 21 -6.86 1.29 14.89
C PRO A 21 -5.96 2.51 14.66
N ASP A 22 -4.66 2.31 14.84
CA ASP A 22 -3.69 3.38 14.64
C ASP A 22 -2.71 3.03 13.51
N SER A 23 -2.87 1.84 12.96
CA SER A 23 -2.01 1.38 11.88
C SER A 23 -2.65 0.23 11.10
N LEU A 24 -2.30 0.12 9.82
CA LEU A 24 -2.85 -0.93 8.98
C LEU A 24 -1.74 -1.65 8.21
N GLN A 25 -1.74 -2.98 8.30
CA GLN A 25 -0.74 -3.79 7.63
C GLN A 25 -1.10 -3.99 6.16
N VAL A 26 -0.08 -4.04 5.31
CA VAL A 26 -0.29 -4.22 3.87
C VAL A 26 0.86 -5.00 3.25
N SER A 27 0.52 -5.99 2.44
CA SER A 27 1.54 -6.81 1.77
C SER A 27 1.19 -7.01 0.30
N TRP A 28 2.15 -7.55 -0.45
CA TRP A 28 1.94 -7.79 -1.88
C TRP A 28 3.01 -8.74 -2.43
N THR A 29 2.86 -9.11 -3.69
CA THR A 29 3.81 -10.02 -4.33
C THR A 29 4.81 -9.25 -5.20
N PRO A 30 6.09 -9.30 -4.82
CA PRO A 30 7.16 -8.63 -5.55
C PRO A 30 7.44 -9.26 -6.91
N PRO A 31 7.67 -8.42 -7.91
CA PRO A 31 7.95 -8.88 -9.28
C PRO A 31 9.32 -9.55 -9.39
N LEU A 32 9.80 -9.70 -10.63
CA LEU A 32 11.09 -10.33 -10.88
C LEU A 32 12.17 -9.29 -11.14
N GLY A 33 11.76 -8.17 -11.72
CA GLY A 33 12.70 -7.10 -12.03
C GLY A 33 13.21 -6.40 -10.78
N ARG A 34 14.38 -5.79 -10.88
CA ARG A 34 14.97 -5.09 -9.75
C ARG A 34 14.16 -3.86 -9.38
N VAL A 35 13.56 -3.88 -8.19
CA VAL A 35 12.76 -2.77 -7.72
C VAL A 35 13.48 -2.00 -6.62
N LEU A 36 13.99 -0.83 -6.97
CA LEU A 36 14.71 0.00 -6.01
C LEU A 36 13.87 0.22 -4.75
N HIS A 37 12.72 0.84 -4.90
CA HIS A 37 11.83 1.10 -3.78
C HIS A 37 10.37 1.04 -4.21
N TYR A 38 9.49 0.68 -3.27
CA TYR A 38 8.07 0.58 -3.56
C TYR A 38 7.32 1.82 -3.07
N TRP A 39 7.13 2.78 -3.97
CA TRP A 39 6.43 4.01 -3.64
C TRP A 39 5.02 3.72 -3.14
N LEU A 40 4.81 3.87 -1.84
CA LEU A 40 3.50 3.63 -1.24
C LEU A 40 2.76 4.94 -1.00
N THR A 41 1.43 4.89 -1.14
CA THR A 41 0.61 6.08 -0.92
C THR A 41 -0.80 5.69 -0.48
N TYR A 42 -1.08 5.89 0.81
CA TYR A 42 -2.38 5.56 1.36
C TYR A 42 -3.29 6.79 1.37
N ALA A 43 -4.58 6.56 1.60
CA ALA A 43 -5.56 7.65 1.63
C ALA A 43 -6.90 7.16 2.15
N PRO A 44 -7.81 8.11 2.45
CA PRO A 44 -9.15 7.80 2.95
C PRO A 44 -10.03 7.15 1.89
N ALA A 45 -9.44 6.90 0.72
CA ALA A 45 -10.18 6.29 -0.38
C ALA A 45 -11.32 7.18 -0.84
N SER A 46 -11.08 8.49 -0.85
CA SER A 46 -12.08 9.46 -1.28
C SER A 46 -11.50 10.86 -1.34
N GLY A 47 -11.98 11.65 -2.29
CA GLY A 47 -11.50 13.01 -2.44
C GLY A 47 -12.05 13.96 -1.39
N LEU A 48 -11.53 13.84 -0.17
CA LEU A 48 -11.98 14.69 0.93
C LEU A 48 -10.79 15.24 1.71
N GLY A 49 -9.90 14.36 2.13
CA GLY A 49 -8.74 14.77 2.88
C GLY A 49 -7.45 14.67 2.07
N PRO A 50 -6.33 15.12 2.66
CA PRO A 50 -5.03 15.10 1.99
C PRO A 50 -4.49 13.68 1.83
N GLU A 51 -3.53 13.52 0.92
CA GLU A 51 -2.94 12.21 0.67
C GLU A 51 -1.55 12.11 1.31
N LYS A 52 -1.14 10.90 1.63
CA LYS A 52 0.16 10.66 2.24
C LYS A 52 1.03 9.79 1.34
N SER A 53 2.24 9.50 1.81
CA SER A 53 3.18 8.67 1.05
C SER A 53 4.36 8.26 1.91
N VAL A 54 4.73 6.99 1.83
CA VAL A 54 5.85 6.45 2.61
C VAL A 54 6.78 5.63 1.73
N SER A 55 8.08 5.88 1.86
CA SER A 55 9.08 5.15 1.08
C SER A 55 9.32 3.77 1.65
N VAL A 56 9.35 2.77 0.78
CA VAL A 56 9.57 1.39 1.21
C VAL A 56 10.72 0.75 0.44
N PRO A 57 11.70 0.21 1.17
CA PRO A 57 12.88 -0.44 0.57
C PRO A 57 12.52 -1.75 -0.12
N GLY A 58 12.89 -1.86 -1.39
CA GLY A 58 12.62 -3.07 -2.14
C GLY A 58 12.84 -4.32 -1.32
N ALA A 59 13.88 -4.31 -0.49
CA ALA A 59 14.20 -5.45 0.34
C ALA A 59 12.93 -6.15 0.83
N ARG A 60 11.97 -5.37 1.31
CA ARG A 60 10.71 -5.92 1.80
C ARG A 60 9.57 -5.64 0.81
N SER A 61 8.57 -6.51 0.81
CA SER A 61 7.43 -6.35 -0.08
C SER A 61 6.18 -5.94 0.71
N HIS A 62 6.40 -5.47 1.93
CA HIS A 62 5.29 -5.03 2.78
C HIS A 62 5.75 -3.97 3.76
N VAL A 63 4.79 -3.25 4.34
CA VAL A 63 5.10 -2.20 5.30
C VAL A 63 3.85 -1.77 6.07
N THR A 64 4.06 -1.17 7.23
CA THR A 64 2.95 -0.71 8.06
C THR A 64 2.76 0.80 7.94
N LEU A 65 1.50 1.24 8.00
CA LEU A 65 1.19 2.66 7.90
C LEU A 65 0.56 3.17 9.19
N PRO A 66 1.40 3.73 10.07
CA PRO A 66 0.94 4.27 11.36
C PRO A 66 0.10 5.54 11.20
N ASP A 67 -0.36 6.09 12.31
CA ASP A 67 -1.17 7.30 12.28
C ASP A 67 -2.43 7.10 11.45
N LEU A 68 -3.17 6.04 11.75
CA LEU A 68 -4.39 5.72 11.02
C LEU A 68 -5.62 6.00 11.88
N GLN A 69 -6.80 5.80 11.31
CA GLN A 69 -8.05 6.02 12.02
C GLN A 69 -8.70 4.70 12.42
N ALA A 70 -9.88 4.78 13.02
CA ALA A 70 -10.61 3.58 13.45
C ALA A 70 -11.81 3.31 12.54
N ALA A 71 -12.08 2.04 12.30
CA ALA A 71 -13.21 1.65 11.44
C ALA A 71 -13.28 2.51 10.19
N THR A 72 -12.14 2.65 9.51
CA THR A 72 -12.08 3.46 8.30
C THR A 72 -11.01 2.94 7.35
N LYS A 73 -11.44 2.28 6.28
CA LYS A 73 -10.52 1.72 5.29
C LYS A 73 -9.52 2.78 4.83
N TYR A 74 -8.57 2.37 4.00
CA TYR A 74 -7.56 3.28 3.49
C TYR A 74 -7.01 2.80 2.16
N ARG A 75 -7.27 3.56 1.10
CA ARG A 75 -6.81 3.20 -0.23
C ARG A 75 -5.29 3.20 -0.30
N VAL A 76 -4.70 2.01 -0.27
CA VAL A 76 -3.25 1.87 -0.32
C VAL A 76 -2.77 1.70 -1.76
N LEU A 77 -2.17 2.75 -2.31
CA LEU A 77 -1.67 2.71 -3.68
C LEU A 77 -0.17 2.43 -3.69
N VAL A 78 0.20 1.24 -4.15
CA VAL A 78 1.60 0.84 -4.22
C VAL A 78 2.09 0.84 -5.67
N SER A 79 3.31 1.34 -5.86
CA SER A 79 3.90 1.40 -7.19
C SER A 79 5.35 0.93 -7.17
N ALA A 80 5.68 0.00 -8.07
CA ALA A 80 7.03 -0.54 -8.15
C ALA A 80 7.95 0.41 -8.90
N ILE A 81 9.01 0.85 -8.23
CA ILE A 81 9.98 1.77 -8.84
C ILE A 81 11.10 1.00 -9.52
N TYR A 82 11.61 1.55 -10.62
CA TYR A 82 12.69 0.92 -11.37
C TYR A 82 13.70 1.95 -11.85
N ALA A 83 14.88 1.48 -12.26
CA ALA A 83 15.92 2.37 -12.74
C ALA A 83 15.37 3.37 -13.75
N ALA A 84 14.65 2.87 -14.74
CA ALA A 84 14.07 3.72 -15.77
C ALA A 84 12.90 4.52 -15.23
N GLY A 85 11.94 3.82 -14.62
CA GLY A 85 10.78 4.48 -14.07
C GLY A 85 10.01 3.60 -13.11
N ARG A 86 8.75 3.94 -12.85
CA ARG A 86 7.91 3.17 -11.95
C ARG A 86 6.64 2.70 -12.64
N SER A 87 6.21 1.48 -12.31
CA SER A 87 5.02 0.90 -12.91
C SER A 87 3.76 1.61 -12.41
N GLU A 88 2.62 1.23 -12.98
CA GLU A 88 1.35 1.83 -12.60
C GLU A 88 1.13 1.72 -11.08
N ALA A 89 -0.03 2.20 -10.62
CA ALA A 89 -0.35 2.16 -9.20
C ALA A 89 -1.61 1.34 -8.96
N VAL A 90 -1.54 0.42 -8.01
CA VAL A 90 -2.68 -0.43 -7.67
C VAL A 90 -3.32 0.00 -6.37
N SER A 91 -4.62 0.25 -6.39
CA SER A 91 -5.36 0.68 -5.21
C SER A 91 -5.91 -0.53 -4.46
N ALA A 92 -6.22 -0.32 -3.18
CA ALA A 92 -6.75 -1.40 -2.35
C ALA A 92 -7.25 -0.85 -1.01
N THR A 93 -8.56 -0.92 -0.80
CA THR A 93 -9.17 -0.43 0.44
C THR A 93 -9.23 -1.53 1.49
N GLY A 94 -8.91 -1.18 2.73
CA GLY A 94 -8.94 -2.15 3.80
C GLY A 94 -9.41 -1.56 5.11
N GLN A 95 -10.66 -1.83 5.47
CA GLN A 95 -11.23 -1.31 6.70
C GLN A 95 -10.32 -1.61 7.90
N THR A 96 -10.05 -0.58 8.69
CA THR A 96 -9.19 -0.73 9.87
C THR A 96 -9.93 -1.41 11.01
N ALA A 97 -9.27 -1.52 12.15
CA ALA A 97 -9.87 -2.15 13.33
C ALA A 97 -10.78 -1.19 14.06
N CYS A 98 -11.96 -1.66 14.45
CA CYS A 98 -12.92 -0.83 15.17
C CYS A 98 -12.63 -0.84 16.67
N PRO A 99 -12.97 0.27 17.35
CA PRO A 99 -12.75 0.41 18.79
C PRO A 99 -13.68 -0.49 19.61
N SER A 100 -13.15 -1.59 20.09
CA SER A 100 -13.93 -2.54 20.89
C SER A 100 -13.73 -2.29 22.38
N GLY A 101 -12.47 -2.15 22.79
CA GLY A 101 -12.17 -1.91 24.19
C GLY A 101 -10.92 -2.65 24.64
N PRO A 102 -10.33 -2.20 25.75
CA PRO A 102 -9.12 -2.81 26.32
C PRO A 102 -9.39 -4.19 26.89
N SER A 103 -10.63 -4.66 26.76
CA SER A 103 -11.01 -5.97 27.28
C SER A 103 -9.89 -6.98 27.07
N SER A 104 -9.31 -7.44 28.17
CA SER A 104 -8.22 -8.41 28.12
C SER A 104 -8.74 -9.83 28.39
N GLY A 105 -8.78 -10.64 27.34
CA GLY A 105 -9.26 -12.00 27.48
C GLY A 105 -8.18 -12.94 27.99
N GLY A 1 20.61 2.90 -28.59
CA GLY A 1 19.23 2.83 -29.05
C GLY A 1 18.30 2.27 -28.00
N SER A 2 18.72 1.20 -27.34
CA SER A 2 17.90 0.55 -26.31
C SER A 2 18.74 -0.43 -25.50
N SER A 3 18.40 -0.57 -24.22
CA SER A 3 19.11 -1.48 -23.33
C SER A 3 18.25 -2.70 -23.00
N GLY A 4 17.57 -3.23 -24.00
CA GLY A 4 16.72 -4.39 -23.79
C GLY A 4 15.33 -4.01 -23.30
N SER A 5 14.48 -5.01 -23.13
CA SER A 5 13.11 -4.78 -22.67
C SER A 5 12.85 -5.50 -21.36
N SER A 6 13.23 -4.88 -20.25
CA SER A 6 13.04 -5.47 -18.93
C SER A 6 11.55 -5.61 -18.61
N GLY A 7 10.80 -4.56 -18.88
CA GLY A 7 9.37 -4.58 -18.62
C GLY A 7 9.04 -4.20 -17.19
N ARG A 8 7.96 -3.44 -17.02
CA ARG A 8 7.53 -3.01 -15.69
C ARG A 8 6.25 -3.72 -15.26
N SER A 9 6.18 -4.08 -13.98
CA SER A 9 5.02 -4.77 -13.44
C SER A 9 4.70 -4.30 -12.03
N PRO A 10 3.48 -3.77 -11.85
CA PRO A 10 3.02 -3.26 -10.55
C PRO A 10 2.80 -4.38 -9.54
N PRO A 11 2.76 -4.01 -8.25
CA PRO A 11 2.55 -4.97 -7.16
C PRO A 11 1.13 -5.54 -7.15
N SER A 12 1.03 -6.86 -7.08
CA SER A 12 -0.27 -7.53 -7.06
C SER A 12 -0.46 -8.33 -5.77
N ASN A 13 -1.62 -8.95 -5.63
CA ASN A 13 -1.92 -9.75 -4.44
C ASN A 13 -1.96 -8.88 -3.20
N LEU A 14 -2.47 -7.66 -3.35
CA LEU A 14 -2.58 -6.72 -2.23
C LEU A 14 -3.44 -7.30 -1.12
N ALA A 15 -2.93 -7.25 0.11
CA ALA A 15 -3.66 -7.77 1.26
C ALA A 15 -3.58 -6.79 2.44
N LEU A 16 -4.63 -5.98 2.60
CA LEU A 16 -4.67 -5.01 3.68
C LEU A 16 -5.22 -5.64 4.96
N ALA A 17 -4.38 -5.71 5.98
CA ALA A 17 -4.77 -6.29 7.27
C ALA A 17 -4.81 -5.23 8.36
N SER A 18 -5.86 -5.25 9.17
CA SER A 18 -6.02 -4.29 10.25
C SER A 18 -5.87 -4.96 11.61
N GLU A 19 -4.79 -4.63 12.32
CA GLU A 19 -4.54 -5.22 13.63
C GLU A 19 -4.77 -4.18 14.73
N THR A 20 -4.50 -2.92 14.42
CA THR A 20 -4.66 -1.84 15.38
C THR A 20 -5.32 -0.62 14.73
N PRO A 21 -6.13 0.10 15.53
CA PRO A 21 -6.83 1.30 15.05
C PRO A 21 -5.89 2.47 14.78
N ASP A 22 -4.60 2.21 14.95
CA ASP A 22 -3.58 3.24 14.72
C ASP A 22 -2.58 2.79 13.66
N SER A 23 -2.80 1.61 13.11
CA SER A 23 -1.91 1.06 12.09
C SER A 23 -2.65 0.04 11.22
N LEU A 24 -2.20 -0.09 9.97
CA LEU A 24 -2.82 -1.03 9.03
C LEU A 24 -1.76 -1.75 8.23
N GLN A 25 -1.69 -3.07 8.41
CA GLN A 25 -0.71 -3.89 7.70
C GLN A 25 -1.05 -3.96 6.21
N VAL A 26 -0.01 -3.92 5.38
CA VAL A 26 -0.19 -3.98 3.94
C VAL A 26 0.98 -4.69 3.26
N SER A 27 0.70 -5.83 2.65
CA SER A 27 1.73 -6.62 1.97
C SER A 27 1.36 -6.83 0.51
N TRP A 28 2.31 -7.35 -0.26
CA TRP A 28 2.09 -7.61 -1.68
C TRP A 28 3.17 -8.52 -2.24
N THR A 29 3.01 -8.93 -3.50
CA THR A 29 3.99 -9.80 -4.15
C THR A 29 4.83 -9.04 -5.16
N PRO A 30 6.15 -9.00 -4.92
CA PRO A 30 7.09 -8.31 -5.79
C PRO A 30 7.25 -9.00 -7.14
N PRO A 31 7.40 -8.19 -8.20
CA PRO A 31 7.55 -8.69 -9.57
C PRO A 31 8.90 -9.36 -9.78
N LEU A 32 9.23 -9.64 -11.04
CA LEU A 32 10.49 -10.29 -11.39
C LEU A 32 11.57 -9.25 -11.71
N GLY A 33 11.12 -8.08 -12.16
CA GLY A 33 12.06 -7.02 -12.50
C GLY A 33 12.69 -6.39 -11.28
N ARG A 34 13.92 -5.91 -11.43
CA ARG A 34 14.64 -5.28 -10.34
C ARG A 34 13.99 -3.96 -9.94
N VAL A 35 13.37 -3.93 -8.77
CA VAL A 35 12.70 -2.74 -8.28
C VAL A 35 13.56 -2.02 -7.24
N LEU A 36 13.91 -0.77 -7.53
CA LEU A 36 14.73 0.03 -6.62
C LEU A 36 14.00 0.26 -5.30
N HIS A 37 12.91 1.04 -5.36
CA HIS A 37 12.13 1.34 -4.17
C HIS A 37 10.63 1.22 -4.46
N TYR A 38 9.86 0.90 -3.44
CA TYR A 38 8.41 0.75 -3.58
C TYR A 38 7.68 2.00 -3.10
N TRP A 39 7.33 2.87 -4.03
CA TRP A 39 6.63 4.10 -3.71
C TRP A 39 5.20 3.82 -3.25
N LEU A 40 4.99 3.83 -1.94
CA LEU A 40 3.67 3.56 -1.38
C LEU A 40 2.94 4.87 -1.08
N THR A 41 1.68 4.94 -1.48
CA THR A 41 0.87 6.13 -1.26
C THR A 41 -0.52 5.76 -0.76
N TYR A 42 -0.77 5.95 0.53
CA TYR A 42 -2.05 5.63 1.13
C TYR A 42 -2.93 6.88 1.23
N ALA A 43 -4.22 6.68 1.46
CA ALA A 43 -5.16 7.79 1.58
C ALA A 43 -6.44 7.34 2.26
N PRO A 44 -7.29 8.31 2.63
CA PRO A 44 -8.56 8.05 3.30
C PRO A 44 -9.58 7.40 2.36
N ALA A 45 -9.15 7.10 1.14
CA ALA A 45 -10.01 6.48 0.15
C ALA A 45 -11.20 7.38 -0.18
N SER A 46 -11.01 8.69 -0.04
CA SER A 46 -12.06 9.65 -0.32
C SER A 46 -11.52 11.08 -0.30
N GLY A 47 -12.11 11.95 -1.10
CA GLY A 47 -11.68 13.33 -1.15
C GLY A 47 -12.01 14.09 0.12
N LEU A 48 -11.33 13.74 1.21
CA LEU A 48 -11.55 14.39 2.49
C LEU A 48 -10.26 15.04 3.00
N GLY A 49 -9.20 14.26 3.05
CA GLY A 49 -7.92 14.77 3.53
C GLY A 49 -6.84 14.67 2.48
N PRO A 50 -5.62 15.13 2.82
CA PRO A 50 -4.47 15.09 1.92
C PRO A 50 -3.97 13.68 1.67
N GLU A 51 -3.10 13.52 0.68
CA GLU A 51 -2.54 12.22 0.34
C GLU A 51 -1.15 12.06 0.93
N LYS A 52 -0.86 10.87 1.44
CA LYS A 52 0.44 10.58 2.03
C LYS A 52 1.25 9.66 1.14
N SER A 53 2.50 9.44 1.51
CA SER A 53 3.40 8.57 0.73
C SER A 53 4.58 8.11 1.58
N VAL A 54 4.65 6.80 1.82
CA VAL A 54 5.73 6.23 2.62
C VAL A 54 6.68 5.42 1.74
N SER A 55 7.97 5.72 1.84
CA SER A 55 8.98 5.02 1.06
C SER A 55 9.26 3.63 1.64
N VAL A 56 9.43 2.66 0.76
CA VAL A 56 9.70 1.29 1.19
C VAL A 56 10.83 0.67 0.37
N PRO A 57 11.74 -0.03 1.05
CA PRO A 57 12.89 -0.68 0.43
C PRO A 57 12.47 -1.87 -0.44
N GLY A 58 12.75 -1.79 -1.73
CA GLY A 58 12.40 -2.86 -2.64
C GLY A 58 12.69 -4.23 -2.06
N ALA A 59 13.72 -4.30 -1.22
CA ALA A 59 14.11 -5.56 -0.59
C ALA A 59 12.89 -6.29 -0.03
N ARG A 60 12.02 -5.55 0.65
CA ARG A 60 10.81 -6.13 1.23
C ARG A 60 9.57 -5.70 0.46
N SER A 61 8.55 -6.56 0.46
CA SER A 61 7.31 -6.26 -0.25
C SER A 61 6.15 -6.15 0.72
N HIS A 62 6.46 -5.78 1.96
CA HIS A 62 5.44 -5.63 2.99
C HIS A 62 5.72 -4.42 3.87
N VAL A 63 4.66 -3.74 4.30
CA VAL A 63 4.81 -2.56 5.16
C VAL A 63 3.50 -2.25 5.87
N THR A 64 3.58 -1.35 6.85
CA THR A 64 2.40 -0.95 7.62
C THR A 64 2.31 0.56 7.75
N LEU A 65 1.08 1.07 7.74
CA LEU A 65 0.85 2.52 7.85
C LEU A 65 0.39 2.88 9.26
N PRO A 66 1.34 3.29 10.11
CA PRO A 66 1.05 3.68 11.50
C PRO A 66 0.27 4.99 11.57
N ASP A 67 -0.05 5.41 12.80
CA ASP A 67 -0.79 6.65 13.01
C ASP A 67 -2.05 6.67 12.16
N LEU A 68 -2.87 5.65 12.30
CA LEU A 68 -4.12 5.56 11.55
C LEU A 68 -5.33 5.74 12.46
N GLN A 69 -6.52 5.60 11.88
CA GLN A 69 -7.76 5.75 12.65
C GLN A 69 -8.51 4.43 12.73
N ALA A 70 -9.70 4.47 13.32
CA ALA A 70 -10.52 3.27 13.46
C ALA A 70 -11.77 3.36 12.58
N ALA A 71 -12.25 2.20 12.14
CA ALA A 71 -13.44 2.16 11.29
C ALA A 71 -13.31 3.10 10.10
N THR A 72 -12.20 2.98 9.37
CA THR A 72 -11.96 3.82 8.21
C THR A 72 -10.89 3.22 7.31
N LYS A 73 -11.31 2.65 6.18
CA LYS A 73 -10.37 2.05 5.23
C LYS A 73 -9.35 3.07 4.75
N TYR A 74 -8.36 2.60 4.02
CA TYR A 74 -7.31 3.47 3.49
C TYR A 74 -6.81 2.97 2.13
N ARG A 75 -7.15 3.71 1.08
CA ARG A 75 -6.74 3.34 -0.27
C ARG A 75 -5.22 3.32 -0.39
N VAL A 76 -4.64 2.13 -0.31
CA VAL A 76 -3.19 1.97 -0.40
C VAL A 76 -2.76 1.82 -1.85
N LEU A 77 -2.11 2.84 -2.38
CA LEU A 77 -1.63 2.83 -3.76
C LEU A 77 -0.13 2.54 -3.82
N VAL A 78 0.22 1.34 -4.30
CA VAL A 78 1.62 0.96 -4.40
C VAL A 78 2.08 0.96 -5.86
N SER A 79 3.33 1.37 -6.08
CA SER A 79 3.88 1.42 -7.42
C SER A 79 5.35 0.99 -7.42
N ALA A 80 5.69 0.10 -8.36
CA ALA A 80 7.06 -0.39 -8.46
C ALA A 80 7.93 0.55 -9.29
N ILE A 81 8.97 1.09 -8.67
CA ILE A 81 9.88 2.00 -9.34
C ILE A 81 11.03 1.25 -10.01
N TYR A 82 11.33 1.62 -11.25
CA TYR A 82 12.41 0.97 -11.99
C TYR A 82 13.36 2.01 -12.58
N ALA A 83 14.53 1.56 -13.02
CA ALA A 83 15.53 2.44 -13.61
C ALA A 83 14.89 3.37 -14.64
N ALA A 84 14.15 2.79 -15.57
CA ALA A 84 13.48 3.56 -16.61
C ALA A 84 12.33 4.38 -16.05
N GLY A 85 11.45 3.72 -15.31
CA GLY A 85 10.32 4.40 -14.71
C GLY A 85 9.57 3.54 -13.71
N ARG A 86 8.39 4.00 -13.29
CA ARG A 86 7.58 3.26 -12.34
C ARG A 86 6.27 2.80 -12.97
N SER A 87 5.88 1.57 -12.67
CA SER A 87 4.65 1.00 -13.22
C SER A 87 3.43 1.73 -12.68
N GLU A 88 2.25 1.35 -13.16
CA GLU A 88 1.01 1.98 -12.72
C GLU A 88 0.86 1.90 -11.21
N ALA A 89 -0.27 2.37 -10.70
CA ALA A 89 -0.54 2.37 -9.27
C ALA A 89 -1.78 1.54 -8.95
N VAL A 90 -1.61 0.52 -8.12
CA VAL A 90 -2.72 -0.35 -7.73
C VAL A 90 -3.34 0.11 -6.41
N SER A 91 -4.64 0.37 -6.43
CA SER A 91 -5.35 0.82 -5.24
C SER A 91 -5.89 -0.37 -4.45
N ALA A 92 -6.19 -0.15 -3.18
CA ALA A 92 -6.72 -1.19 -2.32
C ALA A 92 -7.22 -0.63 -1.00
N THR A 93 -8.51 -0.80 -0.73
CA THR A 93 -9.11 -0.29 0.51
C THR A 93 -9.19 -1.38 1.56
N GLY A 94 -8.70 -1.09 2.75
CA GLY A 94 -8.73 -2.06 3.83
C GLY A 94 -9.26 -1.47 5.12
N GLN A 95 -10.57 -1.56 5.32
CA GLN A 95 -11.20 -1.03 6.52
C GLN A 95 -10.36 -1.33 7.76
N THR A 96 -10.18 -0.31 8.60
CA THR A 96 -9.38 -0.46 9.82
C THR A 96 -10.18 -1.16 10.92
N ALA A 97 -9.59 -1.27 12.10
CA ALA A 97 -10.25 -1.90 13.23
C ALA A 97 -11.10 -0.90 14.00
N CYS A 98 -12.12 -1.41 14.69
CA CYS A 98 -13.02 -0.55 15.47
C CYS A 98 -12.77 -0.74 16.96
N PRO A 99 -12.90 0.35 17.73
CA PRO A 99 -12.70 0.34 19.18
C PRO A 99 -13.81 -0.42 19.91
N SER A 100 -15.05 -0.07 19.60
CA SER A 100 -16.20 -0.72 20.24
C SER A 100 -16.19 -0.50 21.74
N GLY A 101 -15.81 0.71 22.16
CA GLY A 101 -15.76 1.02 23.57
C GLY A 101 -14.61 0.33 24.28
N PRO A 102 -14.53 0.53 25.61
CA PRO A 102 -13.46 -0.07 26.43
C PRO A 102 -13.61 -1.58 26.55
N SER A 103 -14.85 -2.04 26.65
CA SER A 103 -15.13 -3.47 26.79
C SER A 103 -14.24 -4.28 25.85
N SER A 104 -14.11 -3.81 24.61
CA SER A 104 -13.30 -4.50 23.61
C SER A 104 -12.19 -3.58 23.10
N GLY A 105 -11.07 -4.19 22.68
CA GLY A 105 -9.96 -3.42 22.18
C GLY A 105 -9.19 -4.15 21.09
N GLY A 1 -2.17 -1.05 -21.22
CA GLY A 1 -0.89 -1.11 -21.91
C GLY A 1 -0.39 -2.53 -22.07
N SER A 2 -0.28 -2.99 -23.31
CA SER A 2 0.19 -4.33 -23.59
C SER A 2 1.29 -4.73 -22.62
N SER A 3 1.45 -6.04 -22.41
CA SER A 3 2.46 -6.56 -21.51
C SER A 3 3.48 -7.40 -22.26
N GLY A 4 4.74 -6.98 -22.23
CA GLY A 4 5.79 -7.69 -22.92
C GLY A 4 6.50 -8.68 -22.01
N SER A 5 7.37 -9.50 -22.60
CA SER A 5 8.10 -10.51 -21.84
C SER A 5 8.70 -9.91 -20.58
N SER A 6 9.34 -8.75 -20.72
CA SER A 6 9.96 -8.07 -19.58
C SER A 6 9.50 -6.61 -19.51
N GLY A 7 9.71 -5.99 -18.36
CA GLY A 7 9.32 -4.60 -18.18
C GLY A 7 8.87 -4.32 -16.76
N ARG A 8 8.43 -3.07 -16.52
CA ARG A 8 7.98 -2.67 -15.20
C ARG A 8 6.68 -3.37 -14.83
N SER A 9 6.74 -4.19 -13.78
CA SER A 9 5.56 -4.93 -13.33
C SER A 9 5.10 -4.43 -11.96
N PRO A 10 3.86 -3.93 -11.90
CA PRO A 10 3.28 -3.42 -10.66
C PRO A 10 2.99 -4.52 -9.65
N PRO A 11 2.88 -4.14 -8.37
CA PRO A 11 2.61 -5.09 -7.28
C PRO A 11 1.19 -5.64 -7.33
N SER A 12 1.05 -6.93 -7.04
CA SER A 12 -0.25 -7.58 -7.06
C SER A 12 -0.48 -8.38 -5.79
N ASN A 13 -1.66 -8.98 -5.67
CA ASN A 13 -2.01 -9.78 -4.50
C ASN A 13 -2.00 -8.93 -3.24
N LEU A 14 -2.46 -7.69 -3.37
CA LEU A 14 -2.51 -6.77 -2.24
C LEU A 14 -3.44 -7.30 -1.15
N ALA A 15 -2.92 -7.38 0.07
CA ALA A 15 -3.70 -7.87 1.21
C ALA A 15 -3.62 -6.90 2.38
N LEU A 16 -4.71 -6.17 2.62
CA LEU A 16 -4.75 -5.22 3.72
C LEU A 16 -5.26 -5.87 4.99
N ALA A 17 -4.39 -5.96 6.00
CA ALA A 17 -4.76 -6.55 7.28
C ALA A 17 -4.76 -5.52 8.39
N SER A 18 -5.91 -5.36 9.05
CA SER A 18 -6.05 -4.39 10.12
C SER A 18 -5.91 -5.08 11.48
N GLU A 19 -4.88 -4.72 12.23
CA GLU A 19 -4.63 -5.29 13.55
C GLU A 19 -4.86 -4.26 14.65
N THR A 20 -4.68 -2.99 14.31
CA THR A 20 -4.86 -1.90 15.26
C THR A 20 -5.45 -0.67 14.59
N PRO A 21 -6.30 0.06 15.32
CA PRO A 21 -6.95 1.27 14.82
C PRO A 21 -5.97 2.42 14.64
N ASP A 22 -4.69 2.15 14.91
CA ASP A 22 -3.65 3.17 14.78
C ASP A 22 -2.62 2.75 13.73
N SER A 23 -2.83 1.59 13.13
CA SER A 23 -1.91 1.08 12.11
C SER A 23 -2.60 0.03 11.25
N LEU A 24 -2.23 -0.01 9.97
CA LEU A 24 -2.81 -0.96 9.03
C LEU A 24 -1.72 -1.69 8.26
N GLN A 25 -1.68 -3.02 8.40
CA GLN A 25 -0.69 -3.83 7.70
C GLN A 25 -1.07 -4.03 6.25
N VAL A 26 -0.08 -3.92 5.36
CA VAL A 26 -0.31 -4.08 3.93
C VAL A 26 0.84 -4.83 3.27
N SER A 27 0.52 -5.93 2.59
CA SER A 27 1.52 -6.73 1.92
C SER A 27 1.15 -6.95 0.45
N TRP A 28 2.14 -7.34 -0.35
CA TRP A 28 1.92 -7.57 -1.77
C TRP A 28 2.99 -8.51 -2.33
N THR A 29 2.80 -8.95 -3.57
CA THR A 29 3.73 -9.84 -4.23
C THR A 29 4.75 -9.06 -5.06
N PRO A 30 6.03 -9.10 -4.64
CA PRO A 30 7.11 -8.40 -5.35
C PRO A 30 7.43 -9.03 -6.69
N PRO A 31 7.65 -8.19 -7.70
CA PRO A 31 7.98 -8.65 -9.05
C PRO A 31 9.37 -9.27 -9.15
N LEU A 32 9.78 -9.62 -10.35
CA LEU A 32 11.09 -10.23 -10.57
C LEU A 32 12.11 -9.18 -10.98
N GLY A 33 11.71 -8.27 -11.86
CA GLY A 33 12.60 -7.23 -12.31
C GLY A 33 13.21 -6.43 -11.17
N ARG A 34 14.50 -6.14 -11.26
CA ARG A 34 15.19 -5.39 -10.22
C ARG A 34 14.50 -4.05 -9.96
N VAL A 35 13.74 -3.99 -8.88
CA VAL A 35 13.02 -2.77 -8.52
C VAL A 35 13.76 -2.01 -7.42
N LEU A 36 14.06 -0.74 -7.69
CA LEU A 36 14.77 0.09 -6.72
C LEU A 36 14.02 0.14 -5.39
N HIS A 37 12.82 0.71 -5.41
CA HIS A 37 12.01 0.81 -4.20
C HIS A 37 10.53 0.72 -4.53
N TYR A 38 9.69 0.72 -3.50
CA TYR A 38 8.25 0.64 -3.69
C TYR A 38 7.56 1.90 -3.18
N TRP A 39 7.18 2.77 -4.11
CA TRP A 39 6.52 4.02 -3.75
C TRP A 39 5.09 3.76 -3.29
N LEU A 40 4.88 3.82 -1.97
CA LEU A 40 3.57 3.59 -1.39
C LEU A 40 2.86 4.90 -1.11
N THR A 41 1.58 4.98 -1.49
CA THR A 41 0.79 6.18 -1.28
C THR A 41 -0.59 5.84 -0.72
N TYR A 42 -0.69 5.80 0.60
CA TYR A 42 -1.95 5.49 1.26
C TYR A 42 -2.80 6.73 1.45
N ALA A 43 -4.11 6.59 1.30
CA ALA A 43 -5.03 7.71 1.45
C ALA A 43 -6.42 7.23 1.86
N PRO A 44 -7.18 8.11 2.52
CA PRO A 44 -8.54 7.79 2.96
C PRO A 44 -9.52 7.66 1.80
N ALA A 45 -9.73 6.43 1.34
CA ALA A 45 -10.65 6.17 0.25
C ALA A 45 -11.84 7.13 0.27
N SER A 46 -12.30 7.46 1.48
CA SER A 46 -13.43 8.37 1.64
C SER A 46 -13.39 9.48 0.59
N GLY A 47 -12.24 10.14 0.49
CA GLY A 47 -12.10 11.22 -0.46
C GLY A 47 -12.02 12.58 0.19
N LEU A 48 -12.55 12.68 1.41
CA LEU A 48 -12.55 13.93 2.15
C LEU A 48 -11.25 14.09 2.93
N GLY A 49 -10.12 13.84 2.28
CA GLY A 49 -8.84 13.96 2.93
C GLY A 49 -7.67 13.82 1.97
N PRO A 50 -6.53 14.43 2.32
CA PRO A 50 -5.33 14.39 1.48
C PRO A 50 -4.70 13.00 1.44
N GLU A 51 -3.77 12.80 0.51
CA GLU A 51 -3.09 11.51 0.37
C GLU A 51 -1.66 11.60 0.88
N LYS A 52 -1.15 10.49 1.38
CA LYS A 52 0.21 10.43 1.91
C LYS A 52 1.10 9.58 1.01
N SER A 53 2.39 9.50 1.36
CA SER A 53 3.34 8.72 0.59
C SER A 53 4.51 8.27 1.46
N VAL A 54 4.64 6.96 1.63
CA VAL A 54 5.72 6.39 2.44
C VAL A 54 6.61 5.49 1.60
N SER A 55 7.92 5.68 1.73
CA SER A 55 8.89 4.87 0.99
C SER A 55 9.08 3.51 1.65
N VAL A 56 9.32 2.49 0.83
CA VAL A 56 9.52 1.13 1.33
C VAL A 56 10.73 0.48 0.65
N PRO A 57 11.55 -0.22 1.46
CA PRO A 57 12.74 -0.91 0.96
C PRO A 57 12.39 -2.12 0.11
N GLY A 58 12.72 -2.04 -1.18
CA GLY A 58 12.43 -3.14 -2.09
C GLY A 58 12.61 -4.50 -1.43
N ALA A 59 13.68 -4.63 -0.66
CA ALA A 59 13.97 -5.89 0.04
C ALA A 59 12.69 -6.57 0.50
N ARG A 60 11.80 -5.79 1.10
CA ARG A 60 10.54 -6.32 1.60
C ARG A 60 9.39 -5.91 0.69
N SER A 61 8.30 -6.69 0.71
CA SER A 61 7.14 -6.39 -0.11
C SER A 61 5.94 -6.04 0.75
N HIS A 62 6.21 -5.39 1.88
CA HIS A 62 5.15 -4.98 2.80
C HIS A 62 5.64 -3.90 3.75
N VAL A 63 4.70 -3.25 4.44
CA VAL A 63 5.03 -2.19 5.38
C VAL A 63 3.82 -1.80 6.23
N THR A 64 4.09 -1.19 7.37
CA THR A 64 3.02 -0.75 8.28
C THR A 64 2.84 0.76 8.24
N LEU A 65 1.60 1.20 8.08
CA LEU A 65 1.29 2.62 8.03
C LEU A 65 0.73 3.11 9.36
N PRO A 66 1.60 3.69 10.20
CA PRO A 66 1.21 4.21 11.52
C PRO A 66 0.33 5.45 11.42
N ASP A 67 -0.09 5.97 12.56
CA ASP A 67 -0.94 7.15 12.60
C ASP A 67 -2.18 6.95 11.75
N LEU A 68 -2.89 5.86 11.99
CA LEU A 68 -4.12 5.56 11.25
C LEU A 68 -5.34 5.68 12.14
N GLN A 69 -6.51 5.83 11.51
CA GLN A 69 -7.76 5.97 12.25
C GLN A 69 -8.44 4.61 12.43
N ALA A 70 -9.57 4.61 13.11
CA ALA A 70 -10.32 3.38 13.34
C ALA A 70 -11.59 3.33 12.49
N ALA A 71 -12.00 2.12 12.12
CA ALA A 71 -13.19 1.94 11.30
C ALA A 71 -13.16 2.84 10.07
N THR A 72 -11.99 2.90 9.41
CA THR A 72 -11.83 3.72 8.22
C THR A 72 -10.74 3.16 7.32
N LYS A 73 -11.16 2.57 6.20
CA LYS A 73 -10.24 1.98 5.24
C LYS A 73 -9.28 3.05 4.70
N TYR A 74 -8.31 2.60 3.90
CA TYR A 74 -7.32 3.52 3.32
C TYR A 74 -6.86 3.02 1.96
N ARG A 75 -7.19 3.76 0.92
CA ARG A 75 -6.81 3.39 -0.45
C ARG A 75 -5.30 3.35 -0.58
N VAL A 76 -4.73 2.16 -0.44
CA VAL A 76 -3.28 1.98 -0.56
C VAL A 76 -2.86 1.85 -2.01
N LEU A 77 -2.05 2.81 -2.47
CA LEU A 77 -1.58 2.81 -3.85
C LEU A 77 -0.08 2.56 -3.90
N VAL A 78 0.30 1.36 -4.35
CA VAL A 78 1.71 0.99 -4.45
C VAL A 78 2.17 1.00 -5.91
N SER A 79 3.43 1.37 -6.12
CA SER A 79 4.00 1.43 -7.46
C SER A 79 5.46 0.98 -7.45
N ALA A 80 5.81 0.10 -8.39
CA ALA A 80 7.17 -0.42 -8.49
C ALA A 80 8.04 0.53 -9.32
N ILE A 81 9.10 1.04 -8.69
CA ILE A 81 10.02 1.95 -9.38
C ILE A 81 11.23 1.20 -9.92
N TYR A 82 11.43 1.29 -11.23
CA TYR A 82 12.56 0.63 -11.87
C TYR A 82 13.56 1.65 -12.42
N ALA A 83 14.73 1.17 -12.82
CA ALA A 83 15.77 2.03 -13.36
C ALA A 83 15.24 2.87 -14.51
N ALA A 84 14.39 2.28 -15.34
CA ALA A 84 13.81 2.97 -16.48
C ALA A 84 12.64 3.84 -16.05
N GLY A 85 11.72 3.25 -15.29
CA GLY A 85 10.56 3.99 -14.82
C GLY A 85 9.76 3.21 -13.80
N ARG A 86 8.65 3.80 -13.35
CA ARG A 86 7.78 3.16 -12.37
C ARG A 86 6.50 2.66 -13.02
N SER A 87 6.08 1.45 -12.65
CA SER A 87 4.87 0.85 -13.20
C SER A 87 3.63 1.55 -12.65
N GLU A 88 2.47 1.19 -13.20
CA GLU A 88 1.21 1.78 -12.77
C GLU A 88 1.03 1.65 -11.26
N ALA A 89 -0.03 2.25 -10.74
CA ALA A 89 -0.32 2.20 -9.31
C ALA A 89 -1.58 1.41 -9.03
N VAL A 90 -1.47 0.41 -8.15
CA VAL A 90 -2.62 -0.42 -7.80
C VAL A 90 -3.24 0.02 -6.48
N SER A 91 -4.55 0.24 -6.49
CA SER A 91 -5.26 0.67 -5.30
C SER A 91 -5.72 -0.53 -4.47
N ALA A 92 -5.97 -0.29 -3.19
CA ALA A 92 -6.42 -1.35 -2.30
C ALA A 92 -7.02 -0.76 -1.01
N THR A 93 -8.34 -0.90 -0.87
CA THR A 93 -9.02 -0.39 0.31
C THR A 93 -9.12 -1.45 1.40
N GLY A 94 -8.80 -1.06 2.63
CA GLY A 94 -8.86 -2.00 3.75
C GLY A 94 -9.29 -1.33 5.03
N GLN A 95 -10.55 -1.55 5.41
CA GLN A 95 -11.09 -0.97 6.63
C GLN A 95 -10.20 -1.29 7.83
N THR A 96 -10.06 -0.33 8.73
CA THR A 96 -9.23 -0.51 9.93
C THR A 96 -10.04 -1.11 11.06
N ALA A 97 -9.36 -1.42 12.17
CA ALA A 97 -10.02 -1.99 13.34
C ALA A 97 -10.70 -0.91 14.17
N CYS A 98 -11.43 -1.34 15.20
CA CYS A 98 -12.14 -0.41 16.07
C CYS A 98 -11.40 -0.26 17.40
N PRO A 99 -11.57 0.90 18.04
CA PRO A 99 -10.93 1.20 19.34
C PRO A 99 -11.52 0.37 20.48
N SER A 100 -12.82 0.08 20.37
CA SER A 100 -13.50 -0.70 21.40
C SER A 100 -13.60 0.08 22.71
N GLY A 101 -13.95 1.36 22.59
CA GLY A 101 -14.07 2.20 23.77
C GLY A 101 -12.82 2.21 24.62
N PRO A 102 -12.94 1.75 25.87
CA PRO A 102 -11.82 1.69 26.80
C PRO A 102 -10.80 0.64 26.42
N SER A 103 -11.29 -0.53 26.01
CA SER A 103 -10.42 -1.64 25.62
C SER A 103 -9.62 -1.28 24.37
N SER A 104 -8.54 -2.01 24.14
CA SER A 104 -7.68 -1.77 22.98
C SER A 104 -7.38 -3.08 22.26
N GLY A 105 -6.77 -2.96 21.08
CA GLY A 105 -6.42 -4.13 20.30
C GLY A 105 -5.94 -5.28 21.16
N GLY A 1 1.23 8.45 -24.82
CA GLY A 1 1.72 7.21 -25.37
C GLY A 1 2.49 6.38 -24.35
N SER A 2 2.35 5.06 -24.43
CA SER A 2 3.03 4.17 -23.50
C SER A 2 4.48 3.95 -23.91
N SER A 3 5.35 4.87 -23.51
CA SER A 3 6.77 4.78 -23.85
C SER A 3 7.43 3.63 -23.11
N GLY A 4 8.51 3.10 -23.69
CA GLY A 4 9.22 2.00 -23.07
C GLY A 4 8.69 0.65 -23.51
N SER A 5 9.44 -0.41 -23.19
CA SER A 5 9.04 -1.76 -23.57
C SER A 5 8.53 -2.53 -22.36
N SER A 6 8.04 -3.74 -22.59
CA SER A 6 7.53 -4.58 -21.52
C SER A 6 8.64 -4.97 -20.54
N GLY A 7 8.44 -4.66 -19.26
CA GLY A 7 9.43 -4.98 -18.26
C GLY A 7 8.96 -4.64 -16.86
N ARG A 8 8.42 -3.45 -16.69
CA ARG A 8 7.93 -3.02 -15.38
C ARG A 8 6.64 -3.74 -15.01
N SER A 9 6.59 -4.24 -13.78
CA SER A 9 5.41 -4.97 -13.30
C SER A 9 4.98 -4.47 -11.93
N PRO A 10 3.74 -3.98 -11.84
CA PRO A 10 3.18 -3.45 -10.59
C PRO A 10 2.93 -4.55 -9.57
N PRO A 11 2.87 -4.17 -8.28
CA PRO A 11 2.62 -5.12 -7.19
C PRO A 11 1.19 -5.65 -7.19
N SER A 12 1.06 -6.97 -7.11
CA SER A 12 -0.25 -7.60 -7.12
C SER A 12 -0.49 -8.37 -5.82
N ASN A 13 -1.66 -8.96 -5.69
CA ASN A 13 -2.01 -9.73 -4.50
C ASN A 13 -2.02 -8.83 -3.26
N LEU A 14 -2.52 -7.61 -3.43
CA LEU A 14 -2.58 -6.65 -2.32
C LEU A 14 -3.51 -7.16 -1.22
N ALA A 15 -3.00 -7.18 0.01
CA ALA A 15 -3.78 -7.62 1.15
C ALA A 15 -3.63 -6.67 2.33
N LEU A 16 -4.72 -6.01 2.69
CA LEU A 16 -4.71 -5.06 3.81
C LEU A 16 -5.16 -5.74 5.09
N ALA A 17 -4.26 -5.80 6.07
CA ALA A 17 -4.54 -6.41 7.36
C ALA A 17 -4.54 -5.37 8.48
N SER A 18 -5.70 -5.21 9.12
CA SER A 18 -5.85 -4.24 10.20
C SER A 18 -5.73 -4.93 11.56
N GLU A 19 -4.59 -4.75 12.22
CA GLU A 19 -4.37 -5.35 13.53
C GLU A 19 -4.66 -4.36 14.64
N THR A 20 -4.63 -3.07 14.31
CA THR A 20 -4.90 -2.03 15.29
C THR A 20 -5.56 -0.82 14.63
N PRO A 21 -6.43 -0.13 15.39
CA PRO A 21 -7.15 1.05 14.91
C PRO A 21 -6.23 2.24 14.71
N ASP A 22 -4.93 2.03 14.93
CA ASP A 22 -3.95 3.10 14.78
C ASP A 22 -2.93 2.74 13.69
N SER A 23 -3.07 1.55 13.13
CA SER A 23 -2.16 1.09 12.08
C SER A 23 -2.85 0.08 11.18
N LEU A 24 -2.38 -0.02 9.94
CA LEU A 24 -2.95 -0.95 8.98
C LEU A 24 -1.86 -1.63 8.16
N GLN A 25 -1.68 -2.93 8.40
CA GLN A 25 -0.66 -3.70 7.69
C GLN A 25 -1.06 -3.92 6.23
N VAL A 26 -0.07 -4.02 5.36
CA VAL A 26 -0.31 -4.23 3.93
C VAL A 26 0.85 -4.97 3.29
N SER A 27 0.53 -6.01 2.52
CA SER A 27 1.53 -6.81 1.84
C SER A 27 1.22 -6.95 0.36
N TRP A 28 2.16 -7.49 -0.40
CA TRP A 28 1.97 -7.67 -1.84
C TRP A 28 3.08 -8.57 -2.41
N THR A 29 2.87 -9.02 -3.65
CA THR A 29 3.85 -9.88 -4.31
C THR A 29 4.78 -9.07 -5.20
N PRO A 30 6.06 -8.98 -4.80
CA PRO A 30 7.08 -8.24 -5.55
C PRO A 30 7.44 -8.91 -6.86
N PRO A 31 7.67 -8.10 -7.90
CA PRO A 31 8.02 -8.61 -9.23
C PRO A 31 9.43 -9.21 -9.27
N LEU A 32 9.94 -9.45 -10.47
CA LEU A 32 11.26 -10.03 -10.64
C LEU A 32 12.27 -8.97 -11.09
N GLY A 33 11.81 -8.04 -11.93
CA GLY A 33 12.68 -6.99 -12.42
C GLY A 33 13.33 -6.22 -11.29
N ARG A 34 14.53 -5.68 -11.55
CA ARG A 34 15.26 -4.92 -10.55
C ARG A 34 14.52 -3.65 -10.18
N VAL A 35 13.80 -3.69 -9.05
CA VAL A 35 13.04 -2.53 -8.58
C VAL A 35 13.77 -1.83 -7.46
N LEU A 36 14.09 -0.55 -7.67
CA LEU A 36 14.78 0.24 -6.67
C LEU A 36 14.01 0.25 -5.35
N HIS A 37 12.83 0.86 -5.37
CA HIS A 37 11.99 0.93 -4.18
C HIS A 37 10.51 0.84 -4.56
N TYR A 38 9.66 0.84 -3.54
CA TYR A 38 8.21 0.75 -3.76
C TYR A 38 7.52 2.02 -3.25
N TRP A 39 7.24 2.94 -4.15
CA TRP A 39 6.57 4.20 -3.80
C TRP A 39 5.16 3.93 -3.29
N LEU A 40 4.99 3.92 -1.98
CA LEU A 40 3.69 3.68 -1.36
C LEU A 40 2.94 5.00 -1.15
N THR A 41 1.62 4.95 -1.36
CA THR A 41 0.79 6.14 -1.20
C THR A 41 -0.58 5.77 -0.64
N TYR A 42 -0.80 6.05 0.63
CA TYR A 42 -2.06 5.75 1.28
C TYR A 42 -2.92 7.01 1.41
N ALA A 43 -4.23 6.81 1.50
CA ALA A 43 -5.17 7.92 1.64
C ALA A 43 -6.44 7.48 2.34
N PRO A 44 -7.28 8.47 2.72
CA PRO A 44 -8.54 8.21 3.40
C PRO A 44 -9.58 7.55 2.49
N ALA A 45 -9.17 7.26 1.27
CA ALA A 45 -10.05 6.64 0.30
C ALA A 45 -11.30 7.48 0.06
N SER A 46 -11.14 8.80 0.16
CA SER A 46 -12.26 9.73 -0.05
C SER A 46 -11.75 11.11 -0.44
N GLY A 47 -12.49 11.77 -1.31
CA GLY A 47 -12.11 13.10 -1.77
C GLY A 47 -12.41 14.17 -0.74
N LEU A 48 -11.70 14.12 0.39
CA LEU A 48 -11.89 15.09 1.45
C LEU A 48 -10.55 15.64 1.94
N GLY A 49 -9.63 14.74 2.24
CA GLY A 49 -8.32 15.15 2.71
C GLY A 49 -7.22 14.83 1.72
N PRO A 50 -6.00 15.33 1.99
CA PRO A 50 -4.84 15.10 1.12
C PRO A 50 -4.36 13.66 1.16
N GLU A 51 -3.55 13.29 0.17
CA GLU A 51 -3.03 11.93 0.09
C GLU A 51 -1.60 11.87 0.63
N LYS A 52 -1.34 10.86 1.47
CA LYS A 52 -0.02 10.69 2.05
C LYS A 52 0.90 9.89 1.13
N SER A 53 2.11 9.62 1.59
CA SER A 53 3.09 8.87 0.80
C SER A 53 4.28 8.47 1.65
N VAL A 54 4.53 7.16 1.71
CA VAL A 54 5.65 6.64 2.50
C VAL A 54 6.52 5.71 1.65
N SER A 55 7.84 5.89 1.75
CA SER A 55 8.78 5.07 1.00
C SER A 55 8.98 3.71 1.67
N VAL A 56 9.24 2.68 0.87
CA VAL A 56 9.45 1.34 1.38
C VAL A 56 10.72 0.72 0.79
N PRO A 57 11.49 0.05 1.66
CA PRO A 57 12.74 -0.60 1.25
C PRO A 57 12.49 -1.82 0.36
N GLY A 58 12.88 -1.70 -0.91
CA GLY A 58 12.68 -2.80 -1.84
C GLY A 58 12.90 -4.15 -1.19
N ALA A 59 13.95 -4.27 -0.40
CA ALA A 59 14.25 -5.53 0.28
C ALA A 59 12.98 -6.27 0.68
N ARG A 60 12.03 -5.53 1.25
CA ARG A 60 10.76 -6.12 1.67
C ARG A 60 9.64 -5.75 0.69
N SER A 61 8.55 -6.52 0.73
CA SER A 61 7.42 -6.28 -0.15
C SER A 61 6.17 -5.94 0.65
N HIS A 62 6.37 -5.31 1.81
CA HIS A 62 5.26 -4.92 2.68
C HIS A 62 5.70 -3.84 3.67
N VAL A 63 4.72 -3.22 4.31
CA VAL A 63 5.01 -2.17 5.30
C VAL A 63 3.74 -1.77 6.05
N THR A 64 3.93 -1.29 7.27
CA THR A 64 2.80 -0.87 8.10
C THR A 64 2.66 0.65 8.11
N LEU A 65 1.42 1.12 8.08
CA LEU A 65 1.15 2.55 8.08
C LEU A 65 0.56 2.99 9.42
N PRO A 66 1.42 3.47 10.32
CA PRO A 66 1.01 3.94 11.65
C PRO A 66 0.20 5.22 11.58
N ASP A 67 -0.24 5.70 12.74
CA ASP A 67 -1.03 6.93 12.82
C ASP A 67 -2.26 6.84 11.94
N LEU A 68 -3.06 5.80 12.15
CA LEU A 68 -4.28 5.59 11.37
C LEU A 68 -5.52 5.73 12.25
N GLN A 69 -6.68 5.78 11.61
CA GLN A 69 -7.94 5.91 12.34
C GLN A 69 -8.61 4.55 12.51
N ALA A 70 -9.82 4.56 13.07
CA ALA A 70 -10.57 3.33 13.28
C ALA A 70 -11.78 3.25 12.36
N ALA A 71 -12.25 2.04 12.09
CA ALA A 71 -13.40 1.83 11.22
C ALA A 71 -13.33 2.73 10.00
N THR A 72 -12.11 3.02 9.54
CA THR A 72 -11.92 3.87 8.38
C THR A 72 -10.84 3.30 7.45
N LYS A 73 -11.28 2.75 6.32
CA LYS A 73 -10.36 2.17 5.35
C LYS A 73 -9.33 3.20 4.89
N TYR A 74 -8.35 2.75 4.11
CA TYR A 74 -7.31 3.63 3.60
C TYR A 74 -6.81 3.16 2.23
N ARG A 75 -7.14 3.92 1.19
CA ARG A 75 -6.73 3.58 -0.16
C ARG A 75 -5.22 3.47 -0.26
N VAL A 76 -4.72 2.24 -0.33
CA VAL A 76 -3.28 2.00 -0.43
C VAL A 76 -2.85 1.82 -1.87
N LEU A 77 -2.09 2.79 -2.38
CA LEU A 77 -1.62 2.75 -3.76
C LEU A 77 -0.12 2.46 -3.80
N VAL A 78 0.25 1.28 -4.28
CA VAL A 78 1.65 0.89 -4.38
C VAL A 78 2.12 0.88 -5.83
N SER A 79 3.41 1.12 -6.02
CA SER A 79 3.97 1.15 -7.37
C SER A 79 5.45 0.72 -7.34
N ALA A 80 5.82 -0.14 -8.26
CA ALA A 80 7.20 -0.62 -8.34
C ALA A 80 8.06 0.34 -9.15
N ILE A 81 9.07 0.92 -8.50
CA ILE A 81 9.96 1.86 -9.16
C ILE A 81 11.12 1.13 -9.84
N TYR A 82 11.43 1.53 -11.06
CA TYR A 82 12.51 0.91 -11.83
C TYR A 82 13.44 1.97 -12.40
N ALA A 83 14.64 1.56 -12.79
CA ALA A 83 15.62 2.46 -13.37
C ALA A 83 14.97 3.41 -14.37
N ALA A 84 14.25 2.84 -15.33
CA ALA A 84 13.57 3.64 -16.34
C ALA A 84 12.40 4.43 -15.74
N GLY A 85 11.48 3.72 -15.10
CA GLY A 85 10.33 4.36 -14.51
C GLY A 85 9.58 3.44 -13.56
N ARG A 86 8.45 3.91 -13.05
CA ARG A 86 7.64 3.13 -12.13
C ARG A 86 6.36 2.64 -12.81
N SER A 87 5.96 1.41 -12.49
CA SER A 87 4.76 0.82 -13.07
C SER A 87 3.51 1.52 -12.56
N GLU A 88 2.36 1.08 -13.05
CA GLU A 88 1.08 1.68 -12.64
C GLU A 88 0.93 1.65 -11.12
N ALA A 89 -0.21 2.12 -10.63
CA ALA A 89 -0.48 2.15 -9.20
C ALA A 89 -1.71 1.33 -8.86
N VAL A 90 -1.55 0.36 -7.97
CA VAL A 90 -2.65 -0.51 -7.57
C VAL A 90 -3.21 -0.08 -6.21
N SER A 91 -4.47 0.34 -6.20
CA SER A 91 -5.12 0.78 -4.97
C SER A 91 -5.74 -0.40 -4.23
N ALA A 92 -6.12 -0.17 -2.97
CA ALA A 92 -6.73 -1.22 -2.16
C ALA A 92 -7.28 -0.63 -0.85
N THR A 93 -8.59 -0.72 -0.68
CA THR A 93 -9.24 -0.21 0.51
C THR A 93 -9.37 -1.29 1.58
N GLY A 94 -8.85 -1.00 2.78
CA GLY A 94 -8.92 -1.97 3.86
C GLY A 94 -9.43 -1.36 5.15
N GLN A 95 -10.74 -1.43 5.37
CA GLN A 95 -11.34 -0.88 6.58
C GLN A 95 -10.56 -1.30 7.82
N THR A 96 -10.08 -0.31 8.56
CA THR A 96 -9.31 -0.58 9.77
C THR A 96 -10.14 -1.33 10.79
N ALA A 97 -9.57 -1.57 11.97
CA ALA A 97 -10.26 -2.28 13.03
C ALA A 97 -11.19 -1.35 13.80
N CYS A 98 -12.27 -1.89 14.34
CA CYS A 98 -13.24 -1.11 15.09
C CYS A 98 -12.93 -1.17 16.59
N PRO A 99 -13.15 -0.05 17.28
CA PRO A 99 -12.90 0.05 18.72
C PRO A 99 -13.90 -0.77 19.55
N SER A 100 -13.52 -1.99 19.87
CA SER A 100 -14.37 -2.87 20.65
C SER A 100 -13.92 -2.93 22.10
N GLY A 101 -14.80 -3.43 22.98
CA GLY A 101 -14.47 -3.53 24.39
C GLY A 101 -14.69 -2.23 25.12
N PRO A 102 -15.00 -2.33 26.42
CA PRO A 102 -15.24 -1.15 27.26
C PRO A 102 -13.96 -0.35 27.53
N SER A 103 -14.13 0.91 27.92
CA SER A 103 -12.99 1.78 28.20
C SER A 103 -12.34 1.42 29.53
N SER A 104 -11.20 0.74 29.46
CA SER A 104 -10.49 0.33 30.66
C SER A 104 -9.84 1.52 31.34
N GLY A 105 -8.99 2.23 30.61
CA GLY A 105 -8.31 3.39 31.14
C GLY A 105 -8.83 4.69 30.57
N GLY A 1 11.39 -3.06 -27.82
CA GLY A 1 11.92 -1.83 -28.39
C GLY A 1 13.07 -1.28 -27.57
N SER A 2 12.74 -0.53 -26.52
CA SER A 2 13.76 0.07 -25.67
C SER A 2 14.36 -0.97 -24.71
N SER A 3 13.50 -1.53 -23.87
CA SER A 3 13.93 -2.54 -22.90
C SER A 3 14.10 -3.89 -23.57
N GLY A 4 13.02 -4.40 -24.15
CA GLY A 4 13.06 -5.68 -24.82
C GLY A 4 11.74 -6.43 -24.73
N SER A 5 11.79 -7.63 -24.16
CA SER A 5 10.59 -8.45 -24.01
C SER A 5 9.79 -8.04 -22.78
N SER A 6 10.49 -7.90 -21.66
CA SER A 6 9.85 -7.52 -20.40
C SER A 6 10.22 -6.08 -20.02
N GLY A 7 9.65 -5.61 -18.91
CA GLY A 7 9.95 -4.26 -18.46
C GLY A 7 9.71 -4.09 -16.97
N ARG A 8 8.56 -3.52 -16.61
CA ARG A 8 8.22 -3.30 -15.21
C ARG A 8 6.88 -3.96 -14.87
N SER A 9 6.86 -4.69 -13.77
CA SER A 9 5.64 -5.37 -13.33
C SER A 9 5.20 -4.86 -11.96
N PRO A 10 3.97 -4.34 -11.90
CA PRO A 10 3.40 -3.82 -10.65
C PRO A 10 3.10 -4.92 -9.64
N PRO A 11 3.02 -4.53 -8.36
CA PRO A 11 2.74 -5.48 -7.26
C PRO A 11 1.30 -5.97 -7.29
N SER A 12 1.14 -7.29 -7.27
CA SER A 12 -0.19 -7.89 -7.29
C SER A 12 -0.50 -8.59 -5.97
N ASN A 13 -1.71 -9.15 -5.87
CA ASN A 13 -2.12 -9.85 -4.66
C ASN A 13 -2.13 -8.90 -3.45
N LEU A 14 -2.72 -7.73 -3.65
CA LEU A 14 -2.79 -6.73 -2.58
C LEU A 14 -3.68 -7.23 -1.44
N ALA A 15 -3.17 -7.11 -0.21
CA ALA A 15 -3.91 -7.55 0.96
C ALA A 15 -3.75 -6.56 2.11
N LEU A 16 -4.85 -5.88 2.45
CA LEU A 16 -4.83 -4.90 3.53
C LEU A 16 -5.25 -5.53 4.84
N ALA A 17 -4.29 -5.77 5.73
CA ALA A 17 -4.56 -6.37 7.02
C ALA A 17 -4.28 -5.38 8.15
N SER A 18 -5.28 -5.15 8.99
CA SER A 18 -5.14 -4.22 10.11
C SER A 18 -4.91 -4.98 11.42
N GLU A 19 -3.81 -4.66 12.09
CA GLU A 19 -3.48 -5.31 13.35
C GLU A 19 -3.80 -4.40 14.54
N THR A 20 -3.95 -3.10 14.26
CA THR A 20 -4.26 -2.13 15.30
C THR A 20 -5.12 -1.01 14.76
N PRO A 21 -5.99 -0.45 15.62
CA PRO A 21 -6.87 0.66 15.24
C PRO A 21 -6.12 1.96 14.99
N ASP A 22 -4.80 1.90 15.07
CA ASP A 22 -3.96 3.07 14.87
C ASP A 22 -2.99 2.84 13.71
N SER A 23 -3.05 1.65 13.12
CA SER A 23 -2.17 1.31 12.00
C SER A 23 -2.78 0.19 11.17
N LEU A 24 -2.47 0.20 9.87
CA LEU A 24 -2.98 -0.82 8.96
C LEU A 24 -1.85 -1.50 8.21
N GLN A 25 -1.80 -2.82 8.30
CA GLN A 25 -0.76 -3.59 7.63
C GLN A 25 -1.15 -3.89 6.18
N VAL A 26 -0.15 -3.84 5.30
CA VAL A 26 -0.39 -4.10 3.88
C VAL A 26 0.78 -4.87 3.25
N SER A 27 0.46 -5.85 2.42
CA SER A 27 1.48 -6.65 1.76
C SER A 27 1.15 -6.85 0.29
N TRP A 28 2.07 -7.48 -0.44
CA TRP A 28 1.88 -7.73 -1.86
C TRP A 28 2.95 -8.66 -2.40
N THR A 29 2.74 -9.17 -3.61
CA THR A 29 3.70 -10.08 -4.24
C THR A 29 4.70 -9.32 -5.10
N PRO A 30 5.94 -9.21 -4.62
CA PRO A 30 7.01 -8.51 -5.34
C PRO A 30 7.46 -9.26 -6.58
N PRO A 31 7.73 -8.51 -7.66
CA PRO A 31 8.17 -9.07 -8.93
C PRO A 31 9.59 -9.64 -8.85
N LEU A 32 10.18 -9.90 -10.01
CA LEU A 32 11.53 -10.45 -10.08
C LEU A 32 12.53 -9.37 -10.49
N GLY A 33 12.06 -8.38 -11.22
CA GLY A 33 12.92 -7.29 -11.66
C GLY A 33 13.52 -6.51 -10.50
N ARG A 34 14.71 -5.97 -10.71
CA ARG A 34 15.39 -5.20 -9.68
C ARG A 34 14.59 -3.94 -9.33
N VAL A 35 13.95 -3.94 -8.17
CA VAL A 35 13.16 -2.81 -7.72
C VAL A 35 13.88 -2.02 -6.63
N LEU A 36 14.21 -0.78 -6.91
CA LEU A 36 14.90 0.08 -5.96
C LEU A 36 14.08 0.24 -4.68
N HIS A 37 12.91 0.85 -4.81
CA HIS A 37 12.02 1.07 -3.67
C HIS A 37 10.58 0.84 -4.06
N TYR A 38 9.68 0.95 -3.08
CA TYR A 38 8.25 0.75 -3.32
C TYR A 38 7.46 1.98 -2.89
N TRP A 39 7.24 2.88 -3.83
CA TRP A 39 6.48 4.11 -3.54
C TRP A 39 5.07 3.78 -3.10
N LEU A 40 4.78 4.02 -1.82
CA LEU A 40 3.45 3.75 -1.27
C LEU A 40 2.68 5.06 -1.08
N THR A 41 1.39 5.02 -1.42
CA THR A 41 0.53 6.18 -1.27
C THR A 41 -0.85 5.79 -0.77
N TYR A 42 -1.12 6.07 0.50
CA TYR A 42 -2.41 5.75 1.10
C TYR A 42 -3.29 6.99 1.22
N ALA A 43 -4.59 6.78 1.39
CA ALA A 43 -5.53 7.88 1.52
C ALA A 43 -6.93 7.37 1.86
N PRO A 44 -7.79 8.28 2.33
CA PRO A 44 -9.17 7.96 2.71
C PRO A 44 -10.03 7.60 1.50
N ALA A 45 -10.22 6.31 1.27
CA ALA A 45 -11.03 5.86 0.14
C ALA A 45 -12.36 6.58 0.09
N SER A 46 -12.90 6.92 1.26
CA SER A 46 -14.18 7.63 1.34
C SER A 46 -13.96 9.14 1.29
N GLY A 47 -13.02 9.58 0.47
CA GLY A 47 -12.73 10.99 0.34
C GLY A 47 -12.91 11.73 1.65
N LEU A 48 -11.95 11.59 2.55
CA LEU A 48 -12.01 12.26 3.84
C LEU A 48 -10.77 13.12 4.08
N GLY A 49 -10.28 13.74 3.01
CA GLY A 49 -9.10 14.58 3.11
C GLY A 49 -8.09 14.30 2.03
N PRO A 50 -6.89 14.89 2.16
CA PRO A 50 -5.81 14.73 1.18
C PRO A 50 -5.22 13.32 1.22
N GLU A 51 -4.19 13.10 0.41
CA GLU A 51 -3.54 11.80 0.35
C GLU A 51 -2.07 11.90 0.79
N LYS A 52 -1.59 10.87 1.46
CA LYS A 52 -0.20 10.83 1.93
C LYS A 52 0.64 9.88 1.09
N SER A 53 1.93 9.81 1.40
CA SER A 53 2.83 8.93 0.67
C SER A 53 4.04 8.56 1.55
N VAL A 54 4.26 7.26 1.72
CA VAL A 54 5.37 6.77 2.52
C VAL A 54 6.27 5.86 1.71
N SER A 55 7.58 6.06 1.83
CA SER A 55 8.56 5.25 1.11
C SER A 55 8.80 3.93 1.82
N VAL A 56 8.96 2.86 1.04
CA VAL A 56 9.21 1.53 1.59
C VAL A 56 10.43 0.89 0.95
N PRO A 57 11.25 0.22 1.78
CA PRO A 57 12.47 -0.45 1.32
C PRO A 57 12.16 -1.69 0.48
N GLY A 58 12.45 -1.61 -0.82
CA GLY A 58 12.20 -2.73 -1.70
C GLY A 58 12.44 -4.07 -1.03
N ALA A 59 13.53 -4.17 -0.28
CA ALA A 59 13.87 -5.40 0.42
C ALA A 59 12.61 -6.12 0.90
N ARG A 60 11.68 -5.36 1.46
CA ARG A 60 10.43 -5.93 1.96
C ARG A 60 9.26 -5.56 1.05
N SER A 61 8.34 -6.50 0.87
CA SER A 61 7.17 -6.29 0.03
C SER A 61 5.93 -6.00 0.87
N HIS A 62 6.13 -5.33 2.01
CA HIS A 62 5.03 -4.99 2.89
C HIS A 62 5.46 -3.90 3.88
N VAL A 63 4.48 -3.16 4.39
CA VAL A 63 4.75 -2.10 5.35
C VAL A 63 3.50 -1.72 6.13
N THR A 64 3.67 -1.19 7.33
CA THR A 64 2.56 -0.78 8.17
C THR A 64 2.40 0.73 8.18
N LEU A 65 1.15 1.19 8.05
CA LEU A 65 0.86 2.61 8.05
C LEU A 65 0.23 3.05 9.37
N PRO A 66 1.07 3.54 10.28
CA PRO A 66 0.62 4.00 11.60
C PRO A 66 -0.21 5.29 11.51
N ASP A 67 -0.67 5.77 12.66
CA ASP A 67 -1.47 6.98 12.72
C ASP A 67 -2.72 6.85 11.86
N LEU A 68 -3.51 5.81 12.12
CA LEU A 68 -4.74 5.57 11.37
C LEU A 68 -5.94 5.55 12.30
N GLN A 69 -7.14 5.57 11.71
CA GLN A 69 -8.37 5.56 12.49
C GLN A 69 -9.01 4.17 12.48
N ALA A 70 -10.09 4.01 13.24
CA ALA A 70 -10.78 2.73 13.32
C ALA A 70 -12.06 2.76 12.47
N ALA A 71 -12.46 1.59 12.00
CA ALA A 71 -13.67 1.47 11.18
C ALA A 71 -13.60 2.40 9.98
N THR A 72 -12.40 2.54 9.40
CA THR A 72 -12.21 3.40 8.25
C THR A 72 -11.10 2.88 7.35
N LYS A 73 -11.48 2.30 6.22
CA LYS A 73 -10.52 1.75 5.27
C LYS A 73 -9.60 2.84 4.72
N TYR A 74 -8.61 2.45 3.96
CA TYR A 74 -7.66 3.39 3.37
C TYR A 74 -7.11 2.88 2.05
N ARG A 75 -7.36 3.62 0.97
CA ARG A 75 -6.87 3.24 -0.34
C ARG A 75 -5.35 3.24 -0.40
N VAL A 76 -4.76 2.06 -0.30
CA VAL A 76 -3.31 1.92 -0.33
C VAL A 76 -2.82 1.67 -1.75
N LEU A 77 -2.18 2.68 -2.34
CA LEU A 77 -1.66 2.57 -3.70
C LEU A 77 -0.15 2.37 -3.68
N VAL A 78 0.31 1.23 -4.20
CA VAL A 78 1.73 0.92 -4.25
C VAL A 78 2.22 0.82 -5.69
N SER A 79 3.46 1.23 -5.92
CA SER A 79 4.04 1.19 -7.25
C SER A 79 5.51 0.78 -7.19
N ALA A 80 5.90 -0.16 -8.04
CA ALA A 80 7.28 -0.64 -8.08
C ALA A 80 8.17 0.31 -8.88
N ILE A 81 9.27 0.74 -8.27
CA ILE A 81 10.19 1.65 -8.93
C ILE A 81 11.34 0.88 -9.59
N TYR A 82 11.80 1.38 -10.74
CA TYR A 82 12.89 0.74 -11.47
C TYR A 82 13.84 1.78 -12.03
N ALA A 83 14.98 1.32 -12.53
CA ALA A 83 15.99 2.21 -13.11
C ALA A 83 15.39 3.07 -14.21
N ALA A 84 14.61 2.45 -15.09
CA ALA A 84 13.98 3.16 -16.19
C ALA A 84 12.80 3.98 -15.71
N GLY A 85 11.96 3.37 -14.88
CA GLY A 85 10.79 4.06 -14.37
C GLY A 85 9.93 3.18 -13.49
N ARG A 86 8.96 3.78 -12.80
CA ARG A 86 8.07 3.04 -11.93
C ARG A 86 6.84 2.54 -12.68
N SER A 87 6.34 1.36 -12.30
CA SER A 87 5.18 0.77 -12.95
C SER A 87 3.90 1.45 -12.47
N GLU A 88 2.78 1.03 -13.05
CA GLU A 88 1.47 1.59 -12.68
C GLU A 88 1.26 1.53 -11.18
N ALA A 89 0.10 2.00 -10.72
CA ALA A 89 -0.22 1.99 -9.31
C ALA A 89 -1.46 1.15 -9.03
N VAL A 90 -1.35 0.24 -8.06
CA VAL A 90 -2.46 -0.62 -7.70
C VAL A 90 -3.11 -0.18 -6.40
N SER A 91 -4.40 0.13 -6.46
CA SER A 91 -5.14 0.59 -5.28
C SER A 91 -5.76 -0.60 -4.55
N ALA A 92 -6.20 -0.36 -3.31
CA ALA A 92 -6.82 -1.40 -2.50
C ALA A 92 -7.38 -0.83 -1.21
N THR A 93 -8.64 -1.15 -0.93
CA THR A 93 -9.29 -0.67 0.28
C THR A 93 -9.26 -1.72 1.38
N GLY A 94 -9.04 -1.27 2.62
CA GLY A 94 -8.99 -2.18 3.74
C GLY A 94 -9.45 -1.54 5.04
N GLN A 95 -10.69 -1.81 5.42
CA GLN A 95 -11.26 -1.25 6.65
C GLN A 95 -10.34 -1.52 7.83
N THR A 96 -10.05 -0.48 8.61
CA THR A 96 -9.19 -0.60 9.77
C THR A 96 -9.82 -1.50 10.83
N ALA A 97 -9.15 -1.63 11.97
CA ALA A 97 -9.65 -2.46 13.05
C ALA A 97 -10.67 -1.71 13.89
N CYS A 98 -11.87 -2.27 13.98
CA CYS A 98 -12.95 -1.65 14.75
C CYS A 98 -12.86 -2.03 16.23
N PRO A 99 -13.05 -1.04 17.12
CA PRO A 99 -13.00 -1.26 18.56
C PRO A 99 -14.18 -2.08 19.07
N SER A 100 -15.37 -1.73 18.63
CA SER A 100 -16.58 -2.43 19.05
C SER A 100 -17.69 -2.26 18.01
N GLY A 101 -18.37 -3.37 17.71
CA GLY A 101 -19.45 -3.33 16.74
C GLY A 101 -20.82 -3.21 17.39
N PRO A 102 -21.76 -2.57 16.68
CA PRO A 102 -23.12 -2.37 17.17
C PRO A 102 -23.91 -3.67 17.24
N SER A 103 -23.85 -4.35 18.39
CA SER A 103 -24.56 -5.61 18.57
C SER A 103 -25.20 -5.68 19.95
N SER A 104 -26.51 -5.92 19.98
CA SER A 104 -27.24 -6.00 21.24
C SER A 104 -27.48 -7.46 21.63
N GLY A 105 -26.73 -7.94 22.61
CA GLY A 105 -26.88 -9.31 23.07
C GLY A 105 -26.10 -9.58 24.33
N GLY A 1 2.72 -6.13 -31.93
CA GLY A 1 4.15 -5.91 -31.86
C GLY A 1 4.60 -5.50 -30.47
N SER A 2 4.95 -4.22 -30.32
CA SER A 2 5.41 -3.71 -29.03
C SER A 2 4.41 -2.70 -28.46
N SER A 3 3.69 -3.11 -27.43
CA SER A 3 2.70 -2.24 -26.79
C SER A 3 2.64 -2.51 -25.29
N GLY A 4 2.30 -1.46 -24.53
CA GLY A 4 2.20 -1.60 -23.09
C GLY A 4 3.53 -1.38 -22.39
N SER A 5 3.60 -1.75 -21.12
CA SER A 5 4.82 -1.58 -20.34
C SER A 5 5.87 -2.62 -20.75
N SER A 6 7.13 -2.19 -20.74
CA SER A 6 8.24 -3.07 -21.11
C SER A 6 9.35 -3.02 -20.06
N GLY A 7 9.39 -4.04 -19.22
CA GLY A 7 10.41 -4.10 -18.18
C GLY A 7 9.92 -3.55 -16.85
N ARG A 8 8.61 -3.66 -16.62
CA ARG A 8 8.01 -3.16 -15.39
C ARG A 8 6.77 -3.98 -15.03
N SER A 9 6.59 -4.25 -13.74
CA SER A 9 5.45 -5.02 -13.26
C SER A 9 4.98 -4.51 -11.91
N PRO A 10 3.72 -4.05 -11.87
CA PRO A 10 3.11 -3.52 -10.64
C PRO A 10 2.86 -4.61 -9.60
N PRO A 11 2.77 -4.19 -8.32
CA PRO A 11 2.53 -5.12 -7.21
C PRO A 11 1.11 -5.69 -7.23
N SER A 12 1.02 -7.01 -7.20
CA SER A 12 -0.28 -7.68 -7.21
C SER A 12 -0.51 -8.44 -5.91
N ASN A 13 -1.69 -9.06 -5.79
CA ASN A 13 -2.03 -9.81 -4.59
C ASN A 13 -2.05 -8.91 -3.36
N LEU A 14 -2.48 -7.66 -3.55
CA LEU A 14 -2.55 -6.70 -2.46
C LEU A 14 -3.43 -7.23 -1.32
N ALA A 15 -2.87 -7.25 -0.12
CA ALA A 15 -3.60 -7.73 1.05
C ALA A 15 -3.49 -6.73 2.21
N LEU A 16 -4.61 -6.09 2.53
CA LEU A 16 -4.63 -5.11 3.62
C LEU A 16 -5.11 -5.76 4.91
N ALA A 17 -4.24 -5.77 5.92
CA ALA A 17 -4.57 -6.34 7.22
C ALA A 17 -4.63 -5.28 8.30
N SER A 18 -5.72 -5.28 9.06
CA SER A 18 -5.91 -4.30 10.13
C SER A 18 -5.80 -4.96 11.49
N GLU A 19 -4.66 -4.76 12.15
CA GLU A 19 -4.43 -5.34 13.47
C GLU A 19 -4.73 -4.32 14.57
N THR A 20 -4.75 -3.05 14.22
CA THR A 20 -5.02 -1.98 15.17
C THR A 20 -5.48 -0.71 14.46
N PRO A 21 -6.38 0.03 15.12
CA PRO A 21 -6.93 1.28 14.57
C PRO A 21 -5.88 2.39 14.52
N ASP A 22 -4.65 2.05 14.86
CA ASP A 22 -3.56 3.02 14.86
C ASP A 22 -2.62 2.79 13.67
N SER A 23 -2.60 1.55 13.19
CA SER A 23 -1.73 1.20 12.06
C SER A 23 -2.42 0.16 11.17
N LEU A 24 -2.08 0.19 9.88
CA LEU A 24 -2.65 -0.74 8.92
C LEU A 24 -1.56 -1.48 8.15
N GLN A 25 -1.53 -2.79 8.29
CA GLN A 25 -0.54 -3.61 7.60
C GLN A 25 -0.94 -3.86 6.16
N VAL A 26 0.05 -3.81 5.26
CA VAL A 26 -0.21 -4.03 3.84
C VAL A 26 0.97 -4.73 3.18
N SER A 27 0.69 -5.82 2.47
CA SER A 27 1.73 -6.58 1.79
C SER A 27 1.38 -6.78 0.32
N TRP A 28 2.26 -7.46 -0.40
CA TRP A 28 2.05 -7.71 -1.82
C TRP A 28 3.10 -8.68 -2.37
N THR A 29 2.92 -9.10 -3.62
CA THR A 29 3.86 -10.02 -4.25
C THR A 29 4.84 -9.27 -5.16
N PRO A 30 6.11 -9.25 -4.76
CA PRO A 30 7.16 -8.56 -5.52
C PRO A 30 7.49 -9.28 -6.83
N PRO A 31 7.67 -8.50 -7.90
CA PRO A 31 7.99 -9.03 -9.22
C PRO A 31 9.39 -9.63 -9.29
N LEU A 32 9.89 -9.84 -10.50
CA LEU A 32 11.22 -10.40 -10.71
C LEU A 32 12.25 -9.29 -10.87
N GLY A 33 11.95 -8.33 -11.75
CA GLY A 33 12.87 -7.24 -11.98
C GLY A 33 13.27 -6.52 -10.70
N ARG A 34 14.42 -5.85 -10.72
CA ARG A 34 14.91 -5.14 -9.56
C ARG A 34 14.08 -3.88 -9.30
N VAL A 35 13.51 -3.79 -8.11
CA VAL A 35 12.69 -2.63 -7.75
C VAL A 35 13.40 -1.76 -6.72
N LEU A 36 14.04 -0.70 -7.20
CA LEU A 36 14.77 0.23 -6.33
C LEU A 36 13.99 0.44 -5.02
N HIS A 37 12.77 0.94 -5.14
CA HIS A 37 11.93 1.20 -3.97
C HIS A 37 10.45 1.08 -4.32
N TYR A 38 9.62 0.89 -3.31
CA TYR A 38 8.19 0.75 -3.51
C TYR A 38 7.46 2.02 -3.08
N TRP A 39 7.16 2.88 -4.04
CA TRP A 39 6.45 4.14 -3.76
C TRP A 39 5.04 3.87 -3.24
N LEU A 40 4.87 3.95 -1.93
CA LEU A 40 3.57 3.73 -1.31
C LEU A 40 2.85 5.04 -1.07
N THR A 41 1.53 5.03 -1.24
CA THR A 41 0.71 6.21 -1.04
C THR A 41 -0.66 5.85 -0.47
N TYR A 42 -0.89 6.22 0.78
CA TYR A 42 -2.16 5.93 1.43
C TYR A 42 -2.94 7.22 1.70
N ALA A 43 -4.26 7.12 1.65
CA ALA A 43 -5.13 8.27 1.89
C ALA A 43 -6.59 7.87 1.91
N PRO A 44 -7.45 8.77 2.41
CA PRO A 44 -8.90 8.52 2.48
C PRO A 44 -9.56 8.50 1.11
N ALA A 45 -9.98 7.31 0.69
CA ALA A 45 -10.64 7.16 -0.61
C ALA A 45 -11.78 8.15 -0.76
N SER A 46 -12.54 8.36 0.31
CA SER A 46 -13.67 9.29 0.28
C SER A 46 -13.26 10.62 -0.33
N GLY A 47 -12.01 11.03 -0.09
CA GLY A 47 -11.52 12.28 -0.61
C GLY A 47 -11.93 13.48 0.23
N LEU A 48 -11.45 13.51 1.47
CA LEU A 48 -11.77 14.60 2.37
C LEU A 48 -10.51 15.12 3.07
N GLY A 49 -9.35 14.68 2.58
CA GLY A 49 -8.09 15.12 3.16
C GLY A 49 -6.95 15.03 2.18
N PRO A 50 -5.74 15.37 2.64
CA PRO A 50 -4.53 15.35 1.81
C PRO A 50 -4.10 13.93 1.45
N GLU A 51 -3.03 13.81 0.68
CA GLU A 51 -2.51 12.51 0.27
C GLU A 51 -1.14 12.25 0.88
N LYS A 52 -1.02 11.15 1.61
CA LYS A 52 0.24 10.78 2.24
C LYS A 52 1.07 9.87 1.33
N SER A 53 2.29 9.58 1.76
CA SER A 53 3.18 8.72 0.98
C SER A 53 4.38 8.30 1.82
N VAL A 54 4.59 6.99 1.91
CA VAL A 54 5.71 6.44 2.68
C VAL A 54 6.59 5.55 1.80
N SER A 55 7.90 5.80 1.86
CA SER A 55 8.85 5.04 1.07
C SER A 55 9.13 3.68 1.72
N VAL A 56 9.40 2.68 0.90
CA VAL A 56 9.68 1.34 1.38
C VAL A 56 10.79 0.67 0.58
N PRO A 57 11.74 0.04 1.27
CA PRO A 57 12.87 -0.64 0.65
C PRO A 57 12.44 -1.91 -0.10
N GLY A 58 12.68 -1.92 -1.40
CA GLY A 58 12.31 -3.07 -2.22
C GLY A 58 12.58 -4.38 -1.50
N ALA A 59 13.66 -4.43 -0.74
CA ALA A 59 14.03 -5.63 0.00
C ALA A 59 12.80 -6.31 0.60
N ARG A 60 11.88 -5.50 1.11
CA ARG A 60 10.66 -6.03 1.71
C ARG A 60 9.45 -5.77 0.82
N SER A 61 8.45 -6.64 0.91
CA SER A 61 7.24 -6.50 0.10
C SER A 61 6.03 -6.21 0.97
N HIS A 62 6.28 -5.67 2.16
CA HIS A 62 5.21 -5.35 3.09
C HIS A 62 5.61 -4.20 4.01
N VAL A 63 4.62 -3.46 4.51
CA VAL A 63 4.87 -2.34 5.40
C VAL A 63 3.62 -1.95 6.17
N THR A 64 3.80 -1.26 7.29
CA THR A 64 2.68 -0.84 8.13
C THR A 64 2.58 0.69 8.17
N LEU A 65 1.36 1.19 8.08
CA LEU A 65 1.13 2.64 8.11
C LEU A 65 0.55 3.07 9.45
N PRO A 66 1.44 3.51 10.35
CA PRO A 66 1.05 3.97 11.70
C PRO A 66 0.28 5.27 11.66
N ASP A 67 -0.08 5.78 12.83
CA ASP A 67 -0.83 7.03 12.94
C ASP A 67 -2.10 6.98 12.10
N LEU A 68 -2.92 5.97 12.34
CA LEU A 68 -4.17 5.81 11.60
C LEU A 68 -5.38 5.93 12.52
N GLN A 69 -6.56 6.08 11.93
CA GLN A 69 -7.79 6.20 12.71
C GLN A 69 -8.52 4.86 12.79
N ALA A 70 -9.70 4.87 13.39
CA ALA A 70 -10.50 3.67 13.53
C ALA A 70 -11.79 3.75 12.72
N ALA A 71 -12.26 2.61 12.24
CA ALA A 71 -13.48 2.56 11.45
C ALA A 71 -13.38 3.46 10.22
N THR A 72 -12.32 3.25 9.42
CA THR A 72 -12.11 4.05 8.23
C THR A 72 -11.24 3.30 7.22
N LYS A 73 -11.53 3.49 5.94
CA LYS A 73 -10.77 2.85 4.88
C LYS A 73 -9.57 3.69 4.46
N TYR A 74 -8.72 3.13 3.61
CA TYR A 74 -7.53 3.83 3.14
C TYR A 74 -7.05 3.26 1.81
N ARG A 75 -7.17 4.06 0.75
CA ARG A 75 -6.75 3.63 -0.58
C ARG A 75 -5.23 3.52 -0.66
N VAL A 76 -4.73 2.32 -0.41
CA VAL A 76 -3.28 2.08 -0.45
C VAL A 76 -2.80 1.88 -1.89
N LEU A 77 -2.22 2.92 -2.47
CA LEU A 77 -1.71 2.86 -3.83
C LEU A 77 -0.22 2.56 -3.85
N VAL A 78 0.13 1.34 -4.23
CA VAL A 78 1.53 0.93 -4.29
C VAL A 78 2.01 0.82 -5.74
N SER A 79 3.24 1.26 -5.99
CA SER A 79 3.81 1.22 -7.33
C SER A 79 5.25 0.75 -7.28
N ALA A 80 5.63 -0.07 -8.26
CA ALA A 80 6.99 -0.59 -8.34
C ALA A 80 7.90 0.36 -9.10
N ILE A 81 8.98 0.79 -8.44
CA ILE A 81 9.93 1.70 -9.06
C ILE A 81 11.09 0.94 -9.70
N TYR A 82 11.46 1.35 -10.92
CA TYR A 82 12.54 0.70 -11.64
C TYR A 82 13.53 1.73 -12.18
N ALA A 83 14.74 1.28 -12.50
CA ALA A 83 15.77 2.16 -13.03
C ALA A 83 15.21 3.09 -14.10
N ALA A 84 14.44 2.52 -15.02
CA ALA A 84 13.84 3.29 -16.11
C ALA A 84 12.66 4.12 -15.60
N GLY A 85 11.72 3.45 -14.93
CA GLY A 85 10.55 4.14 -14.41
C GLY A 85 9.78 3.29 -13.42
N ARG A 86 8.58 3.74 -13.06
CA ARG A 86 7.74 3.02 -12.12
C ARG A 86 6.45 2.53 -12.79
N SER A 87 6.08 1.29 -12.51
CA SER A 87 4.88 0.71 -13.09
C SER A 87 3.63 1.42 -12.58
N GLU A 88 2.47 1.01 -13.10
CA GLU A 88 1.20 1.61 -12.69
C GLU A 88 1.02 1.53 -11.17
N ALA A 89 -0.11 2.03 -10.69
CA ALA A 89 -0.41 2.01 -9.27
C ALA A 89 -1.68 1.21 -8.98
N VAL A 90 -1.60 0.32 -8.00
CA VAL A 90 -2.73 -0.52 -7.62
C VAL A 90 -3.38 -0.01 -6.34
N SER A 91 -4.69 0.26 -6.41
CA SER A 91 -5.43 0.75 -5.26
C SER A 91 -5.94 -0.40 -4.40
N ALA A 92 -6.18 -0.13 -3.13
CA ALA A 92 -6.66 -1.14 -2.20
C ALA A 92 -7.26 -0.51 -0.95
N THR A 93 -8.55 -0.74 -0.72
CA THR A 93 -9.24 -0.19 0.44
C THR A 93 -9.27 -1.19 1.58
N GLY A 94 -8.65 -0.82 2.71
CA GLY A 94 -8.61 -1.70 3.86
C GLY A 94 -9.13 -1.02 5.11
N GLN A 95 -10.40 -1.24 5.42
CA GLN A 95 -11.01 -0.64 6.61
C GLN A 95 -10.21 -0.98 7.86
N THR A 96 -9.94 0.03 8.69
CA THR A 96 -9.19 -0.16 9.92
C THR A 96 -9.99 -0.97 10.93
N ALA A 97 -9.36 -1.26 12.07
CA ALA A 97 -10.02 -2.03 13.12
C ALA A 97 -10.96 -1.14 13.94
N CYS A 98 -12.19 -1.61 14.12
CA CYS A 98 -13.18 -0.86 14.88
C CYS A 98 -13.00 -1.08 16.38
N PRO A 99 -13.07 0.01 17.15
CA PRO A 99 -12.91 -0.03 18.61
C PRO A 99 -14.10 -0.70 19.29
N SER A 100 -14.06 -0.74 20.62
CA SER A 100 -15.13 -1.35 21.40
C SER A 100 -16.14 -0.30 21.86
N GLY A 101 -15.64 0.77 22.46
CA GLY A 101 -16.51 1.83 22.94
C GLY A 101 -16.70 1.79 24.44
N PRO A 102 -17.83 2.34 24.91
CA PRO A 102 -18.16 2.39 26.34
C PRO A 102 -18.48 1.01 26.90
N SER A 103 -19.10 0.17 26.07
CA SER A 103 -19.46 -1.18 26.50
C SER A 103 -18.26 -2.12 26.42
N SER A 104 -18.14 -2.98 27.43
CA SER A 104 -17.03 -3.92 27.48
C SER A 104 -17.54 -5.37 27.48
N GLY A 105 -17.87 -5.87 26.29
CA GLY A 105 -18.36 -7.22 26.17
C GLY A 105 -17.53 -8.22 26.96
N GLY A 1 -2.74 4.84 -31.14
CA GLY A 1 -3.45 4.26 -30.01
C GLY A 1 -2.53 3.96 -28.85
N SER A 2 -2.85 2.90 -28.11
CA SER A 2 -2.06 2.51 -26.95
C SER A 2 -1.32 1.20 -27.21
N SER A 3 -0.03 1.17 -26.91
CA SER A 3 0.78 -0.02 -27.11
C SER A 3 2.15 0.14 -26.46
N GLY A 4 2.88 -0.98 -26.36
CA GLY A 4 4.20 -0.94 -25.76
C GLY A 4 4.84 -2.31 -25.68
N SER A 5 5.58 -2.56 -24.62
CA SER A 5 6.26 -3.84 -24.43
C SER A 5 6.39 -4.18 -22.96
N SER A 6 6.61 -5.46 -22.66
CA SER A 6 6.75 -5.92 -21.28
C SER A 6 7.94 -5.25 -20.61
N GLY A 7 8.03 -5.40 -19.29
CA GLY A 7 9.13 -4.81 -18.55
C GLY A 7 8.82 -4.67 -17.08
N ARG A 8 8.33 -3.51 -16.67
CA ARG A 8 8.00 -3.26 -15.27
C ARG A 8 6.72 -3.99 -14.88
N SER A 9 6.70 -4.51 -13.66
CA SER A 9 5.53 -5.24 -13.16
C SER A 9 5.07 -4.67 -11.82
N PRO A 10 3.83 -4.17 -11.79
CA PRO A 10 3.24 -3.59 -10.58
C PRO A 10 2.95 -4.65 -9.52
N PRO A 11 2.86 -4.20 -8.25
CA PRO A 11 2.59 -5.09 -7.12
C PRO A 11 1.16 -5.63 -7.14
N SER A 12 1.02 -6.95 -7.18
CA SER A 12 -0.29 -7.59 -7.20
C SER A 12 -0.54 -8.36 -5.92
N ASN A 13 -1.72 -8.95 -5.81
CA ASN A 13 -2.09 -9.72 -4.63
C ASN A 13 -2.13 -8.82 -3.39
N LEU A 14 -2.56 -7.59 -3.56
CA LEU A 14 -2.64 -6.63 -2.46
C LEU A 14 -3.55 -7.15 -1.35
N ALA A 15 -3.02 -7.26 -0.15
CA ALA A 15 -3.79 -7.75 0.99
C ALA A 15 -3.65 -6.81 2.18
N LEU A 16 -4.69 -6.03 2.44
CA LEU A 16 -4.67 -5.08 3.56
C LEU A 16 -5.15 -5.74 4.84
N ALA A 17 -4.25 -5.88 5.80
CA ALA A 17 -4.57 -6.49 7.09
C ALA A 17 -4.49 -5.48 8.22
N SER A 18 -5.59 -5.31 8.94
CA SER A 18 -5.65 -4.37 10.05
C SER A 18 -5.45 -5.09 11.38
N GLU A 19 -4.36 -4.78 12.06
CA GLU A 19 -4.05 -5.39 13.35
C GLU A 19 -4.37 -4.44 14.50
N THR A 20 -4.13 -3.15 14.27
CA THR A 20 -4.39 -2.13 15.28
C THR A 20 -5.18 -0.96 14.70
N PRO A 21 -6.05 -0.37 15.53
CA PRO A 21 -6.88 0.77 15.13
C PRO A 21 -6.06 2.04 14.92
N ASP A 22 -4.75 1.90 15.00
CA ASP A 22 -3.85 3.04 14.82
C ASP A 22 -2.87 2.79 13.68
N SER A 23 -2.90 1.56 13.15
CA SER A 23 -2.00 1.19 12.06
C SER A 23 -2.66 0.13 11.16
N LEU A 24 -2.31 0.17 9.88
CA LEU A 24 -2.86 -0.78 8.92
C LEU A 24 -1.75 -1.49 8.15
N GLN A 25 -1.70 -2.82 8.28
CA GLN A 25 -0.69 -3.61 7.61
C GLN A 25 -1.07 -3.86 6.14
N VAL A 26 -0.09 -3.76 5.26
CA VAL A 26 -0.33 -3.98 3.83
C VAL A 26 0.81 -4.76 3.19
N SER A 27 0.47 -5.84 2.48
CA SER A 27 1.46 -6.68 1.84
C SER A 27 1.14 -6.85 0.35
N TRP A 28 2.07 -7.44 -0.38
CA TRP A 28 1.89 -7.66 -1.81
C TRP A 28 2.94 -8.63 -2.34
N THR A 29 2.74 -9.09 -3.58
CA THR A 29 3.67 -10.03 -4.21
C THR A 29 4.66 -9.29 -5.10
N PRO A 30 5.93 -9.26 -4.67
CA PRO A 30 7.01 -8.60 -5.42
C PRO A 30 7.36 -9.33 -6.71
N PRO A 31 7.56 -8.56 -7.78
CA PRO A 31 7.91 -9.11 -9.10
C PRO A 31 9.31 -9.70 -9.13
N LEU A 32 9.74 -10.11 -10.32
CA LEU A 32 11.07 -10.69 -10.49
C LEU A 32 12.12 -9.61 -10.73
N GLY A 33 11.77 -8.63 -11.58
CA GLY A 33 12.69 -7.56 -11.88
C GLY A 33 13.10 -6.78 -10.64
N ARG A 34 14.40 -6.53 -10.51
CA ARG A 34 14.92 -5.80 -9.37
C ARG A 34 14.19 -4.46 -9.19
N VAL A 35 13.62 -4.26 -8.01
CA VAL A 35 12.89 -3.04 -7.71
C VAL A 35 13.59 -2.23 -6.62
N LEU A 36 14.16 -1.10 -7.00
CA LEU A 36 14.86 -0.23 -6.06
C LEU A 36 14.04 -0.04 -4.78
N HIS A 37 12.90 0.64 -4.91
CA HIS A 37 12.03 0.88 -3.77
C HIS A 37 10.56 0.81 -4.19
N TYR A 38 9.67 0.82 -3.21
CA TYR A 38 8.24 0.76 -3.47
C TYR A 38 7.53 2.01 -2.96
N TRP A 39 7.17 2.89 -3.89
CA TRP A 39 6.48 4.13 -3.53
C TRP A 39 5.05 3.85 -3.07
N LEU A 40 4.82 3.94 -1.77
CA LEU A 40 3.49 3.69 -1.21
C LEU A 40 2.75 5.01 -0.99
N THR A 41 1.47 5.03 -1.37
CA THR A 41 0.65 6.23 -1.20
C THR A 41 -0.76 5.86 -0.76
N TYR A 42 -1.05 6.11 0.51
CA TYR A 42 -2.37 5.80 1.06
C TYR A 42 -3.22 7.06 1.16
N ALA A 43 -4.53 6.90 0.96
CA ALA A 43 -5.45 8.03 1.03
C ALA A 43 -6.83 7.58 1.50
N PRO A 44 -7.66 8.53 1.94
CA PRO A 44 -9.01 8.26 2.42
C PRO A 44 -9.95 7.84 1.30
N ALA A 45 -9.41 7.75 0.08
CA ALA A 45 -10.20 7.36 -1.08
C ALA A 45 -11.39 8.30 -1.28
N SER A 46 -11.15 9.59 -1.06
CA SER A 46 -12.20 10.60 -1.22
C SER A 46 -11.84 11.60 -2.30
N GLY A 47 -10.56 11.99 -2.34
CA GLY A 47 -10.11 12.94 -3.33
C GLY A 47 -10.03 14.35 -2.80
N LEU A 48 -11.01 14.72 -1.97
CA LEU A 48 -11.06 16.05 -1.39
C LEU A 48 -9.85 16.30 -0.49
N GLY A 49 -9.49 15.29 0.29
CA GLY A 49 -8.35 15.42 1.18
C GLY A 49 -7.04 14.99 0.51
N PRO A 50 -5.92 15.53 1.01
CA PRO A 50 -4.59 15.22 0.48
C PRO A 50 -4.15 13.79 0.80
N GLU A 51 -3.38 13.20 -0.11
CA GLU A 51 -2.91 11.83 0.08
C GLU A 51 -1.43 11.82 0.48
N LYS A 52 -1.08 10.95 1.42
CA LYS A 52 0.29 10.84 1.90
C LYS A 52 1.08 9.86 1.04
N SER A 53 2.37 9.74 1.31
CA SER A 53 3.24 8.84 0.57
C SER A 53 4.45 8.45 1.41
N VAL A 54 4.50 7.17 1.79
CA VAL A 54 5.61 6.66 2.59
C VAL A 54 6.53 5.77 1.75
N SER A 55 7.84 5.93 1.96
CA SER A 55 8.82 5.14 1.22
C SER A 55 9.03 3.78 1.88
N VAL A 56 9.30 2.77 1.06
CA VAL A 56 9.53 1.41 1.55
C VAL A 56 10.77 0.80 0.94
N PRO A 57 11.58 0.12 1.76
CA PRO A 57 12.82 -0.53 1.32
C PRO A 57 12.54 -1.74 0.44
N GLY A 58 12.90 -1.62 -0.84
CA GLY A 58 12.68 -2.72 -1.77
C GLY A 58 12.91 -4.08 -1.13
N ALA A 59 13.93 -4.17 -0.28
CA ALA A 59 14.24 -5.43 0.40
C ALA A 59 12.97 -6.16 0.81
N ARG A 60 12.02 -5.43 1.38
CA ARG A 60 10.76 -6.01 1.82
C ARG A 60 9.63 -5.63 0.87
N SER A 61 8.56 -6.42 0.88
CA SER A 61 7.41 -6.17 0.02
C SER A 61 6.17 -5.85 0.84
N HIS A 62 6.37 -5.15 1.96
CA HIS A 62 5.27 -4.79 2.84
C HIS A 62 5.69 -3.69 3.81
N VAL A 63 4.71 -3.03 4.42
CA VAL A 63 4.98 -1.97 5.37
C VAL A 63 3.71 -1.56 6.13
N THR A 64 3.88 -1.15 7.38
CA THR A 64 2.75 -0.74 8.21
C THR A 64 2.60 0.78 8.21
N LEU A 65 1.37 1.23 8.04
CA LEU A 65 1.07 2.66 8.02
C LEU A 65 0.43 3.11 9.33
N PRO A 66 1.27 3.61 10.26
CA PRO A 66 0.81 4.09 11.56
C PRO A 66 -0.01 5.36 11.46
N ASP A 67 -0.60 5.78 12.58
CA ASP A 67 -1.40 6.99 12.62
C ASP A 67 -2.65 6.84 11.75
N LEU A 68 -3.40 5.77 12.00
CA LEU A 68 -4.62 5.50 11.24
C LEU A 68 -5.83 5.44 12.17
N GLN A 69 -7.01 5.32 11.58
CA GLN A 69 -8.25 5.24 12.34
C GLN A 69 -8.57 3.79 12.70
N ALA A 70 -9.75 3.59 13.30
CA ALA A 70 -10.18 2.25 13.70
C ALA A 70 -11.23 1.71 12.74
N ALA A 71 -12.05 2.61 12.20
CA ALA A 71 -13.11 2.23 11.27
C ALA A 71 -13.14 3.16 10.06
N THR A 72 -12.11 3.07 9.22
CA THR A 72 -12.02 3.92 8.04
C THR A 72 -11.23 3.22 6.93
N LYS A 73 -11.68 3.38 5.69
CA LYS A 73 -11.00 2.77 4.55
C LYS A 73 -9.87 3.66 4.06
N TYR A 74 -8.80 3.04 3.58
CA TYR A 74 -7.64 3.76 3.08
C TYR A 74 -7.15 3.17 1.76
N ARG A 75 -7.29 3.93 0.67
CA ARG A 75 -6.86 3.48 -0.64
C ARG A 75 -5.34 3.36 -0.70
N VAL A 76 -4.82 2.15 -0.50
CA VAL A 76 -3.39 1.92 -0.54
C VAL A 76 -2.90 1.76 -1.97
N LEU A 77 -2.19 2.76 -2.46
CA LEU A 77 -1.65 2.74 -3.82
C LEU A 77 -0.17 2.40 -3.82
N VAL A 78 0.17 1.21 -4.32
CA VAL A 78 1.56 0.78 -4.38
C VAL A 78 2.05 0.70 -5.82
N SER A 79 3.31 1.06 -6.03
CA SER A 79 3.90 1.04 -7.36
C SER A 79 5.39 0.70 -7.29
N ALA A 80 5.79 -0.33 -8.03
CA ALA A 80 7.18 -0.77 -8.05
C ALA A 80 8.04 0.20 -8.85
N ILE A 81 9.15 0.63 -8.26
CA ILE A 81 10.06 1.56 -8.93
C ILE A 81 11.25 0.82 -9.52
N TYR A 82 11.55 1.12 -10.79
CA TYR A 82 12.66 0.49 -11.49
C TYR A 82 13.64 1.54 -12.02
N ALA A 83 14.80 1.07 -12.47
CA ALA A 83 15.82 1.97 -13.01
C ALA A 83 15.25 2.86 -14.11
N ALA A 84 14.48 2.25 -15.01
CA ALA A 84 13.87 2.98 -16.12
C ALA A 84 12.71 3.85 -15.64
N GLY A 85 11.78 3.23 -14.91
CA GLY A 85 10.62 3.94 -14.40
C GLY A 85 9.74 3.08 -13.53
N ARG A 86 8.80 3.72 -12.83
CA ARG A 86 7.90 2.99 -11.94
C ARG A 86 6.67 2.51 -12.71
N SER A 87 6.18 1.32 -12.36
CA SER A 87 5.01 0.75 -13.00
C SER A 87 3.74 1.41 -12.51
N GLU A 88 2.61 1.06 -13.12
CA GLU A 88 1.32 1.61 -12.75
C GLU A 88 1.11 1.52 -11.23
N ALA A 89 -0.01 2.04 -10.76
CA ALA A 89 -0.33 2.01 -9.35
C ALA A 89 -1.59 1.21 -9.07
N VAL A 90 -1.51 0.29 -8.12
CA VAL A 90 -2.66 -0.55 -7.77
C VAL A 90 -3.34 -0.05 -6.50
N SER A 91 -4.64 0.17 -6.59
CA SER A 91 -5.42 0.66 -5.46
C SER A 91 -6.07 -0.49 -4.70
N ALA A 92 -6.31 -0.30 -3.41
CA ALA A 92 -6.93 -1.32 -2.58
C ALA A 92 -7.41 -0.73 -1.25
N THR A 93 -8.72 -0.86 -1.00
CA THR A 93 -9.31 -0.34 0.22
C THR A 93 -9.24 -1.37 1.35
N GLY A 94 -8.85 -0.91 2.53
CA GLY A 94 -8.74 -1.81 3.67
C GLY A 94 -9.11 -1.13 4.97
N GLN A 95 -10.38 -1.21 5.34
CA GLN A 95 -10.86 -0.59 6.57
C GLN A 95 -9.97 -0.98 7.75
N THR A 96 -9.89 -0.10 8.75
CA THR A 96 -9.08 -0.34 9.93
C THR A 96 -9.86 -1.14 10.97
N ALA A 97 -9.16 -1.54 12.04
CA ALA A 97 -9.79 -2.30 13.11
C ALA A 97 -10.60 -1.39 14.02
N CYS A 98 -11.86 -1.76 14.25
CA CYS A 98 -12.75 -0.98 15.11
C CYS A 98 -12.18 -0.89 16.52
N PRO A 99 -12.67 0.10 17.29
CA PRO A 99 -12.23 0.33 18.67
C PRO A 99 -12.70 -0.77 19.61
N SER A 100 -13.38 -1.77 19.06
CA SER A 100 -13.88 -2.88 19.85
C SER A 100 -12.74 -3.68 20.46
N GLY A 101 -11.90 -4.25 19.60
CA GLY A 101 -10.78 -5.04 20.07
C GLY A 101 -11.21 -6.32 20.75
N PRO A 102 -10.35 -6.85 21.64
CA PRO A 102 -10.62 -8.08 22.37
C PRO A 102 -11.73 -7.91 23.40
N SER A 103 -12.93 -8.37 23.06
CA SER A 103 -14.07 -8.27 23.96
C SER A 103 -14.16 -9.49 24.87
N SER A 104 -14.14 -9.25 26.18
CA SER A 104 -14.22 -10.33 27.16
C SER A 104 -15.51 -11.12 26.99
N GLY A 105 -15.39 -12.43 26.89
CA GLY A 105 -16.56 -13.29 26.73
C GLY A 105 -17.29 -13.03 25.42
N GLY A 1 -6.71 -4.14 -28.06
CA GLY A 1 -6.09 -3.86 -26.78
C GLY A 1 -5.41 -5.08 -26.19
N SER A 2 -4.10 -4.98 -25.97
CA SER A 2 -3.34 -6.09 -25.41
C SER A 2 -2.51 -5.62 -24.22
N SER A 3 -2.89 -6.06 -23.04
CA SER A 3 -2.19 -5.69 -21.81
C SER A 3 -1.16 -6.75 -21.43
N GLY A 4 0.11 -6.42 -21.62
CA GLY A 4 1.18 -7.35 -21.30
C GLY A 4 2.40 -6.66 -20.74
N SER A 5 2.58 -6.73 -19.43
CA SER A 5 3.72 -6.10 -18.77
C SER A 5 5.03 -6.58 -19.38
N SER A 6 5.84 -5.64 -19.85
CA SER A 6 7.13 -5.96 -20.46
C SER A 6 8.25 -5.12 -19.86
N GLY A 7 8.86 -5.63 -18.80
CA GLY A 7 9.94 -4.92 -18.14
C GLY A 7 9.56 -4.43 -16.76
N ARG A 8 8.45 -3.70 -16.67
CA ARG A 8 7.98 -3.19 -15.39
C ARG A 8 6.65 -3.82 -15.00
N SER A 9 6.65 -4.53 -13.87
CA SER A 9 5.45 -5.19 -13.38
C SER A 9 5.05 -4.67 -12.01
N PRO A 10 3.83 -4.12 -11.91
CA PRO A 10 3.31 -3.57 -10.66
C PRO A 10 3.01 -4.65 -9.62
N PRO A 11 2.95 -4.26 -8.35
CA PRO A 11 2.67 -5.17 -7.25
C PRO A 11 1.23 -5.68 -7.26
N SER A 12 1.08 -7.00 -7.25
CA SER A 12 -0.23 -7.62 -7.26
C SER A 12 -0.48 -8.41 -5.97
N ASN A 13 -1.68 -8.98 -5.87
CA ASN A 13 -2.05 -9.75 -4.69
C ASN A 13 -2.04 -8.89 -3.43
N LEU A 14 -2.55 -7.67 -3.56
CA LEU A 14 -2.60 -6.73 -2.44
C LEU A 14 -3.49 -7.28 -1.32
N ALA A 15 -2.98 -7.25 -0.09
CA ALA A 15 -3.73 -7.73 1.05
C ALA A 15 -3.61 -6.76 2.23
N LEU A 16 -4.68 -6.02 2.49
CA LEU A 16 -4.69 -5.06 3.60
C LEU A 16 -5.20 -5.70 4.88
N ALA A 17 -4.35 -5.76 5.89
CA ALA A 17 -4.72 -6.35 7.17
C ALA A 17 -4.74 -5.30 8.27
N SER A 18 -5.80 -5.29 9.07
CA SER A 18 -5.93 -4.34 10.16
C SER A 18 -5.78 -5.02 11.52
N GLU A 19 -4.70 -4.70 12.22
CA GLU A 19 -4.43 -5.28 13.53
C GLU A 19 -4.69 -4.27 14.65
N THR A 20 -4.48 -3.00 14.33
CA THR A 20 -4.69 -1.93 15.31
C THR A 20 -5.32 -0.71 14.66
N PRO A 21 -6.18 -0.01 15.41
CA PRO A 21 -6.86 1.20 14.93
C PRO A 21 -5.92 2.38 14.76
N ASP A 22 -4.64 2.14 15.02
CA ASP A 22 -3.63 3.19 14.89
C ASP A 22 -2.64 2.86 13.78
N SER A 23 -2.80 1.67 13.20
CA SER A 23 -1.91 1.23 12.12
C SER A 23 -2.57 0.13 11.30
N LEU A 24 -2.26 0.08 10.01
CA LEU A 24 -2.81 -0.91 9.10
C LEU A 24 -1.71 -1.65 8.36
N GLN A 25 -1.75 -2.98 8.41
CA GLN A 25 -0.75 -3.80 7.74
C GLN A 25 -1.08 -3.95 6.25
N VAL A 26 -0.05 -3.95 5.42
CA VAL A 26 -0.23 -4.09 3.98
C VAL A 26 0.95 -4.81 3.34
N SER A 27 0.64 -5.84 2.55
CA SER A 27 1.67 -6.63 1.89
C SER A 27 1.35 -6.80 0.40
N TRP A 28 2.26 -7.47 -0.31
CA TRP A 28 2.07 -7.70 -1.74
C TRP A 28 3.14 -8.64 -2.28
N THR A 29 3.00 -9.01 -3.55
CA THR A 29 3.96 -9.91 -4.19
C THR A 29 4.91 -9.13 -5.11
N PRO A 30 6.22 -9.23 -4.83
CA PRO A 30 7.25 -8.55 -5.62
C PRO A 30 7.40 -9.15 -7.01
N PRO A 31 7.58 -8.27 -8.01
CA PRO A 31 7.75 -8.69 -9.41
C PRO A 31 9.08 -9.39 -9.65
N LEU A 32 9.25 -9.91 -10.85
CA LEU A 32 10.49 -10.61 -11.22
C LEU A 32 11.65 -9.64 -11.30
N GLY A 33 11.45 -8.53 -12.00
CA GLY A 33 12.50 -7.53 -12.14
C GLY A 33 12.70 -6.72 -10.88
N ARG A 34 13.94 -6.64 -10.43
CA ARG A 34 14.26 -5.89 -9.21
C ARG A 34 13.51 -4.56 -9.19
N VAL A 35 13.31 -4.03 -7.99
CA VAL A 35 12.61 -2.77 -7.82
C VAL A 35 13.39 -1.82 -6.91
N LEU A 36 13.98 -0.79 -7.51
CA LEU A 36 14.76 0.18 -6.75
C LEU A 36 14.10 0.48 -5.41
N HIS A 37 12.83 0.88 -5.46
CA HIS A 37 12.08 1.20 -4.25
C HIS A 37 10.57 1.09 -4.49
N TYR A 38 9.82 0.88 -3.42
CA TYR A 38 8.37 0.75 -3.52
C TYR A 38 7.68 2.01 -3.02
N TRP A 39 7.17 2.81 -3.95
CA TRP A 39 6.48 4.05 -3.60
C TRP A 39 5.04 3.78 -3.19
N LEU A 40 4.78 3.83 -1.89
CA LEU A 40 3.44 3.58 -1.36
C LEU A 40 2.70 4.89 -1.11
N THR A 41 1.43 4.94 -1.52
CA THR A 41 0.62 6.14 -1.33
C THR A 41 -0.71 5.81 -0.67
N TYR A 42 -0.71 5.75 0.66
CA TYR A 42 -1.92 5.43 1.41
C TYR A 42 -2.73 6.69 1.70
N ALA A 43 -4.04 6.54 1.80
CA ALA A 43 -4.92 7.67 2.08
C ALA A 43 -6.37 7.20 2.29
N PRO A 44 -7.19 8.06 2.88
CA PRO A 44 -8.60 7.76 3.16
C PRO A 44 -9.43 7.70 1.88
N ALA A 45 -9.76 6.49 1.45
CA ALA A 45 -10.55 6.29 0.24
C ALA A 45 -11.64 7.35 0.12
N SER A 46 -12.12 7.84 1.26
CA SER A 46 -13.16 8.86 1.28
C SER A 46 -12.93 9.88 0.17
N GLY A 47 -11.67 10.26 -0.03
CA GLY A 47 -11.34 11.23 -1.07
C GLY A 47 -11.21 12.63 -0.51
N LEU A 48 -12.08 12.98 0.43
CA LEU A 48 -12.06 14.30 1.04
C LEU A 48 -10.73 14.57 1.72
N GLY A 49 -10.17 13.53 2.34
CA GLY A 49 -8.89 13.67 3.01
C GLY A 49 -7.73 13.81 2.06
N PRO A 50 -6.59 14.29 2.57
CA PRO A 50 -5.37 14.49 1.76
C PRO A 50 -4.74 13.16 1.34
N GLU A 51 -3.59 13.25 0.67
CA GLU A 51 -2.89 12.05 0.21
C GLU A 51 -1.49 11.98 0.82
N LYS A 52 -1.13 10.78 1.30
CA LYS A 52 0.17 10.58 1.91
C LYS A 52 0.98 9.53 1.14
N SER A 53 2.26 9.41 1.46
CA SER A 53 3.13 8.46 0.79
C SER A 53 4.27 8.03 1.72
N VAL A 54 4.70 6.79 1.57
CA VAL A 54 5.79 6.25 2.39
C VAL A 54 6.69 5.32 1.57
N SER A 55 7.99 5.61 1.58
CA SER A 55 8.95 4.81 0.84
C SER A 55 9.19 3.46 1.54
N VAL A 56 9.45 2.43 0.74
CA VAL A 56 9.69 1.10 1.27
C VAL A 56 10.85 0.42 0.56
N PRO A 57 11.70 -0.28 1.32
CA PRO A 57 12.86 -0.99 0.78
C PRO A 57 12.46 -2.20 -0.06
N GLY A 58 12.62 -2.09 -1.37
CA GLY A 58 12.27 -3.19 -2.25
C GLY A 58 12.53 -4.54 -1.62
N ALA A 59 13.61 -4.65 -0.86
CA ALA A 59 13.97 -5.90 -0.20
C ALA A 59 12.73 -6.60 0.33
N ARG A 60 11.90 -5.87 1.06
CA ARG A 60 10.67 -6.44 1.64
C ARG A 60 9.46 -6.09 0.77
N SER A 61 8.41 -6.88 0.89
CA SER A 61 7.19 -6.66 0.13
C SER A 61 6.01 -6.37 1.05
N HIS A 62 6.31 -5.83 2.23
CA HIS A 62 5.27 -5.50 3.21
C HIS A 62 5.68 -4.30 4.05
N VAL A 63 4.69 -3.52 4.47
CA VAL A 63 4.96 -2.34 5.29
C VAL A 63 3.74 -1.98 6.15
N THR A 64 3.96 -1.15 7.16
CA THR A 64 2.89 -0.74 8.06
C THR A 64 2.71 0.78 8.03
N LEU A 65 1.46 1.22 7.99
CA LEU A 65 1.15 2.65 7.96
C LEU A 65 0.59 3.11 9.30
N PRO A 66 1.47 3.63 10.16
CA PRO A 66 1.10 4.12 11.49
C PRO A 66 0.25 5.39 11.41
N ASP A 67 -0.18 5.88 12.57
CA ASP A 67 -0.98 7.09 12.64
C ASP A 67 -2.26 6.94 11.81
N LEU A 68 -3.01 5.88 12.08
CA LEU A 68 -4.25 5.62 11.35
C LEU A 68 -5.47 5.86 12.24
N GLN A 69 -6.65 5.82 11.64
CA GLN A 69 -7.89 6.04 12.38
C GLN A 69 -8.60 4.70 12.63
N ALA A 70 -9.78 4.78 13.26
CA ALA A 70 -10.56 3.59 13.57
C ALA A 70 -11.83 3.54 12.72
N ALA A 71 -12.08 2.39 12.10
CA ALA A 71 -13.26 2.21 11.26
C ALA A 71 -13.19 3.10 10.02
N THR A 72 -12.03 3.12 9.38
CA THR A 72 -11.83 3.94 8.18
C THR A 72 -10.74 3.35 7.30
N LYS A 73 -11.15 2.73 6.19
CA LYS A 73 -10.21 2.13 5.26
C LYS A 73 -9.19 3.17 4.76
N TYR A 74 -8.26 2.72 3.93
CA TYR A 74 -7.23 3.60 3.39
C TYR A 74 -6.76 3.12 2.03
N ARG A 75 -7.14 3.84 0.99
CA ARG A 75 -6.75 3.49 -0.37
C ARG A 75 -5.23 3.43 -0.52
N VAL A 76 -4.67 2.24 -0.33
CA VAL A 76 -3.22 2.05 -0.43
C VAL A 76 -2.80 1.88 -1.89
N LEU A 77 -2.17 2.92 -2.44
CA LEU A 77 -1.71 2.88 -3.82
C LEU A 77 -0.20 2.63 -3.88
N VAL A 78 0.17 1.42 -4.31
CA VAL A 78 1.57 1.06 -4.42
C VAL A 78 2.03 1.06 -5.88
N SER A 79 3.32 1.31 -6.08
CA SER A 79 3.88 1.36 -7.44
C SER A 79 5.35 0.94 -7.42
N ALA A 80 5.69 -0.04 -8.26
CA ALA A 80 7.06 -0.53 -8.35
C ALA A 80 7.93 0.44 -9.14
N ILE A 81 9.04 0.86 -8.54
CA ILE A 81 9.96 1.77 -9.20
C ILE A 81 11.13 1.02 -9.83
N TYR A 82 11.49 1.41 -11.05
CA TYR A 82 12.60 0.77 -11.75
C TYR A 82 13.56 1.82 -12.32
N ALA A 83 14.71 1.35 -12.79
CA ALA A 83 15.71 2.24 -13.37
C ALA A 83 15.12 3.09 -14.48
N ALA A 84 14.33 2.46 -15.34
CA ALA A 84 13.70 3.16 -16.46
C ALA A 84 12.51 3.97 -15.99
N GLY A 85 11.73 3.41 -15.08
CA GLY A 85 10.55 4.10 -14.57
C GLY A 85 9.73 3.23 -13.64
N ARG A 86 8.66 3.80 -13.10
CA ARG A 86 7.79 3.07 -12.19
C ARG A 86 6.54 2.58 -12.91
N SER A 87 6.01 1.44 -12.48
CA SER A 87 4.82 0.87 -13.10
C SER A 87 3.56 1.53 -12.56
N GLU A 88 2.41 1.16 -13.12
CA GLU A 88 1.13 1.72 -12.69
C GLU A 88 0.95 1.57 -11.18
N ALA A 89 -0.05 2.25 -10.65
CA ALA A 89 -0.34 2.20 -9.22
C ALA A 89 -1.55 1.31 -8.93
N VAL A 90 -1.44 0.47 -7.91
CA VAL A 90 -2.51 -0.44 -7.54
C VAL A 90 -3.19 0.04 -6.25
N SER A 91 -4.48 0.37 -6.35
CA SER A 91 -5.24 0.83 -5.20
C SER A 91 -5.85 -0.34 -4.45
N ALA A 92 -6.12 -0.14 -3.16
CA ALA A 92 -6.70 -1.18 -2.32
C ALA A 92 -7.28 -0.59 -1.04
N THR A 93 -8.55 -0.86 -0.79
CA THR A 93 -9.22 -0.36 0.41
C THR A 93 -9.23 -1.40 1.51
N GLY A 94 -8.71 -1.03 2.68
CA GLY A 94 -8.67 -1.94 3.80
C GLY A 94 -9.19 -1.32 5.09
N GLN A 95 -10.48 -1.47 5.33
CA GLN A 95 -11.11 -0.92 6.52
C GLN A 95 -10.29 -1.25 7.77
N THR A 96 -9.97 -0.23 8.55
CA THR A 96 -9.19 -0.42 9.76
C THR A 96 -10.01 -1.10 10.85
N ALA A 97 -9.41 -1.29 12.02
CA ALA A 97 -10.09 -1.93 13.13
C ALA A 97 -10.91 -0.93 13.93
N CYS A 98 -11.86 -1.43 14.71
CA CYS A 98 -12.71 -0.57 15.53
C CYS A 98 -12.44 -0.80 17.01
N PRO A 99 -12.60 0.27 17.81
CA PRO A 99 -12.37 0.21 19.26
C PRO A 99 -13.45 -0.60 19.98
N SER A 100 -14.61 -0.73 19.35
CA SER A 100 -15.71 -1.48 19.93
C SER A 100 -15.26 -2.88 20.35
N GLY A 101 -15.97 -3.45 21.31
CA GLY A 101 -15.63 -4.78 21.79
C GLY A 101 -16.44 -5.87 21.12
N PRO A 102 -16.54 -7.03 21.79
CA PRO A 102 -17.30 -8.18 21.26
C PRO A 102 -18.80 -7.93 21.26
N SER A 103 -19.54 -8.80 20.58
CA SER A 103 -20.99 -8.68 20.50
C SER A 103 -21.57 -8.24 21.84
N SER A 104 -21.08 -8.84 22.91
CA SER A 104 -21.55 -8.52 24.26
C SER A 104 -21.07 -7.14 24.68
N GLY A 105 -19.83 -6.81 24.34
CA GLY A 105 -19.28 -5.52 24.70
C GLY A 105 -18.68 -5.50 26.09
N GLY A 1 19.50 -3.93 -28.31
CA GLY A 1 18.81 -2.94 -29.13
C GLY A 1 17.34 -3.27 -29.30
N SER A 2 17.06 -4.41 -29.91
CA SER A 2 15.68 -4.83 -30.14
C SER A 2 14.95 -5.06 -28.82
N SER A 3 15.62 -5.73 -27.89
CA SER A 3 15.03 -6.01 -26.59
C SER A 3 14.90 -4.74 -25.76
N GLY A 4 14.20 -4.85 -24.64
CA GLY A 4 14.00 -3.70 -23.77
C GLY A 4 12.67 -3.01 -24.02
N SER A 5 11.59 -3.76 -23.90
CA SER A 5 10.25 -3.22 -24.11
C SER A 5 9.46 -3.20 -22.81
N SER A 6 9.53 -4.29 -22.06
CA SER A 6 8.81 -4.40 -20.79
C SER A 6 9.79 -4.36 -19.62
N GLY A 7 9.24 -4.30 -18.40
CA GLY A 7 10.07 -4.25 -17.21
C GLY A 7 9.30 -3.82 -15.98
N ARG A 8 8.44 -2.82 -16.15
CA ARG A 8 7.65 -2.30 -15.05
C ARG A 8 6.52 -3.28 -14.68
N SER A 9 6.50 -3.68 -13.41
CA SER A 9 5.49 -4.61 -12.92
C SER A 9 4.99 -4.20 -11.54
N PRO A 10 3.71 -3.80 -11.48
CA PRO A 10 3.07 -3.37 -10.24
C PRO A 10 2.84 -4.53 -9.28
N PRO A 11 2.80 -4.22 -7.97
CA PRO A 11 2.59 -5.22 -6.92
C PRO A 11 1.17 -5.79 -6.94
N SER A 12 1.07 -7.11 -7.07
CA SER A 12 -0.22 -7.78 -7.11
C SER A 12 -0.47 -8.54 -5.81
N ASN A 13 -1.64 -9.16 -5.71
CA ASN A 13 -2.01 -9.93 -4.53
C ASN A 13 -2.07 -9.02 -3.31
N LEU A 14 -2.52 -7.79 -3.50
CA LEU A 14 -2.63 -6.83 -2.42
C LEU A 14 -3.57 -7.34 -1.32
N ALA A 15 -3.12 -7.26 -0.07
CA ALA A 15 -3.92 -7.72 1.06
C ALA A 15 -3.75 -6.79 2.26
N LEU A 16 -4.81 -6.04 2.57
CA LEU A 16 -4.78 -5.11 3.69
C LEU A 16 -5.24 -5.79 4.98
N ALA A 17 -4.36 -5.84 5.97
CA ALA A 17 -4.68 -6.46 7.25
C ALA A 17 -4.71 -5.42 8.36
N SER A 18 -5.84 -5.34 9.07
CA SER A 18 -6.00 -4.39 10.16
C SER A 18 -5.81 -5.07 11.51
N GLU A 19 -4.74 -4.70 12.21
CA GLU A 19 -4.44 -5.29 13.51
C GLU A 19 -4.72 -4.29 14.63
N THR A 20 -4.56 -3.00 14.33
CA THR A 20 -4.80 -1.95 15.30
C THR A 20 -5.38 -0.71 14.64
N PRO A 21 -6.24 0.02 15.38
CA PRO A 21 -6.88 1.24 14.89
C PRO A 21 -5.89 2.39 14.72
N ASP A 22 -4.62 2.11 14.98
CA ASP A 22 -3.57 3.13 14.86
C ASP A 22 -2.63 2.78 13.71
N SER A 23 -2.75 1.58 13.17
CA SER A 23 -1.90 1.14 12.07
C SER A 23 -2.61 0.07 11.24
N LEU A 24 -2.23 -0.02 9.97
CA LEU A 24 -2.82 -0.99 9.07
C LEU A 24 -1.75 -1.72 8.27
N GLN A 25 -1.72 -3.06 8.39
CA GLN A 25 -0.74 -3.86 7.69
C GLN A 25 -1.10 -4.01 6.22
N VAL A 26 -0.09 -4.05 5.35
CA VAL A 26 -0.32 -4.19 3.92
C VAL A 26 0.82 -4.96 3.27
N SER A 27 0.47 -6.07 2.62
CA SER A 27 1.47 -6.90 1.95
C SER A 27 1.15 -7.04 0.46
N TRP A 28 2.08 -7.63 -0.29
CA TRP A 28 1.89 -7.83 -1.71
C TRP A 28 3.02 -8.66 -2.30
N THR A 29 2.84 -9.10 -3.54
CA THR A 29 3.84 -9.92 -4.21
C THR A 29 4.74 -9.08 -5.10
N PRO A 30 6.03 -9.00 -4.75
CA PRO A 30 7.01 -8.21 -5.51
C PRO A 30 7.32 -8.84 -6.87
N PRO A 31 7.51 -7.98 -7.88
CA PRO A 31 7.81 -8.42 -9.24
C PRO A 31 9.21 -9.01 -9.36
N LEU A 32 9.61 -9.33 -10.60
CA LEU A 32 10.93 -9.90 -10.84
C LEU A 32 11.94 -8.81 -11.22
N GLY A 33 11.50 -7.88 -12.06
CA GLY A 33 12.37 -6.80 -12.49
C GLY A 33 13.04 -6.11 -11.32
N ARG A 34 14.25 -5.60 -11.55
CA ARG A 34 15.00 -4.90 -10.50
C ARG A 34 14.28 -3.62 -10.08
N VAL A 35 13.51 -3.72 -8.99
CA VAL A 35 12.78 -2.56 -8.48
C VAL A 35 13.54 -1.88 -7.34
N LEU A 36 14.00 -0.66 -7.59
CA LEU A 36 14.74 0.09 -6.59
C LEU A 36 13.98 0.15 -5.27
N HIS A 37 12.87 0.87 -5.27
CA HIS A 37 12.04 1.01 -4.08
C HIS A 37 10.56 0.88 -4.42
N TYR A 38 9.72 0.87 -3.39
CA TYR A 38 8.28 0.74 -3.59
C TYR A 38 7.55 2.00 -3.11
N TRP A 39 7.32 2.93 -4.04
CA TRP A 39 6.63 4.18 -3.71
C TRP A 39 5.22 3.90 -3.21
N LEU A 40 5.01 4.09 -1.90
CA LEU A 40 3.70 3.86 -1.31
C LEU A 40 2.91 5.17 -1.20
N THR A 41 1.59 5.07 -1.15
CA THR A 41 0.72 6.23 -1.05
C THR A 41 -0.69 5.84 -0.63
N TYR A 42 -1.02 6.11 0.62
CA TYR A 42 -2.35 5.77 1.15
C TYR A 42 -3.24 7.01 1.18
N ALA A 43 -4.53 6.79 1.36
CA ALA A 43 -5.49 7.88 1.42
C ALA A 43 -6.79 7.45 2.11
N PRO A 44 -7.66 8.42 2.41
CA PRO A 44 -8.94 8.16 3.07
C PRO A 44 -9.92 7.44 2.16
N ALA A 45 -9.46 7.08 0.96
CA ALA A 45 -10.30 6.38 0.00
C ALA A 45 -11.49 7.23 -0.42
N SER A 46 -11.31 8.55 -0.38
CA SER A 46 -12.37 9.48 -0.75
C SER A 46 -12.11 10.10 -2.12
N GLY A 47 -10.87 10.55 -2.32
CA GLY A 47 -10.51 11.17 -3.58
C GLY A 47 -10.42 12.67 -3.50
N LEU A 48 -11.31 13.27 -2.73
CA LEU A 48 -11.33 14.72 -2.56
C LEU A 48 -10.28 15.17 -1.55
N GLY A 49 -10.03 14.33 -0.55
CA GLY A 49 -9.04 14.65 0.46
C GLY A 49 -7.63 14.38 0.00
N PRO A 50 -6.65 14.84 0.79
CA PRO A 50 -5.23 14.66 0.47
C PRO A 50 -4.78 13.21 0.60
N GLU A 51 -3.56 12.92 0.17
CA GLU A 51 -3.03 11.56 0.24
C GLU A 51 -1.56 11.58 0.66
N LYS A 52 -1.24 10.81 1.69
CA LYS A 52 0.13 10.74 2.19
C LYS A 52 0.99 9.84 1.30
N SER A 53 2.24 9.62 1.71
CA SER A 53 3.15 8.79 0.95
C SER A 53 4.32 8.33 1.83
N VAL A 54 4.74 7.09 1.64
CA VAL A 54 5.86 6.53 2.41
C VAL A 54 6.76 5.68 1.52
N SER A 55 8.06 5.76 1.77
CA SER A 55 9.04 4.99 1.01
C SER A 55 9.26 3.61 1.61
N VAL A 56 9.47 2.62 0.75
CA VAL A 56 9.69 1.25 1.21
C VAL A 56 10.86 0.61 0.47
N PRO A 57 11.77 -0.01 1.22
CA PRO A 57 12.95 -0.67 0.66
C PRO A 57 12.58 -1.94 -0.11
N GLY A 58 13.09 -2.05 -1.34
CA GLY A 58 12.80 -3.22 -2.15
C GLY A 58 12.98 -4.52 -1.39
N ALA A 59 13.93 -4.53 -0.45
CA ALA A 59 14.19 -5.73 0.35
C ALA A 59 12.89 -6.35 0.85
N ARG A 60 11.99 -5.52 1.35
CA ARG A 60 10.71 -5.99 1.85
C ARG A 60 9.59 -5.69 0.86
N SER A 61 8.58 -6.56 0.84
CA SER A 61 7.45 -6.39 -0.07
C SER A 61 6.20 -5.96 0.69
N HIS A 62 6.40 -5.47 1.91
CA HIS A 62 5.29 -5.02 2.74
C HIS A 62 5.68 -3.81 3.57
N VAL A 63 4.70 -3.19 4.21
CA VAL A 63 4.94 -2.01 5.04
C VAL A 63 3.75 -1.70 5.93
N THR A 64 3.99 -0.99 7.02
CA THR A 64 2.93 -0.62 7.95
C THR A 64 2.73 0.89 7.99
N LEU A 65 1.47 1.31 7.92
CA LEU A 65 1.14 2.73 7.94
C LEU A 65 0.62 3.15 9.32
N PRO A 66 1.52 3.69 10.14
CA PRO A 66 1.17 4.15 11.50
C PRO A 66 0.28 5.39 11.48
N ASP A 67 0.00 5.92 12.67
CA ASP A 67 -0.84 7.10 12.79
C ASP A 67 -2.11 6.97 11.94
N LEU A 68 -2.83 5.88 12.11
CA LEU A 68 -4.05 5.63 11.36
C LEU A 68 -5.29 5.80 12.24
N GLN A 69 -6.45 5.91 11.60
CA GLN A 69 -7.70 6.07 12.33
C GLN A 69 -8.40 4.74 12.53
N ALA A 70 -9.60 4.77 13.10
CA ALA A 70 -10.36 3.55 13.34
C ALA A 70 -11.62 3.51 12.47
N ALA A 71 -12.08 2.30 12.18
CA ALA A 71 -13.27 2.13 11.35
C ALA A 71 -13.24 3.03 10.13
N THR A 72 -12.09 3.05 9.45
CA THR A 72 -11.93 3.88 8.26
C THR A 72 -10.87 3.30 7.32
N LYS A 73 -11.33 2.71 6.22
CA LYS A 73 -10.43 2.11 5.25
C LYS A 73 -9.43 3.14 4.72
N TYR A 74 -8.36 2.66 4.10
CA TYR A 74 -7.33 3.54 3.55
C TYR A 74 -6.84 3.03 2.19
N ARG A 75 -7.18 3.75 1.14
CA ARG A 75 -6.78 3.38 -0.21
C ARG A 75 -5.26 3.35 -0.34
N VAL A 76 -4.68 2.17 -0.23
CA VAL A 76 -3.23 2.00 -0.32
C VAL A 76 -2.80 1.86 -1.79
N LEU A 77 -2.00 2.81 -2.25
CA LEU A 77 -1.52 2.80 -3.63
C LEU A 77 -0.02 2.52 -3.67
N VAL A 78 0.35 1.35 -4.21
CA VAL A 78 1.75 0.97 -4.31
C VAL A 78 2.19 0.88 -5.77
N SER A 79 3.42 1.33 -6.03
CA SER A 79 3.96 1.30 -7.39
C SER A 79 5.43 0.87 -7.38
N ALA A 80 5.77 -0.01 -8.30
CA ALA A 80 7.14 -0.51 -8.40
C ALA A 80 8.01 0.47 -9.18
N ILE A 81 9.06 0.97 -8.52
CA ILE A 81 9.97 1.92 -9.16
C ILE A 81 11.10 1.18 -9.90
N TYR A 82 11.55 1.77 -10.99
CA TYR A 82 12.62 1.18 -11.79
C TYR A 82 13.52 2.25 -12.39
N ALA A 83 14.73 1.86 -12.79
CA ALA A 83 15.68 2.79 -13.38
C ALA A 83 15.00 3.67 -14.42
N ALA A 84 14.26 3.04 -15.34
CA ALA A 84 13.58 3.78 -16.39
C ALA A 84 12.39 4.55 -15.83
N GLY A 85 11.52 3.86 -15.09
CA GLY A 85 10.36 4.50 -14.51
C GLY A 85 9.71 3.66 -13.44
N ARG A 86 8.44 3.95 -13.14
CA ARG A 86 7.71 3.20 -12.12
C ARG A 86 6.41 2.65 -12.69
N SER A 87 6.16 1.36 -12.45
CA SER A 87 4.95 0.71 -12.94
C SER A 87 3.70 1.42 -12.41
N GLU A 88 2.55 1.08 -12.98
CA GLU A 88 1.30 1.68 -12.57
C GLU A 88 1.10 1.57 -11.06
N ALA A 89 0.02 2.15 -10.57
CA ALA A 89 -0.29 2.11 -9.14
C ALA A 89 -1.56 1.32 -8.86
N VAL A 90 -1.47 0.39 -7.91
CA VAL A 90 -2.62 -0.43 -7.55
C VAL A 90 -3.26 0.05 -6.25
N SER A 91 -4.56 0.33 -6.31
CA SER A 91 -5.30 0.80 -5.15
C SER A 91 -5.89 -0.36 -4.37
N ALA A 92 -6.11 -0.14 -3.07
CA ALA A 92 -6.67 -1.18 -2.22
C ALA A 92 -7.21 -0.58 -0.92
N THR A 93 -8.50 -0.79 -0.67
CA THR A 93 -9.15 -0.27 0.53
C THR A 93 -9.24 -1.34 1.61
N GLY A 94 -8.80 -1.01 2.81
CA GLY A 94 -8.85 -1.96 3.92
C GLY A 94 -9.36 -1.33 5.19
N GLN A 95 -10.67 -1.46 5.43
CA GLN A 95 -11.28 -0.90 6.63
C GLN A 95 -10.48 -1.24 7.87
N THR A 96 -10.02 -0.22 8.58
CA THR A 96 -9.22 -0.41 9.78
C THR A 96 -10.04 -1.10 10.87
N ALA A 97 -9.42 -1.31 12.03
CA ALA A 97 -10.09 -1.96 13.15
C ALA A 97 -10.87 -0.95 13.98
N CYS A 98 -12.12 -1.28 14.29
CA CYS A 98 -12.97 -0.40 15.08
C CYS A 98 -12.21 0.13 16.30
N PRO A 99 -12.71 1.24 16.87
CA PRO A 99 -12.09 1.86 18.04
C PRO A 99 -12.27 1.02 19.31
N SER A 100 -11.32 1.15 20.23
CA SER A 100 -11.36 0.40 21.48
C SER A 100 -12.58 0.80 22.32
N GLY A 101 -13.25 -0.20 22.88
CA GLY A 101 -14.42 0.06 23.69
C GLY A 101 -14.67 -1.01 24.72
N PRO A 102 -15.75 -0.86 25.50
CA PRO A 102 -16.12 -1.82 26.54
C PRO A 102 -16.60 -3.15 25.97
N SER A 103 -16.53 -4.20 26.77
CA SER A 103 -16.96 -5.52 26.34
C SER A 103 -18.46 -5.54 26.04
N SER A 104 -19.17 -4.58 26.61
CA SER A 104 -20.62 -4.48 26.41
C SER A 104 -20.94 -3.79 25.09
N GLY A 105 -21.36 -4.57 24.10
CA GLY A 105 -21.69 -4.02 22.81
C GLY A 105 -22.58 -4.92 21.99
N GLY A 1 0.18 7.05 -20.05
CA GLY A 1 1.33 6.19 -19.85
C GLY A 1 1.29 4.97 -20.74
N SER A 2 2.38 4.20 -20.75
CA SER A 2 2.47 3.00 -21.58
C SER A 2 2.23 1.76 -20.73
N SER A 3 1.60 0.75 -21.33
CA SER A 3 1.31 -0.50 -20.64
C SER A 3 1.71 -1.70 -21.49
N GLY A 4 1.97 -2.82 -20.84
CA GLY A 4 2.35 -4.03 -21.55
C GLY A 4 3.21 -4.95 -20.71
N SER A 5 4.07 -5.72 -21.38
CA SER A 5 4.96 -6.65 -20.68
C SER A 5 6.42 -6.33 -20.97
N SER A 6 6.74 -5.05 -20.99
CA SER A 6 8.11 -4.59 -21.25
C SER A 6 9.07 -5.16 -20.21
N GLY A 7 8.78 -4.90 -18.94
CA GLY A 7 9.62 -5.39 -17.87
C GLY A 7 9.10 -5.02 -16.50
N ARG A 8 8.87 -3.72 -16.28
CA ARG A 8 8.36 -3.23 -15.00
C ARG A 8 7.00 -3.87 -14.69
N SER A 9 6.95 -4.61 -13.58
CA SER A 9 5.73 -5.28 -13.16
C SER A 9 5.25 -4.74 -11.82
N PRO A 10 4.01 -4.25 -11.77
CA PRO A 10 3.41 -3.71 -10.55
C PRO A 10 3.12 -4.79 -9.52
N PRO A 11 2.96 -4.37 -8.25
CA PRO A 11 2.67 -5.29 -7.15
C PRO A 11 1.26 -5.87 -7.23
N SER A 12 1.16 -7.19 -7.18
CA SER A 12 -0.12 -7.87 -7.25
C SER A 12 -0.45 -8.56 -5.93
N ASN A 13 -1.63 -9.17 -5.87
CA ASN A 13 -2.06 -9.86 -4.67
C ASN A 13 -2.07 -8.92 -3.47
N LEU A 14 -2.62 -7.73 -3.66
CA LEU A 14 -2.70 -6.74 -2.59
C LEU A 14 -3.57 -7.23 -1.45
N ALA A 15 -3.03 -7.17 -0.23
CA ALA A 15 -3.76 -7.62 0.95
C ALA A 15 -3.61 -6.61 2.09
N LEU A 16 -4.68 -5.86 2.35
CA LEU A 16 -4.67 -4.86 3.42
C LEU A 16 -5.19 -5.45 4.71
N ALA A 17 -4.27 -5.75 5.64
CA ALA A 17 -4.63 -6.31 6.93
C ALA A 17 -4.33 -5.34 8.07
N SER A 18 -5.32 -5.10 8.92
CA SER A 18 -5.16 -4.20 10.05
C SER A 18 -5.11 -4.96 11.36
N GLU A 19 -4.06 -4.70 12.14
CA GLU A 19 -3.89 -5.37 13.42
C GLU A 19 -4.26 -4.43 14.58
N THR A 20 -4.21 -3.13 14.31
CA THR A 20 -4.53 -2.13 15.33
C THR A 20 -5.28 -0.95 14.72
N PRO A 21 -6.18 -0.35 15.51
CA PRO A 21 -6.98 0.79 15.07
C PRO A 21 -6.15 2.06 14.88
N ASP A 22 -4.85 1.95 15.21
CA ASP A 22 -3.94 3.09 15.08
C ASP A 22 -2.96 2.86 13.94
N SER A 23 -3.05 1.70 13.31
CA SER A 23 -2.15 1.35 12.20
C SER A 23 -2.83 0.38 11.24
N LEU A 24 -2.19 0.14 10.10
CA LEU A 24 -2.72 -0.78 9.10
C LEU A 24 -1.59 -1.53 8.40
N GLN A 25 -1.71 -2.86 8.37
CA GLN A 25 -0.70 -3.69 7.72
C GLN A 25 -1.08 -3.97 6.27
N VAL A 26 -0.09 -3.90 5.38
CA VAL A 26 -0.32 -4.15 3.97
C VAL A 26 0.87 -4.85 3.34
N SER A 27 0.60 -5.79 2.43
CA SER A 27 1.64 -6.54 1.76
C SER A 27 1.32 -6.74 0.28
N TRP A 28 2.20 -7.42 -0.43
CA TRP A 28 2.00 -7.68 -1.85
C TRP A 28 3.04 -8.66 -2.38
N THR A 29 2.84 -9.12 -3.61
CA THR A 29 3.76 -10.06 -4.23
C THR A 29 4.83 -9.34 -5.05
N PRO A 30 6.09 -9.46 -4.62
CA PRO A 30 7.22 -8.82 -5.30
C PRO A 30 7.52 -9.47 -6.65
N PRO A 31 7.66 -8.63 -7.69
CA PRO A 31 7.95 -9.10 -9.05
C PRO A 31 9.36 -9.65 -9.18
N LEU A 32 9.82 -9.81 -10.43
CA LEU A 32 11.14 -10.34 -10.69
C LEU A 32 12.11 -9.21 -11.02
N GLY A 33 11.65 -8.25 -11.83
CA GLY A 33 12.48 -7.13 -12.21
C GLY A 33 13.17 -6.48 -11.03
N ARG A 34 14.32 -5.87 -11.27
CA ARG A 34 15.08 -5.22 -10.21
C ARG A 34 14.37 -3.95 -9.74
N VAL A 35 13.51 -4.10 -8.75
CA VAL A 35 12.77 -2.96 -8.21
C VAL A 35 13.52 -2.30 -7.07
N LEU A 36 13.91 -1.04 -7.28
CA LEU A 36 14.66 -0.29 -6.26
C LEU A 36 13.85 -0.20 -4.96
N HIS A 37 12.75 0.53 -5.00
CA HIS A 37 11.91 0.69 -3.82
C HIS A 37 10.43 0.60 -4.20
N TYR A 38 9.56 0.63 -3.19
CA TYR A 38 8.12 0.54 -3.42
C TYR A 38 7.42 1.80 -2.92
N TRP A 39 7.15 2.73 -3.84
CA TRP A 39 6.48 3.97 -3.50
C TRP A 39 5.04 3.71 -3.07
N LEU A 40 4.75 3.98 -1.80
CA LEU A 40 3.41 3.78 -1.26
C LEU A 40 2.70 5.11 -1.06
N THR A 41 1.43 5.17 -1.44
CA THR A 41 0.64 6.38 -1.30
C THR A 41 -0.75 6.08 -0.73
N TYR A 42 -0.87 6.17 0.58
CA TYR A 42 -2.13 5.90 1.26
C TYR A 42 -2.94 7.18 1.42
N ALA A 43 -4.26 7.05 1.30
CA ALA A 43 -5.15 8.21 1.43
C ALA A 43 -6.60 7.75 1.65
N PRO A 44 -7.42 8.65 2.21
CA PRO A 44 -8.83 8.37 2.49
C PRO A 44 -9.66 8.26 1.22
N ALA A 45 -9.91 7.03 0.79
CA ALA A 45 -10.70 6.79 -0.42
C ALA A 45 -11.83 7.79 -0.55
N SER A 46 -12.58 7.97 0.54
CA SER A 46 -13.70 8.91 0.54
C SER A 46 -13.35 10.18 -0.23
N GLY A 47 -12.20 10.76 0.09
CA GLY A 47 -11.78 11.98 -0.57
C GLY A 47 -12.18 13.22 0.18
N LEU A 48 -11.89 13.26 1.48
CA LEU A 48 -12.22 14.40 2.31
C LEU A 48 -10.98 14.97 2.99
N GLY A 49 -9.82 14.53 2.54
CA GLY A 49 -8.57 15.00 3.12
C GLY A 49 -7.41 14.93 2.14
N PRO A 50 -6.23 15.40 2.57
CA PRO A 50 -5.03 15.39 1.74
C PRO A 50 -4.49 13.99 1.50
N GLU A 51 -3.44 13.90 0.69
CA GLU A 51 -2.83 12.60 0.38
C GLU A 51 -1.55 12.41 1.18
N LYS A 52 -1.03 11.18 1.14
CA LYS A 52 0.20 10.86 1.86
C LYS A 52 1.04 9.85 1.08
N SER A 53 2.25 9.58 1.57
CA SER A 53 3.15 8.64 0.92
C SER A 53 4.26 8.21 1.86
N VAL A 54 4.63 6.94 1.80
CA VAL A 54 5.69 6.39 2.65
C VAL A 54 6.61 5.47 1.86
N SER A 55 7.91 5.69 2.00
CA SER A 55 8.90 4.88 1.30
C SER A 55 8.97 3.47 1.89
N VAL A 56 9.32 2.50 1.06
CA VAL A 56 9.43 1.12 1.50
C VAL A 56 10.59 0.40 0.83
N PRO A 57 11.43 -0.25 1.64
CA PRO A 57 12.60 -0.99 1.15
C PRO A 57 12.22 -2.23 0.35
N GLY A 58 12.63 -2.28 -0.91
CA GLY A 58 12.31 -3.41 -1.75
C GLY A 58 12.52 -4.73 -1.03
N ALA A 59 13.53 -4.79 -0.17
CA ALA A 59 13.83 -6.00 0.58
C ALA A 59 12.55 -6.67 1.08
N ARG A 60 11.63 -5.85 1.58
CA ARG A 60 10.36 -6.36 2.10
C ARG A 60 9.21 -6.01 1.16
N SER A 61 8.25 -6.91 1.05
CA SER A 61 7.09 -6.70 0.19
C SER A 61 5.87 -6.29 1.00
N HIS A 62 6.11 -5.71 2.17
CA HIS A 62 5.03 -5.28 3.05
C HIS A 62 5.45 -4.08 3.89
N VAL A 63 4.48 -3.37 4.46
CA VAL A 63 4.75 -2.21 5.28
C VAL A 63 3.54 -1.83 6.13
N THR A 64 3.79 -1.17 7.25
CA THR A 64 2.73 -0.75 8.14
C THR A 64 2.53 0.77 8.10
N LEU A 65 1.27 1.20 8.17
CA LEU A 65 0.94 2.62 8.14
C LEU A 65 0.38 3.08 9.48
N PRO A 66 1.26 3.58 10.35
CA PRO A 66 0.88 4.07 11.68
C PRO A 66 0.06 5.35 11.60
N ASP A 67 -0.47 5.77 12.75
CA ASP A 67 -1.28 6.98 12.82
C ASP A 67 -2.51 6.87 11.94
N LEU A 68 -3.31 5.82 12.18
CA LEU A 68 -4.53 5.59 11.41
C LEU A 68 -5.74 5.57 12.32
N GLN A 69 -6.91 5.83 11.75
CA GLN A 69 -8.16 5.83 12.51
C GLN A 69 -8.83 4.46 12.46
N ALA A 70 -10.00 4.36 13.09
CA ALA A 70 -10.74 3.11 13.12
C ALA A 70 -12.03 3.21 12.30
N ALA A 71 -12.41 2.10 11.67
CA ALA A 71 -13.62 2.07 10.86
C ALA A 71 -13.54 3.06 9.70
N THR A 72 -12.38 3.11 9.05
CA THR A 72 -12.16 4.01 7.93
C THR A 72 -11.37 3.34 6.82
N LYS A 73 -11.69 3.66 5.58
CA LYS A 73 -11.01 3.09 4.43
C LYS A 73 -9.73 3.86 4.11
N TYR A 74 -8.88 3.29 3.28
CA TYR A 74 -7.62 3.92 2.90
C TYR A 74 -7.14 3.40 1.56
N ARG A 75 -7.28 4.22 0.52
CA ARG A 75 -6.86 3.85 -0.82
C ARG A 75 -5.34 3.72 -0.89
N VAL A 76 -4.84 2.51 -0.63
CA VAL A 76 -3.40 2.25 -0.67
C VAL A 76 -2.93 2.01 -2.10
N LEU A 77 -2.22 2.98 -2.65
CA LEU A 77 -1.70 2.87 -4.01
C LEU A 77 -0.21 2.53 -4.01
N VAL A 78 0.11 1.29 -4.33
CA VAL A 78 1.50 0.84 -4.36
C VAL A 78 2.02 0.76 -5.80
N SER A 79 3.26 1.20 -5.99
CA SER A 79 3.88 1.18 -7.32
C SER A 79 5.35 0.80 -7.23
N ALA A 80 5.76 -0.16 -8.05
CA ALA A 80 7.15 -0.61 -8.07
C ALA A 80 8.02 0.33 -8.88
N ILE A 81 9.10 0.82 -8.27
CA ILE A 81 10.01 1.73 -8.95
C ILE A 81 11.21 0.98 -9.51
N TYR A 82 11.51 1.23 -10.78
CA TYR A 82 12.64 0.57 -11.44
C TYR A 82 13.61 1.60 -12.01
N ALA A 83 14.81 1.16 -12.36
CA ALA A 83 15.83 2.04 -12.91
C ALA A 83 15.26 2.89 -14.04
N ALA A 84 14.59 2.25 -14.99
CA ALA A 84 14.00 2.96 -16.11
C ALA A 84 12.80 3.79 -15.67
N GLY A 85 11.89 3.16 -14.93
CA GLY A 85 10.72 3.87 -14.46
C GLY A 85 9.83 3.00 -13.59
N ARG A 86 8.88 3.62 -12.90
CA ARG A 86 7.97 2.90 -12.03
C ARG A 86 6.75 2.39 -12.80
N SER A 87 6.26 1.22 -12.41
CA SER A 87 5.11 0.61 -13.08
C SER A 87 3.81 1.28 -12.62
N GLU A 88 2.70 0.89 -13.22
CA GLU A 88 1.39 1.43 -12.87
C GLU A 88 1.17 1.37 -11.36
N ALA A 89 0.07 1.98 -10.92
CA ALA A 89 -0.26 2.00 -9.50
C ALA A 89 -1.53 1.21 -9.22
N VAL A 90 -1.49 0.36 -8.20
CA VAL A 90 -2.63 -0.46 -7.83
C VAL A 90 -3.28 0.05 -6.55
N SER A 91 -4.57 0.36 -6.63
CA SER A 91 -5.31 0.86 -5.46
C SER A 91 -5.94 -0.30 -4.69
N ALA A 92 -6.21 -0.05 -3.41
CA ALA A 92 -6.81 -1.07 -2.55
C ALA A 92 -7.36 -0.45 -1.27
N THR A 93 -8.65 -0.66 -1.03
CA THR A 93 -9.30 -0.12 0.17
C THR A 93 -9.21 -1.10 1.33
N GLY A 94 -8.60 -0.66 2.42
CA GLY A 94 -8.46 -1.51 3.59
C GLY A 94 -9.03 -0.87 4.84
N GLN A 95 -10.31 -1.15 5.11
CA GLN A 95 -10.98 -0.60 6.28
C GLN A 95 -10.23 -0.97 7.56
N THR A 96 -9.84 0.04 8.32
CA THR A 96 -9.13 -0.18 9.57
C THR A 96 -9.96 -0.98 10.56
N ALA A 97 -9.39 -1.28 11.72
CA ALA A 97 -10.09 -2.03 12.75
C ALA A 97 -11.12 -1.18 13.47
N CYS A 98 -12.30 -1.73 13.69
CA CYS A 98 -13.37 -1.01 14.36
C CYS A 98 -13.13 -0.98 15.87
N PRO A 99 -13.67 0.06 16.53
CA PRO A 99 -13.52 0.24 17.98
C PRO A 99 -14.31 -0.79 18.77
N SER A 100 -15.53 -1.08 18.31
CA SER A 100 -16.39 -2.04 18.97
C SER A 100 -17.18 -2.86 17.96
N GLY A 101 -17.29 -4.17 18.21
CA GLY A 101 -18.02 -5.03 17.30
C GLY A 101 -18.42 -6.35 17.95
N PRO A 102 -19.65 -6.81 17.67
CA PRO A 102 -20.16 -8.06 18.22
C PRO A 102 -19.46 -9.28 17.64
N SER A 103 -18.60 -9.06 16.65
CA SER A 103 -17.87 -10.14 16.01
C SER A 103 -16.39 -9.79 15.87
N SER A 104 -15.54 -10.65 16.44
CA SER A 104 -14.10 -10.43 16.38
C SER A 104 -13.61 -10.34 14.94
N GLY A 105 -13.27 -9.12 14.51
CA GLY A 105 -12.80 -8.93 13.15
C GLY A 105 -11.35 -9.34 12.98
N GLY A 1 10.94 10.05 -24.57
CA GLY A 1 11.07 8.79 -23.87
C GLY A 1 11.76 7.73 -24.70
N SER A 2 13.06 7.55 -24.46
CA SER A 2 13.83 6.57 -25.20
C SER A 2 13.48 5.15 -24.76
N SER A 3 13.60 4.90 -23.46
CA SER A 3 13.29 3.58 -22.91
C SER A 3 11.92 3.57 -22.26
N GLY A 4 11.07 2.64 -22.69
CA GLY A 4 9.73 2.55 -22.14
C GLY A 4 9.28 1.11 -21.97
N SER A 5 8.49 0.86 -20.92
CA SER A 5 8.00 -0.49 -20.64
C SER A 5 9.15 -1.49 -20.60
N SER A 6 10.25 -1.09 -19.96
CA SER A 6 11.42 -1.95 -19.85
C SER A 6 11.38 -2.75 -18.55
N GLY A 7 10.72 -3.91 -18.59
CA GLY A 7 10.63 -4.74 -17.41
C GLY A 7 10.05 -4.00 -16.22
N ARG A 8 8.77 -3.69 -16.30
CA ARG A 8 8.10 -2.97 -15.21
C ARG A 8 6.76 -3.63 -14.87
N SER A 9 6.71 -4.30 -13.72
CA SER A 9 5.51 -4.98 -13.28
C SER A 9 5.06 -4.47 -11.91
N PRO A 10 3.82 -3.97 -11.84
CA PRO A 10 3.24 -3.43 -10.61
C PRO A 10 2.96 -4.52 -9.58
N PRO A 11 2.87 -4.13 -8.31
CA PRO A 11 2.61 -5.07 -7.21
C PRO A 11 1.18 -5.60 -7.24
N SER A 12 1.05 -6.93 -7.21
CA SER A 12 -0.26 -7.56 -7.25
C SER A 12 -0.51 -8.35 -5.96
N ASN A 13 -1.70 -8.94 -5.86
CA ASN A 13 -2.06 -9.73 -4.69
C ASN A 13 -2.05 -8.86 -3.43
N LEU A 14 -2.45 -7.60 -3.58
CA LEU A 14 -2.48 -6.68 -2.46
C LEU A 14 -3.35 -7.21 -1.33
N ALA A 15 -2.80 -7.23 -0.12
CA ALA A 15 -3.53 -7.73 1.05
C ALA A 15 -3.41 -6.75 2.21
N LEU A 16 -4.50 -6.04 2.49
CA LEU A 16 -4.53 -5.07 3.58
C LEU A 16 -5.05 -5.70 4.86
N ALA A 17 -4.19 -5.76 5.88
CA ALA A 17 -4.57 -6.34 7.16
C ALA A 17 -4.60 -5.29 8.26
N SER A 18 -5.68 -5.27 9.04
CA SER A 18 -5.83 -4.32 10.12
C SER A 18 -5.73 -5.00 11.48
N GLU A 19 -4.69 -4.66 12.23
CA GLU A 19 -4.47 -5.24 13.54
C GLU A 19 -4.77 -4.23 14.64
N THR A 20 -4.52 -2.95 14.35
CA THR A 20 -4.77 -1.89 15.32
C THR A 20 -5.29 -0.64 14.63
N PRO A 21 -6.18 0.09 15.33
CA PRO A 21 -6.78 1.32 14.80
C PRO A 21 -5.77 2.46 14.71
N ASP A 22 -4.50 2.14 14.93
CA ASP A 22 -3.44 3.14 14.86
C ASP A 22 -2.54 2.90 13.65
N SER A 23 -2.59 1.69 13.11
CA SER A 23 -1.77 1.34 11.95
C SER A 23 -2.47 0.27 11.11
N LEU A 24 -2.06 0.17 9.85
CA LEU A 24 -2.64 -0.81 8.94
C LEU A 24 -1.55 -1.52 8.14
N GLN A 25 -1.48 -2.84 8.29
CA GLN A 25 -0.48 -3.64 7.59
C GLN A 25 -0.91 -3.89 6.14
N VAL A 26 0.07 -3.90 5.24
CA VAL A 26 -0.20 -4.12 3.82
C VAL A 26 0.96 -4.83 3.14
N SER A 27 0.65 -5.93 2.45
CA SER A 27 1.68 -6.69 1.76
C SER A 27 1.33 -6.86 0.28
N TRP A 28 2.24 -7.47 -0.47
CA TRP A 28 2.03 -7.70 -1.89
C TRP A 28 3.05 -8.69 -2.44
N THR A 29 2.86 -9.09 -3.70
CA THR A 29 3.76 -10.04 -4.35
C THR A 29 4.81 -9.31 -5.18
N PRO A 30 6.08 -9.45 -4.76
CA PRO A 30 7.21 -8.82 -5.46
C PRO A 30 7.47 -9.44 -6.82
N PRO A 31 7.63 -8.59 -7.85
CA PRO A 31 7.89 -9.04 -9.22
C PRO A 31 9.28 -9.63 -9.38
N LEU A 32 9.73 -9.76 -10.62
CA LEU A 32 11.06 -10.31 -10.91
C LEU A 32 12.06 -9.20 -11.22
N GLY A 33 11.60 -8.19 -11.94
CA GLY A 33 12.48 -7.08 -12.29
C GLY A 33 13.18 -6.49 -11.08
N ARG A 34 14.18 -5.66 -11.32
CA ARG A 34 14.93 -5.03 -10.24
C ARG A 34 14.23 -3.77 -9.76
N VAL A 35 13.46 -3.90 -8.67
CA VAL A 35 12.74 -2.77 -8.12
C VAL A 35 13.52 -2.12 -6.98
N LEU A 36 13.81 -0.83 -7.13
CA LEU A 36 14.56 -0.09 -6.13
C LEU A 36 13.76 0.03 -4.83
N HIS A 37 12.63 0.74 -4.91
CA HIS A 37 11.78 0.94 -3.75
C HIS A 37 10.30 0.81 -4.15
N TYR A 38 9.43 0.70 -3.14
CA TYR A 38 8.01 0.57 -3.37
C TYR A 38 7.26 1.80 -2.89
N TRP A 39 7.09 2.77 -3.77
CA TRP A 39 6.38 4.00 -3.42
C TRP A 39 4.95 3.72 -3.02
N LEU A 40 4.70 3.69 -1.72
CA LEU A 40 3.36 3.43 -1.20
C LEU A 40 2.66 4.73 -0.81
N THR A 41 1.40 4.87 -1.23
CA THR A 41 0.63 6.06 -0.93
C THR A 41 -0.77 5.70 -0.45
N TYR A 42 -1.05 6.00 0.81
CA TYR A 42 -2.35 5.70 1.40
C TYR A 42 -3.17 6.97 1.58
N ALA A 43 -4.47 6.86 1.32
CA ALA A 43 -5.37 8.00 1.45
C ALA A 43 -6.77 7.56 1.86
N PRO A 44 -7.55 8.49 2.42
CA PRO A 44 -8.92 8.22 2.87
C PRO A 44 -9.88 7.98 1.71
N ALA A 45 -9.33 7.99 0.49
CA ALA A 45 -10.14 7.77 -0.70
C ALA A 45 -11.18 8.87 -0.87
N SER A 46 -10.80 10.10 -0.55
CA SER A 46 -11.71 11.24 -0.66
C SER A 46 -11.22 12.22 -1.72
N GLY A 47 -9.92 12.51 -1.68
CA GLY A 47 -9.34 13.44 -2.64
C GLY A 47 -9.18 14.84 -2.07
N LEU A 48 -10.14 15.26 -1.26
CA LEU A 48 -10.12 16.58 -0.65
C LEU A 48 -9.09 16.63 0.48
N GLY A 49 -9.04 15.58 1.29
CA GLY A 49 -8.11 15.53 2.39
C GLY A 49 -6.68 15.33 1.93
N PRO A 50 -5.72 15.50 2.86
CA PRO A 50 -4.30 15.34 2.55
C PRO A 50 -3.91 13.89 2.28
N GLU A 51 -3.15 13.69 1.21
CA GLU A 51 -2.71 12.34 0.85
C GLU A 51 -1.34 12.04 1.44
N LYS A 52 -1.25 10.91 2.15
CA LYS A 52 0.01 10.50 2.77
C LYS A 52 0.82 9.61 1.83
N SER A 53 2.07 9.34 2.21
CA SER A 53 2.95 8.52 1.38
C SER A 53 4.16 8.05 2.20
N VAL A 54 4.36 6.74 2.25
CA VAL A 54 5.48 6.17 2.98
C VAL A 54 6.55 5.62 2.03
N SER A 55 7.76 5.50 2.53
CA SER A 55 8.88 5.00 1.73
C SER A 55 9.14 3.53 2.04
N VAL A 56 9.64 2.80 1.03
CA VAL A 56 9.94 1.38 1.20
C VAL A 56 11.28 1.03 0.56
N PRO A 57 12.10 0.26 1.29
CA PRO A 57 13.42 -0.17 0.81
C PRO A 57 13.33 -1.17 -0.34
N GLY A 58 12.10 -1.51 -0.73
CA GLY A 58 11.90 -2.45 -1.81
C GLY A 58 12.17 -3.88 -1.39
N ALA A 59 13.31 -4.09 -0.73
CA ALA A 59 13.70 -5.42 -0.26
C ALA A 59 12.51 -6.14 0.36
N ARG A 60 11.67 -5.40 1.08
CA ARG A 60 10.51 -5.98 1.73
C ARG A 60 9.27 -5.84 0.85
N SER A 61 8.39 -6.83 0.92
CA SER A 61 7.17 -6.82 0.12
C SER A 61 5.95 -6.46 0.98
N HIS A 62 6.20 -5.69 2.03
CA HIS A 62 5.13 -5.26 2.93
C HIS A 62 5.51 -3.98 3.66
N VAL A 63 4.56 -3.41 4.38
CA VAL A 63 4.79 -2.17 5.12
C VAL A 63 3.59 -1.81 5.99
N THR A 64 3.84 -1.06 7.06
CA THR A 64 2.77 -0.65 7.96
C THR A 64 2.58 0.86 7.93
N LEU A 65 1.33 1.30 7.92
CA LEU A 65 1.01 2.72 7.89
C LEU A 65 0.56 3.20 9.27
N PRO A 66 1.50 3.74 10.05
CA PRO A 66 1.24 4.25 11.40
C PRO A 66 0.39 5.52 11.37
N ASP A 67 -0.01 5.99 12.55
CA ASP A 67 -0.82 7.20 12.66
C ASP A 67 -2.11 7.06 11.87
N LEU A 68 -2.87 6.01 12.15
CA LEU A 68 -4.13 5.76 11.46
C LEU A 68 -5.31 5.91 12.41
N GLN A 69 -6.51 5.92 11.86
CA GLN A 69 -7.72 6.06 12.66
C GLN A 69 -8.50 4.74 12.70
N ALA A 70 -9.67 4.77 13.33
CA ALA A 70 -10.51 3.59 13.44
C ALA A 70 -11.81 3.76 12.67
N ALA A 71 -12.33 2.66 12.14
CA ALA A 71 -13.57 2.68 11.38
C ALA A 71 -13.45 3.58 10.16
N THR A 72 -12.38 3.39 9.40
CA THR A 72 -12.14 4.19 8.20
C THR A 72 -11.32 3.42 7.17
N LYS A 73 -11.64 3.60 5.90
CA LYS A 73 -10.94 2.92 4.82
C LYS A 73 -9.69 3.70 4.42
N TYR A 74 -8.82 3.05 3.65
CA TYR A 74 -7.58 3.68 3.19
C TYR A 74 -7.15 3.09 1.86
N ARG A 75 -7.23 3.91 0.81
CA ARG A 75 -6.83 3.48 -0.53
C ARG A 75 -5.32 3.34 -0.64
N VAL A 76 -4.83 2.12 -0.43
CA VAL A 76 -3.39 1.86 -0.51
C VAL A 76 -2.92 1.76 -1.95
N LEU A 77 -2.18 2.77 -2.40
CA LEU A 77 -1.67 2.79 -3.77
C LEU A 77 -0.18 2.52 -3.80
N VAL A 78 0.20 1.31 -4.23
CA VAL A 78 1.60 0.93 -4.30
C VAL A 78 2.08 0.86 -5.75
N SER A 79 3.32 1.27 -5.97
CA SER A 79 3.90 1.27 -7.31
C SER A 79 5.37 0.87 -7.27
N ALA A 80 5.73 -0.15 -8.05
CA ALA A 80 7.10 -0.63 -8.09
C ALA A 80 7.98 0.32 -8.91
N ILE A 81 9.02 0.85 -8.27
CA ILE A 81 9.93 1.78 -8.94
C ILE A 81 11.08 1.02 -9.61
N TYR A 82 11.53 1.53 -10.75
CA TYR A 82 12.62 0.90 -11.49
C TYR A 82 13.57 1.96 -12.05
N ALA A 83 14.79 1.54 -12.35
CA ALA A 83 15.80 2.45 -12.89
C ALA A 83 15.19 3.37 -13.94
N ALA A 84 14.50 2.79 -14.90
CA ALA A 84 13.86 3.58 -15.96
C ALA A 84 12.67 4.37 -15.41
N GLY A 85 11.76 3.68 -14.74
CA GLY A 85 10.59 4.33 -14.18
C GLY A 85 9.82 3.43 -13.23
N ARG A 86 8.63 3.87 -12.85
CA ARG A 86 7.79 3.10 -11.94
C ARG A 86 6.50 2.66 -12.62
N SER A 87 6.14 1.40 -12.44
CA SER A 87 4.93 0.85 -13.04
C SER A 87 3.68 1.55 -12.50
N GLU A 88 2.53 1.19 -13.05
CA GLU A 88 1.27 1.78 -12.62
C GLU A 88 1.10 1.69 -11.11
N ALA A 89 -0.04 2.14 -10.61
CA ALA A 89 -0.32 2.10 -9.19
C ALA A 89 -1.59 1.30 -8.89
N VAL A 90 -1.47 0.32 -8.02
CA VAL A 90 -2.61 -0.52 -7.65
C VAL A 90 -3.28 -0.02 -6.38
N SER A 91 -4.58 0.25 -6.46
CA SER A 91 -5.33 0.74 -5.31
C SER A 91 -5.91 -0.42 -4.51
N ALA A 92 -6.16 -0.17 -3.23
CA ALA A 92 -6.72 -1.20 -2.34
C ALA A 92 -7.40 -0.56 -1.13
N THR A 93 -8.59 -1.08 -0.80
CA THR A 93 -9.34 -0.56 0.33
C THR A 93 -9.30 -1.54 1.51
N GLY A 94 -8.68 -1.11 2.60
CA GLY A 94 -8.59 -1.94 3.78
C GLY A 94 -9.07 -1.25 5.04
N GLN A 95 -10.37 -1.41 5.32
CA GLN A 95 -10.96 -0.79 6.50
C GLN A 95 -10.10 -1.05 7.74
N THR A 96 -10.01 -0.05 8.62
CA THR A 96 -9.24 -0.18 9.84
C THR A 96 -10.06 -0.82 10.95
N ALA A 97 -9.39 -1.18 12.04
CA ALA A 97 -10.05 -1.81 13.18
C ALA A 97 -10.91 -0.79 13.94
N CYS A 98 -11.80 -1.30 14.78
CA CYS A 98 -12.68 -0.44 15.57
C CYS A 98 -12.50 -0.70 17.06
N PRO A 99 -12.45 0.39 17.85
CA PRO A 99 -12.28 0.29 19.31
C PRO A 99 -13.51 -0.27 20.00
N SER A 100 -13.42 -1.52 20.43
CA SER A 100 -14.53 -2.18 21.11
C SER A 100 -15.17 -1.26 22.14
N GLY A 101 -16.39 -1.58 22.54
CA GLY A 101 -17.09 -0.76 23.51
C GLY A 101 -17.50 -1.55 24.74
N PRO A 102 -18.50 -1.06 25.46
CA PRO A 102 -19.01 -1.71 26.68
C PRO A 102 -19.73 -3.01 26.38
N SER A 103 -19.61 -3.97 27.29
CA SER A 103 -20.26 -5.27 27.12
C SER A 103 -21.69 -5.11 26.61
N SER A 104 -22.45 -4.24 27.27
CA SER A 104 -23.83 -3.99 26.88
C SER A 104 -23.98 -2.63 26.22
N GLY A 105 -24.99 -2.50 25.36
CA GLY A 105 -25.21 -1.24 24.67
C GLY A 105 -23.95 -0.68 24.07
N GLY A 1 2.14 4.31 -29.32
CA GLY A 1 2.58 3.65 -28.10
C GLY A 1 1.45 2.89 -27.42
N SER A 2 1.68 1.60 -27.16
CA SER A 2 0.68 0.77 -26.51
C SER A 2 1.13 0.36 -25.11
N SER A 3 0.16 0.05 -24.25
CA SER A 3 0.46 -0.35 -22.88
C SER A 3 1.53 -1.43 -22.86
N GLY A 4 2.41 -1.37 -21.85
CA GLY A 4 3.47 -2.34 -21.73
C GLY A 4 4.62 -1.85 -20.88
N SER A 5 5.56 -2.74 -20.57
CA SER A 5 6.72 -2.38 -19.76
C SER A 5 7.89 -3.31 -20.04
N SER A 6 8.97 -2.76 -20.58
CA SER A 6 10.16 -3.55 -20.90
C SER A 6 10.41 -4.61 -19.84
N GLY A 7 10.33 -4.21 -18.57
CA GLY A 7 10.55 -5.15 -17.48
C GLY A 7 10.09 -4.62 -16.15
N ARG A 8 8.92 -3.97 -16.14
CA ARG A 8 8.37 -3.41 -14.92
C ARG A 8 6.96 -3.93 -14.66
N SER A 9 6.81 -4.67 -13.56
CA SER A 9 5.51 -5.24 -13.20
C SER A 9 5.06 -4.74 -11.83
N PRO A 10 3.81 -4.23 -11.78
CA PRO A 10 3.23 -3.71 -10.54
C PRO A 10 2.94 -4.80 -9.52
N PRO A 11 2.90 -4.42 -8.24
CA PRO A 11 2.63 -5.37 -7.15
C PRO A 11 1.19 -5.85 -7.15
N SER A 12 1.01 -7.17 -7.21
CA SER A 12 -0.32 -7.76 -7.22
C SER A 12 -0.58 -8.53 -5.93
N ASN A 13 -1.79 -9.08 -5.80
CA ASN A 13 -2.16 -9.84 -4.62
C ASN A 13 -2.16 -8.95 -3.38
N LEU A 14 -2.59 -7.70 -3.54
CA LEU A 14 -2.64 -6.76 -2.44
C LEU A 14 -3.48 -7.29 -1.29
N ALA A 15 -2.93 -7.26 -0.09
CA ALA A 15 -3.64 -7.74 1.10
C ALA A 15 -3.51 -6.75 2.25
N LEU A 16 -4.62 -6.09 2.57
CA LEU A 16 -4.63 -5.11 3.66
C LEU A 16 -5.19 -5.72 4.94
N ALA A 17 -4.36 -5.80 5.97
CA ALA A 17 -4.79 -6.36 7.25
C ALA A 17 -4.79 -5.29 8.35
N SER A 18 -5.82 -5.33 9.19
CA SER A 18 -5.96 -4.36 10.28
C SER A 18 -5.85 -5.05 11.63
N GLU A 19 -4.75 -4.82 12.33
CA GLU A 19 -4.54 -5.42 13.64
C GLU A 19 -4.57 -4.36 14.74
N THR A 20 -4.50 -3.09 14.34
CA THR A 20 -4.52 -1.99 15.28
C THR A 20 -5.17 -0.75 14.67
N PRO A 21 -6.02 -0.08 15.45
CA PRO A 21 -6.72 1.13 15.00
C PRO A 21 -5.78 2.32 14.84
N ASP A 22 -4.49 2.09 15.05
CA ASP A 22 -3.49 3.13 14.91
C ASP A 22 -2.51 2.82 13.79
N SER A 23 -2.72 1.68 13.13
CA SER A 23 -1.85 1.27 12.04
C SER A 23 -2.52 0.19 11.20
N LEU A 24 -2.12 0.08 9.93
CA LEU A 24 -2.68 -0.91 9.02
C LEU A 24 -1.58 -1.65 8.28
N GLN A 25 -1.66 -2.98 8.29
CA GLN A 25 -0.67 -3.81 7.60
C GLN A 25 -1.01 -3.96 6.13
N VAL A 26 0.00 -3.81 5.28
CA VAL A 26 -0.20 -3.93 3.84
C VAL A 26 0.98 -4.65 3.19
N SER A 27 0.68 -5.68 2.40
CA SER A 27 1.72 -6.45 1.72
C SER A 27 1.35 -6.66 0.26
N TRP A 28 2.22 -7.38 -0.46
CA TRP A 28 2.00 -7.65 -1.88
C TRP A 28 3.04 -8.62 -2.41
N THR A 29 2.84 -9.07 -3.65
CA THR A 29 3.76 -10.01 -4.28
C THR A 29 4.81 -9.28 -5.12
N PRO A 30 6.07 -9.35 -4.69
CA PRO A 30 7.19 -8.71 -5.39
C PRO A 30 7.49 -9.37 -6.74
N PRO A 31 7.72 -8.54 -7.77
CA PRO A 31 8.02 -9.03 -9.12
C PRO A 31 9.40 -9.66 -9.21
N LEU A 32 9.86 -9.93 -10.42
CA LEU A 32 11.16 -10.53 -10.64
C LEU A 32 12.21 -9.47 -10.98
N GLY A 33 11.77 -8.40 -11.64
CA GLY A 33 12.67 -7.33 -12.00
C GLY A 33 13.20 -6.57 -10.80
N ARG A 34 14.46 -6.13 -10.88
CA ARG A 34 15.08 -5.40 -9.78
C ARG A 34 14.36 -4.07 -9.55
N VAL A 35 13.64 -3.98 -8.44
CA VAL A 35 12.91 -2.76 -8.10
C VAL A 35 13.59 -2.01 -6.96
N LEU A 36 13.99 -0.77 -7.23
CA LEU A 36 14.65 0.05 -6.22
C LEU A 36 13.85 0.07 -4.92
N HIS A 37 12.66 0.65 -4.98
CA HIS A 37 11.80 0.73 -3.80
C HIS A 37 10.33 0.62 -4.19
N TYR A 38 9.45 0.70 -3.20
CA TYR A 38 8.02 0.61 -3.45
C TYR A 38 7.29 1.87 -2.99
N TRP A 39 7.14 2.82 -3.90
CA TRP A 39 6.46 4.08 -3.60
C TRP A 39 5.03 3.84 -3.14
N LEU A 40 4.81 3.89 -1.84
CA LEU A 40 3.48 3.67 -1.29
C LEU A 40 2.74 5.00 -1.09
N THR A 41 1.45 5.01 -1.38
CA THR A 41 0.64 6.20 -1.25
C THR A 41 -0.77 5.87 -0.76
N TYR A 42 -1.04 6.16 0.51
CA TYR A 42 -2.33 5.88 1.10
C TYR A 42 -3.16 7.16 1.23
N ALA A 43 -4.47 7.01 1.14
CA ALA A 43 -5.38 8.16 1.24
C ALA A 43 -6.77 7.72 1.68
N PRO A 44 -7.57 8.69 2.15
CA PRO A 44 -8.94 8.42 2.60
C PRO A 44 -9.88 8.07 1.45
N ALA A 45 -9.33 7.99 0.24
CA ALA A 45 -10.11 7.66 -0.94
C ALA A 45 -11.25 8.66 -1.13
N SER A 46 -10.97 9.93 -0.88
CA SER A 46 -11.98 10.98 -1.02
C SER A 46 -11.55 12.00 -2.06
N GLY A 47 -10.43 12.66 -1.81
CA GLY A 47 -9.92 13.66 -2.73
C GLY A 47 -10.12 15.07 -2.23
N LEU A 48 -9.98 15.25 -0.92
CA LEU A 48 -10.16 16.57 -0.31
C LEU A 48 -8.82 17.10 0.23
N GLY A 49 -8.22 16.34 1.14
CA GLY A 49 -6.95 16.75 1.71
C GLY A 49 -5.77 16.29 0.89
N PRO A 50 -4.55 16.55 1.40
CA PRO A 50 -3.31 16.16 0.72
C PRO A 50 -3.10 14.65 0.70
N GLU A 51 -2.37 14.17 -0.30
CA GLU A 51 -2.08 12.74 -0.42
C GLU A 51 -0.76 12.39 0.24
N LYS A 52 -0.79 11.35 1.07
CA LYS A 52 0.42 10.91 1.78
C LYS A 52 1.20 9.91 0.93
N SER A 53 2.46 9.70 1.29
CA SER A 53 3.31 8.76 0.56
C SER A 53 4.51 8.35 1.41
N VAL A 54 4.57 7.05 1.73
CA VAL A 54 5.66 6.52 2.53
C VAL A 54 6.60 5.65 1.71
N SER A 55 7.89 5.87 1.85
CA SER A 55 8.89 5.09 1.10
C SER A 55 9.13 3.74 1.76
N VAL A 56 9.34 2.72 0.92
CA VAL A 56 9.58 1.37 1.42
C VAL A 56 10.78 0.74 0.73
N PRO A 57 11.62 0.06 1.51
CA PRO A 57 12.83 -0.60 1.00
C PRO A 57 12.49 -1.82 0.15
N GLY A 58 12.75 -1.71 -1.15
CA GLY A 58 12.47 -2.81 -2.07
C GLY A 58 12.76 -4.16 -1.44
N ALA A 59 13.80 -4.22 -0.62
CA ALA A 59 14.19 -5.46 0.04
C ALA A 59 12.95 -6.22 0.54
N ARG A 60 12.03 -5.50 1.17
CA ARG A 60 10.81 -6.09 1.70
C ARG A 60 9.61 -5.74 0.82
N SER A 61 8.64 -6.65 0.78
CA SER A 61 7.44 -6.44 -0.02
C SER A 61 6.22 -6.19 0.87
N HIS A 62 6.46 -5.60 2.03
CA HIS A 62 5.38 -5.31 2.97
C HIS A 62 5.75 -4.14 3.88
N VAL A 63 4.74 -3.44 4.37
CA VAL A 63 4.96 -2.29 5.25
C VAL A 63 3.71 -1.96 6.05
N THR A 64 3.84 -1.06 7.03
CA THR A 64 2.72 -0.67 7.87
C THR A 64 2.57 0.85 7.89
N LEU A 65 1.32 1.31 7.93
CA LEU A 65 1.04 2.74 7.96
C LEU A 65 0.50 3.16 9.32
N PRO A 66 1.39 3.65 10.20
CA PRO A 66 1.02 4.09 11.54
C PRO A 66 0.19 5.37 11.52
N ASP A 67 -0.18 5.85 12.70
CA ASP A 67 -0.98 7.06 12.81
C ASP A 67 -2.24 6.97 11.96
N LEU A 68 -3.02 5.92 12.18
CA LEU A 68 -4.26 5.72 11.43
C LEU A 68 -5.47 5.82 12.35
N GLN A 69 -6.65 6.00 11.74
CA GLN A 69 -7.88 6.11 12.50
C GLN A 69 -8.59 4.76 12.58
N ALA A 70 -9.73 4.74 13.27
CA ALA A 70 -10.51 3.52 13.42
C ALA A 70 -11.81 3.58 12.60
N ALA A 71 -12.23 2.42 12.09
CA ALA A 71 -13.44 2.35 11.29
C ALA A 71 -13.35 3.25 10.07
N THR A 72 -12.23 3.17 9.37
CA THR A 72 -12.02 3.99 8.17
C THR A 72 -11.16 3.25 7.15
N LYS A 73 -11.48 3.44 5.88
CA LYS A 73 -10.74 2.80 4.80
C LYS A 73 -9.52 3.63 4.39
N TYR A 74 -8.69 3.08 3.53
CA TYR A 74 -7.49 3.77 3.06
C TYR A 74 -7.00 3.19 1.73
N ARG A 75 -7.04 4.02 0.70
CA ARG A 75 -6.60 3.59 -0.62
C ARG A 75 -5.08 3.45 -0.68
N VAL A 76 -4.60 2.23 -0.42
CA VAL A 76 -3.17 1.96 -0.43
C VAL A 76 -2.66 1.77 -1.85
N LEU A 77 -2.19 2.86 -2.45
CA LEU A 77 -1.67 2.82 -3.82
C LEU A 77 -0.18 2.51 -3.83
N VAL A 78 0.17 1.33 -4.34
CA VAL A 78 1.56 0.91 -4.42
C VAL A 78 2.09 0.99 -5.85
N SER A 79 3.40 1.22 -5.97
CA SER A 79 4.02 1.32 -7.29
C SER A 79 5.48 0.87 -7.23
N ALA A 80 5.86 -0.01 -8.16
CA ALA A 80 7.23 -0.52 -8.21
C ALA A 80 8.13 0.41 -9.02
N ILE A 81 9.18 0.90 -8.38
CA ILE A 81 10.13 1.81 -9.04
C ILE A 81 11.34 1.04 -9.57
N TYR A 82 11.53 1.10 -10.89
CA TYR A 82 12.64 0.42 -11.53
C TYR A 82 13.65 1.43 -12.07
N ALA A 83 14.83 0.93 -12.45
CA ALA A 83 15.88 1.78 -12.99
C ALA A 83 15.35 2.64 -14.13
N ALA A 84 14.58 2.02 -15.02
CA ALA A 84 14.01 2.73 -16.17
C ALA A 84 12.86 3.63 -15.73
N GLY A 85 11.95 3.07 -14.95
CA GLY A 85 10.81 3.85 -14.48
C GLY A 85 9.94 3.07 -13.51
N ARG A 86 8.89 3.71 -13.00
CA ARG A 86 7.98 3.08 -12.06
C ARG A 86 6.73 2.57 -12.77
N SER A 87 6.28 1.38 -12.39
CA SER A 87 5.10 0.78 -12.99
C SER A 87 3.83 1.48 -12.51
N GLU A 88 2.69 1.04 -13.04
CA GLU A 88 1.41 1.63 -12.66
C GLU A 88 1.22 1.57 -11.14
N ALA A 89 0.05 2.03 -10.68
CA ALA A 89 -0.26 2.03 -9.26
C ALA A 89 -1.51 1.22 -8.97
N VAL A 90 -1.41 0.30 -8.01
CA VAL A 90 -2.54 -0.54 -7.63
C VAL A 90 -3.18 -0.06 -6.34
N SER A 91 -4.48 0.21 -6.39
CA SER A 91 -5.22 0.67 -5.24
C SER A 91 -5.67 -0.49 -4.36
N ALA A 92 -6.02 -0.20 -3.11
CA ALA A 92 -6.47 -1.21 -2.18
C ALA A 92 -7.12 -0.58 -0.95
N THR A 93 -8.41 -0.87 -0.76
CA THR A 93 -9.15 -0.34 0.37
C THR A 93 -9.13 -1.31 1.55
N GLY A 94 -8.52 -0.87 2.65
CA GLY A 94 -8.45 -1.72 3.84
C GLY A 94 -9.02 -1.04 5.06
N GLN A 95 -10.29 -1.31 5.35
CA GLN A 95 -10.95 -0.71 6.51
C GLN A 95 -10.22 -1.08 7.80
N THR A 96 -9.91 -0.07 8.60
CA THR A 96 -9.21 -0.29 9.86
C THR A 96 -10.12 -0.92 10.89
N ALA A 97 -9.58 -1.23 12.07
CA ALA A 97 -10.34 -1.84 13.14
C ALA A 97 -11.19 -0.80 13.87
N CYS A 98 -12.40 -1.20 14.25
CA CYS A 98 -13.31 -0.30 14.96
C CYS A 98 -12.77 0.04 16.34
N PRO A 99 -13.28 1.13 16.94
CA PRO A 99 -12.87 1.58 18.26
C PRO A 99 -13.34 0.64 19.37
N SER A 100 -14.21 -0.30 19.00
CA SER A 100 -14.74 -1.26 19.97
C SER A 100 -13.99 -2.58 19.89
N GLY A 101 -14.04 -3.35 20.97
CA GLY A 101 -13.36 -4.63 21.00
C GLY A 101 -14.30 -5.77 21.33
N PRO A 102 -13.74 -6.97 21.52
CA PRO A 102 -14.53 -8.17 21.84
C PRO A 102 -15.13 -8.12 23.25
N SER A 103 -14.91 -6.99 23.94
CA SER A 103 -15.43 -6.82 25.28
C SER A 103 -16.77 -7.53 25.45
N SER A 104 -17.64 -7.37 24.46
CA SER A 104 -18.96 -7.98 24.49
C SER A 104 -18.94 -9.35 23.81
N GLY A 105 -18.59 -9.36 22.53
CA GLY A 105 -18.54 -10.61 21.79
C GLY A 105 -17.80 -11.70 22.54
N GLY A 1 1.30 6.51 -29.14
CA GLY A 1 0.28 6.33 -28.13
C GLY A 1 0.42 5.01 -27.40
N SER A 2 0.08 3.92 -28.06
CA SER A 2 0.16 2.60 -27.47
C SER A 2 1.56 2.01 -27.64
N SER A 3 2.21 1.69 -26.52
CA SER A 3 3.56 1.13 -26.54
C SER A 3 3.67 -0.05 -25.58
N GLY A 4 4.02 -1.22 -26.12
CA GLY A 4 4.15 -2.41 -25.32
C GLY A 4 4.77 -2.13 -23.96
N SER A 5 3.96 -2.27 -22.91
CA SER A 5 4.43 -2.01 -21.55
C SER A 5 5.11 -3.24 -20.97
N SER A 6 6.42 -3.36 -21.21
CA SER A 6 7.18 -4.50 -20.71
C SER A 6 8.43 -4.04 -19.98
N GLY A 7 8.72 -4.68 -18.85
CA GLY A 7 9.88 -4.32 -18.07
C GLY A 7 9.54 -4.02 -16.62
N ARG A 8 8.67 -3.04 -16.40
CA ARG A 8 8.26 -2.66 -15.06
C ARG A 8 6.90 -3.26 -14.71
N SER A 9 6.91 -4.25 -13.81
CA SER A 9 5.68 -4.92 -13.40
C SER A 9 5.25 -4.44 -12.02
N PRO A 10 4.01 -3.94 -11.93
CA PRO A 10 3.45 -3.44 -10.68
C PRO A 10 3.17 -4.57 -9.69
N PRO A 11 3.05 -4.20 -8.40
CA PRO A 11 2.78 -5.16 -7.32
C PRO A 11 1.36 -5.73 -7.40
N SER A 12 1.22 -7.00 -7.04
CA SER A 12 -0.07 -7.67 -7.08
C SER A 12 -0.32 -8.43 -5.78
N ASN A 13 -1.51 -9.02 -5.67
CA ASN A 13 -1.87 -9.78 -4.48
C ASN A 13 -1.87 -8.89 -3.24
N LEU A 14 -2.45 -7.70 -3.38
CA LEU A 14 -2.52 -6.74 -2.28
C LEU A 14 -3.38 -7.29 -1.14
N ALA A 15 -2.84 -7.24 0.08
CA ALA A 15 -3.57 -7.73 1.25
C ALA A 15 -3.49 -6.72 2.39
N LEU A 16 -4.61 -6.03 2.62
CA LEU A 16 -4.68 -5.03 3.68
C LEU A 16 -5.25 -5.63 4.97
N ALA A 17 -4.40 -5.75 5.99
CA ALA A 17 -4.83 -6.31 7.27
C ALA A 17 -4.79 -5.24 8.36
N SER A 18 -5.90 -5.11 9.07
CA SER A 18 -6.01 -4.12 10.15
C SER A 18 -5.91 -4.80 11.52
N GLU A 19 -4.80 -4.56 12.21
CA GLU A 19 -4.59 -5.16 13.53
C GLU A 19 -4.77 -4.11 14.62
N THR A 20 -4.60 -2.84 14.26
CA THR A 20 -4.74 -1.76 15.22
C THR A 20 -5.30 -0.51 14.55
N PRO A 21 -6.11 0.26 15.31
CA PRO A 21 -6.72 1.49 14.80
C PRO A 21 -5.71 2.60 14.58
N ASP A 22 -4.43 2.29 14.81
CA ASP A 22 -3.37 3.27 14.63
C ASP A 22 -2.36 2.78 13.59
N SER A 23 -2.55 1.55 13.13
CA SER A 23 -1.65 0.96 12.13
C SER A 23 -2.40 -0.01 11.22
N LEU A 24 -2.00 -0.06 9.96
CA LEU A 24 -2.64 -0.94 9.00
C LEU A 24 -1.60 -1.72 8.20
N GLN A 25 -1.62 -3.04 8.36
CA GLN A 25 -0.68 -3.91 7.66
C GLN A 25 -1.05 -4.05 6.19
N VAL A 26 -0.04 -4.04 5.32
CA VAL A 26 -0.26 -4.16 3.88
C VAL A 26 0.91 -4.85 3.20
N SER A 27 0.63 -5.97 2.54
CA SER A 27 1.68 -6.72 1.85
C SER A 27 1.31 -6.92 0.38
N TRP A 28 2.22 -7.53 -0.37
CA TRP A 28 2.00 -7.78 -1.79
C TRP A 28 3.02 -8.77 -2.33
N THR A 29 2.89 -9.12 -3.62
CA THR A 29 3.81 -10.05 -4.25
C THR A 29 4.85 -9.30 -5.09
N PRO A 30 6.13 -9.46 -4.70
CA PRO A 30 7.25 -8.82 -5.39
C PRO A 30 7.49 -9.41 -6.77
N PRO A 31 7.73 -8.53 -7.76
CA PRO A 31 7.98 -8.96 -9.14
C PRO A 31 9.33 -9.64 -9.31
N LEU A 32 9.68 -9.94 -10.55
CA LEU A 32 10.96 -10.60 -10.84
C LEU A 32 12.04 -9.58 -11.16
N GLY A 33 11.64 -8.48 -11.82
CA GLY A 33 12.58 -7.45 -12.18
C GLY A 33 13.00 -6.61 -10.99
N ARG A 34 14.31 -6.42 -10.82
CA ARG A 34 14.83 -5.64 -9.71
C ARG A 34 14.11 -4.31 -9.61
N VAL A 35 13.68 -3.98 -8.39
CA VAL A 35 12.97 -2.73 -8.14
C VAL A 35 13.67 -1.90 -7.07
N LEU A 36 13.99 -0.65 -7.41
CA LEU A 36 14.66 0.25 -6.47
C LEU A 36 13.90 0.32 -5.14
N HIS A 37 12.66 0.80 -5.20
CA HIS A 37 11.84 0.93 -4.02
C HIS A 37 10.35 0.81 -4.37
N TYR A 38 9.50 0.90 -3.35
CA TYR A 38 8.06 0.80 -3.56
C TYR A 38 7.35 2.05 -3.07
N TRP A 39 7.12 2.99 -3.98
CA TRP A 39 6.44 4.24 -3.64
C TRP A 39 5.01 3.97 -3.19
N LEU A 40 4.81 3.92 -1.87
CA LEU A 40 3.49 3.67 -1.32
C LEU A 40 2.75 4.99 -1.06
N THR A 41 1.48 5.03 -1.43
CA THR A 41 0.67 6.23 -1.23
C THR A 41 -0.70 5.88 -0.67
N TYR A 42 -0.87 6.11 0.63
CA TYR A 42 -2.13 5.82 1.30
C TYR A 42 -2.91 7.10 1.58
N ALA A 43 -4.23 7.02 1.44
CA ALA A 43 -5.09 8.18 1.67
C ALA A 43 -6.55 7.75 1.85
N PRO A 44 -7.38 8.67 2.35
CA PRO A 44 -8.80 8.41 2.57
C PRO A 44 -9.58 8.28 1.27
N ALA A 45 -9.90 7.05 0.89
CA ALA A 45 -10.65 6.80 -0.33
C ALA A 45 -11.69 7.89 -0.58
N SER A 46 -12.04 8.09 -1.85
CA SER A 46 -13.02 9.10 -2.22
C SER A 46 -12.50 10.50 -1.88
N GLY A 47 -11.20 10.70 -2.06
CA GLY A 47 -10.60 11.99 -1.76
C GLY A 47 -10.92 12.47 -0.35
N LEU A 48 -11.73 13.52 -0.26
CA LEU A 48 -12.10 14.07 1.04
C LEU A 48 -10.91 14.11 1.99
N GLY A 49 -9.73 14.33 1.42
CA GLY A 49 -8.52 14.38 2.23
C GLY A 49 -7.26 14.45 1.38
N PRO A 50 -6.13 14.77 2.03
CA PRO A 50 -4.84 14.88 1.35
C PRO A 50 -4.31 13.53 0.89
N GLU A 51 -3.16 13.54 0.23
CA GLU A 51 -2.55 12.32 -0.27
C GLU A 51 -1.12 12.16 0.25
N LYS A 52 -0.92 11.20 1.16
CA LYS A 52 0.39 10.96 1.74
C LYS A 52 1.17 9.96 0.90
N SER A 53 2.39 9.66 1.33
CA SER A 53 3.25 8.72 0.61
C SER A 53 4.45 8.33 1.47
N VAL A 54 4.60 7.02 1.71
CA VAL A 54 5.70 6.51 2.50
C VAL A 54 6.65 5.67 1.66
N SER A 55 7.94 5.74 1.96
CA SER A 55 8.94 4.99 1.23
C SER A 55 9.13 3.60 1.82
N VAL A 56 9.51 2.64 0.98
CA VAL A 56 9.71 1.27 1.43
C VAL A 56 10.84 0.60 0.65
N PRO A 57 11.73 -0.10 1.36
CA PRO A 57 12.86 -0.79 0.77
C PRO A 57 12.43 -2.01 -0.06
N GLY A 58 12.61 -1.91 -1.38
CA GLY A 58 12.24 -3.01 -2.24
C GLY A 58 12.51 -4.36 -1.63
N ALA A 59 13.61 -4.47 -0.89
CA ALA A 59 13.98 -5.71 -0.24
C ALA A 59 12.75 -6.43 0.31
N ARG A 60 11.89 -5.69 0.99
CA ARG A 60 10.68 -6.25 1.57
C ARG A 60 9.48 -6.02 0.67
N SER A 61 8.45 -6.85 0.81
CA SER A 61 7.25 -6.73 0.01
C SER A 61 6.03 -6.46 0.88
N HIS A 62 6.27 -5.88 2.05
CA HIS A 62 5.20 -5.56 2.98
C HIS A 62 5.58 -4.39 3.88
N VAL A 63 4.58 -3.63 4.32
CA VAL A 63 4.82 -2.48 5.18
C VAL A 63 3.56 -2.12 5.97
N THR A 64 3.74 -1.37 7.05
CA THR A 64 2.63 -0.95 7.88
C THR A 64 2.55 0.58 7.98
N LEU A 65 1.33 1.10 7.95
CA LEU A 65 1.11 2.54 8.03
C LEU A 65 0.65 2.94 9.43
N PRO A 66 1.60 3.39 10.26
CA PRO A 66 1.31 3.82 11.63
C PRO A 66 0.51 5.11 11.68
N ASP A 67 0.22 5.58 12.88
CA ASP A 67 -0.53 6.81 13.07
C ASP A 67 -1.79 6.82 12.21
N LEU A 68 -2.59 5.76 12.34
CA LEU A 68 -3.83 5.64 11.58
C LEU A 68 -5.04 5.83 12.47
N GLN A 69 -6.23 5.82 11.86
CA GLN A 69 -7.47 6.00 12.61
C GLN A 69 -8.27 4.70 12.66
N ALA A 70 -9.47 4.77 13.21
CA ALA A 70 -10.34 3.61 13.31
C ALA A 70 -11.60 3.79 12.49
N ALA A 71 -12.23 2.67 12.13
CA ALA A 71 -13.45 2.71 11.33
C ALA A 71 -13.31 3.64 10.14
N THR A 72 -12.26 3.43 9.36
CA THR A 72 -12.00 4.26 8.18
C THR A 72 -11.20 3.49 7.13
N LYS A 73 -11.49 3.76 5.86
CA LYS A 73 -10.81 3.09 4.76
C LYS A 73 -9.58 3.91 4.32
N TYR A 74 -8.67 3.24 3.63
CA TYR A 74 -7.46 3.90 3.14
C TYR A 74 -7.03 3.31 1.80
N ARG A 75 -7.25 4.07 0.74
CA ARG A 75 -6.87 3.64 -0.61
C ARG A 75 -5.36 3.57 -0.75
N VAL A 76 -4.79 2.40 -0.48
CA VAL A 76 -3.35 2.20 -0.57
C VAL A 76 -2.93 2.01 -2.03
N LEU A 77 -2.15 2.96 -2.54
CA LEU A 77 -1.67 2.90 -3.93
C LEU A 77 -0.17 2.62 -3.97
N VAL A 78 0.18 1.40 -4.35
CA VAL A 78 1.58 1.00 -4.44
C VAL A 78 2.07 1.05 -5.88
N SER A 79 3.36 1.34 -6.06
CA SER A 79 3.96 1.42 -7.39
C SER A 79 5.43 1.04 -7.35
N ALA A 80 5.81 0.07 -8.17
CA ALA A 80 7.19 -0.38 -8.23
C ALA A 80 8.03 0.52 -9.14
N ILE A 81 9.10 1.08 -8.57
CA ILE A 81 9.98 1.96 -9.32
C ILE A 81 11.13 1.18 -9.95
N TYR A 82 11.36 1.42 -11.24
CA TYR A 82 12.43 0.74 -11.97
C TYR A 82 13.34 1.74 -12.66
N ALA A 83 14.58 1.34 -12.90
CA ALA A 83 15.56 2.19 -13.55
C ALA A 83 14.94 2.95 -14.72
N ALA A 84 14.14 2.24 -15.51
CA ALA A 84 13.48 2.84 -16.66
C ALA A 84 12.32 3.72 -16.23
N GLY A 85 11.42 3.17 -15.41
CA GLY A 85 10.27 3.92 -14.94
C GLY A 85 9.43 3.14 -13.95
N ARG A 86 8.57 3.84 -13.22
CA ARG A 86 7.71 3.20 -12.25
C ARG A 86 6.42 2.70 -12.91
N SER A 87 6.04 1.46 -12.58
CA SER A 87 4.82 0.86 -13.14
C SER A 87 3.58 1.54 -12.60
N GLU A 88 2.42 1.17 -13.13
CA GLU A 88 1.16 1.74 -12.70
C GLU A 88 0.96 1.57 -11.19
N ALA A 89 -0.05 2.23 -10.65
CA ALA A 89 -0.34 2.15 -9.22
C ALA A 89 -1.53 1.25 -8.96
N VAL A 90 -1.44 0.45 -7.90
CA VAL A 90 -2.53 -0.46 -7.53
C VAL A 90 -3.24 0.01 -6.28
N SER A 91 -4.52 0.31 -6.40
CA SER A 91 -5.32 0.77 -5.26
C SER A 91 -5.84 -0.42 -4.45
N ALA A 92 -6.15 -0.16 -3.19
CA ALA A 92 -6.66 -1.21 -2.30
C ALA A 92 -7.28 -0.60 -1.04
N THR A 93 -8.57 -0.88 -0.83
CA THR A 93 -9.27 -0.37 0.34
C THR A 93 -9.23 -1.35 1.49
N GLY A 94 -8.64 -0.93 2.60
CA GLY A 94 -8.54 -1.79 3.77
C GLY A 94 -9.05 -1.12 5.03
N GLN A 95 -10.33 -1.31 5.33
CA GLN A 95 -10.93 -0.70 6.52
C GLN A 95 -10.11 -1.05 7.77
N THR A 96 -9.88 -0.04 8.60
CA THR A 96 -9.12 -0.23 9.84
C THR A 96 -9.94 -0.97 10.89
N ALA A 97 -9.36 -1.13 12.07
CA ALA A 97 -10.04 -1.82 13.16
C ALA A 97 -10.94 -0.85 13.94
N CYS A 98 -11.92 -1.41 14.65
CA CYS A 98 -12.85 -0.59 15.43
C CYS A 98 -12.45 -0.58 16.89
N PRO A 99 -12.78 0.52 17.59
CA PRO A 99 -12.46 0.68 19.01
C PRO A 99 -13.29 -0.24 19.90
N SER A 100 -14.48 -0.60 19.44
CA SER A 100 -15.36 -1.48 20.19
C SER A 100 -14.56 -2.53 20.95
N GLY A 101 -13.60 -3.14 20.27
CA GLY A 101 -12.77 -4.17 20.89
C GLY A 101 -13.38 -5.55 20.79
N PRO A 102 -12.53 -6.57 20.65
CA PRO A 102 -12.97 -7.97 20.54
C PRO A 102 -13.54 -8.49 21.85
N SER A 103 -14.68 -9.18 21.75
CA SER A 103 -15.34 -9.73 22.92
C SER A 103 -15.58 -11.23 22.75
N SER A 104 -15.84 -11.92 23.87
CA SER A 104 -16.08 -13.36 23.84
C SER A 104 -17.42 -13.69 24.48
N GLY A 105 -17.55 -13.37 25.76
CA GLY A 105 -18.79 -13.64 26.47
C GLY A 105 -18.83 -12.98 27.84
N GLY A 1 5.03 3.81 -29.90
CA GLY A 1 5.93 3.79 -31.03
C GLY A 1 7.35 3.47 -30.64
N SER A 2 8.23 4.45 -30.79
CA SER A 2 9.64 4.27 -30.46
C SER A 2 9.81 3.87 -28.99
N SER A 3 9.38 4.76 -28.09
CA SER A 3 9.48 4.50 -26.66
C SER A 3 8.60 3.33 -26.25
N GLY A 4 9.17 2.39 -25.52
CA GLY A 4 8.42 1.22 -25.09
C GLY A 4 9.26 0.28 -24.25
N SER A 5 9.96 0.81 -23.25
CA SER A 5 10.81 0.00 -22.39
C SER A 5 9.97 -0.98 -21.58
N SER A 6 9.93 -2.22 -22.03
CA SER A 6 9.17 -3.26 -21.35
C SER A 6 9.96 -3.86 -20.19
N GLY A 7 9.28 -4.11 -19.08
CA GLY A 7 9.94 -4.68 -17.92
C GLY A 7 9.50 -4.02 -16.63
N ARG A 8 8.23 -3.62 -16.57
CA ARG A 8 7.69 -2.96 -15.39
C ARG A 8 6.44 -3.68 -14.90
N SER A 9 6.61 -4.61 -13.97
CA SER A 9 5.49 -5.36 -13.43
C SER A 9 5.09 -4.83 -12.06
N PRO A 10 3.87 -4.26 -11.98
CA PRO A 10 3.33 -3.71 -10.74
C PRO A 10 3.02 -4.77 -9.71
N PRO A 11 2.94 -4.37 -8.43
CA PRO A 11 2.64 -5.28 -7.32
C PRO A 11 1.20 -5.77 -7.35
N SER A 12 1.03 -7.09 -7.31
CA SER A 12 -0.31 -7.69 -7.33
C SER A 12 -0.57 -8.45 -6.05
N ASN A 13 -1.79 -8.99 -5.93
CA ASN A 13 -2.17 -9.76 -4.75
C ASN A 13 -2.14 -8.87 -3.50
N LEU A 14 -2.51 -7.61 -3.66
CA LEU A 14 -2.53 -6.67 -2.55
C LEU A 14 -3.49 -7.13 -1.46
N ALA A 15 -3.00 -7.15 -0.22
CA ALA A 15 -3.82 -7.57 0.92
C ALA A 15 -3.63 -6.63 2.10
N LEU A 16 -4.71 -6.01 2.55
CA LEU A 16 -4.66 -5.09 3.67
C LEU A 16 -5.18 -5.76 4.95
N ALA A 17 -4.32 -5.87 5.94
CA ALA A 17 -4.68 -6.49 7.22
C ALA A 17 -4.66 -5.46 8.35
N SER A 18 -5.78 -5.34 9.05
CA SER A 18 -5.89 -4.39 10.15
C SER A 18 -5.66 -5.09 11.49
N GLU A 19 -4.68 -4.61 12.24
CA GLU A 19 -4.35 -5.19 13.54
C GLU A 19 -4.61 -4.19 14.66
N THR A 20 -4.52 -2.90 14.32
CA THR A 20 -4.74 -1.84 15.30
C THR A 20 -5.32 -0.59 14.64
N PRO A 21 -6.17 0.12 15.39
CA PRO A 21 -6.82 1.34 14.89
C PRO A 21 -5.83 2.50 14.73
N ASP A 22 -4.55 2.21 14.98
CA ASP A 22 -3.51 3.23 14.86
C ASP A 22 -2.64 2.97 13.64
N SER A 23 -2.62 1.72 13.17
CA SER A 23 -1.83 1.34 12.01
C SER A 23 -2.46 0.16 11.28
N LEU A 24 -2.13 0.03 10.01
CA LEU A 24 -2.68 -1.06 9.19
C LEU A 24 -1.56 -1.77 8.42
N GLN A 25 -1.60 -3.09 8.43
CA GLN A 25 -0.59 -3.89 7.74
C GLN A 25 -0.97 -4.08 6.27
N VAL A 26 0.04 -4.06 5.39
CA VAL A 26 -0.19 -4.24 3.97
C VAL A 26 0.94 -5.03 3.32
N SER A 27 0.57 -5.99 2.48
CA SER A 27 1.56 -6.82 1.80
C SER A 27 1.24 -6.94 0.32
N TRP A 28 2.17 -7.51 -0.44
CA TRP A 28 1.99 -7.69 -1.88
C TRP A 28 3.07 -8.59 -2.46
N THR A 29 2.82 -9.12 -3.65
CA THR A 29 3.77 -10.01 -4.32
C THR A 29 4.75 -9.21 -5.16
N PRO A 30 6.04 -9.29 -4.80
CA PRO A 30 7.11 -8.59 -5.52
C PRO A 30 7.36 -9.18 -6.90
N PRO A 31 7.54 -8.30 -7.90
CA PRO A 31 7.79 -8.70 -9.28
C PRO A 31 9.17 -9.33 -9.47
N LEU A 32 9.57 -9.52 -10.72
CA LEU A 32 10.87 -10.10 -11.03
C LEU A 32 11.89 -9.03 -11.38
N GLY A 33 11.43 -8.02 -12.13
CA GLY A 33 12.32 -6.94 -12.52
C GLY A 33 13.05 -6.33 -11.34
N ARG A 34 14.21 -5.72 -11.61
CA ARG A 34 15.00 -5.09 -10.55
C ARG A 34 14.33 -3.82 -10.05
N VAL A 35 13.63 -3.93 -8.92
CA VAL A 35 12.95 -2.80 -8.32
C VAL A 35 13.78 -2.18 -7.20
N LEU A 36 13.89 -0.86 -7.21
CA LEU A 36 14.66 -0.15 -6.19
C LEU A 36 13.84 -0.01 -4.91
N HIS A 37 12.66 0.57 -5.01
CA HIS A 37 11.79 0.77 -3.86
C HIS A 37 10.32 0.66 -4.27
N TYR A 38 9.44 0.73 -3.28
CA TYR A 38 8.00 0.66 -3.53
C TYR A 38 7.29 1.91 -3.04
N TRP A 39 7.10 2.86 -3.94
CA TRP A 39 6.43 4.12 -3.61
C TRP A 39 4.99 3.86 -3.17
N LEU A 40 4.79 3.74 -1.86
CA LEU A 40 3.46 3.49 -1.31
C LEU A 40 2.74 4.80 -1.03
N THR A 41 1.44 4.84 -1.32
CA THR A 41 0.65 6.04 -1.09
C THR A 41 -0.73 5.69 -0.53
N TYR A 42 -0.93 5.95 0.76
CA TYR A 42 -2.19 5.66 1.41
C TYR A 42 -2.99 6.93 1.66
N ALA A 43 -4.32 6.82 1.61
CA ALA A 43 -5.19 7.96 1.83
C ALA A 43 -6.65 7.54 1.93
N PRO A 44 -7.49 8.42 2.47
CA PRO A 44 -8.93 8.15 2.63
C PRO A 44 -9.66 8.12 1.30
N ALA A 45 -9.91 6.91 0.80
CA ALA A 45 -10.61 6.74 -0.47
C ALA A 45 -11.70 7.81 -0.65
N SER A 46 -12.42 8.09 0.43
CA SER A 46 -13.49 9.08 0.40
C SER A 46 -13.07 10.31 -0.41
N GLY A 47 -11.99 10.96 0.03
CA GLY A 47 -11.52 12.14 -0.65
C GLY A 47 -11.98 13.43 -0.01
N LEU A 48 -11.71 13.57 1.29
CA LEU A 48 -12.12 14.77 2.03
C LEU A 48 -10.91 15.45 2.64
N GLY A 49 -9.73 15.17 2.10
CA GLY A 49 -8.51 15.78 2.61
C GLY A 49 -7.29 15.40 1.80
N PRO A 50 -6.10 15.76 2.30
CA PRO A 50 -4.84 15.47 1.62
C PRO A 50 -4.50 13.99 1.65
N GLU A 51 -3.42 13.62 0.96
CA GLU A 51 -2.98 12.23 0.91
C GLU A 51 -1.58 12.07 1.49
N LYS A 52 -1.27 10.86 1.93
CA LYS A 52 0.03 10.57 2.52
C LYS A 52 0.85 9.67 1.59
N SER A 53 2.09 9.39 1.99
CA SER A 53 2.99 8.56 1.19
C SER A 53 4.19 8.11 2.02
N VAL A 54 4.38 6.80 2.12
CA VAL A 54 5.50 6.24 2.87
C VAL A 54 6.53 5.61 1.94
N SER A 55 7.80 5.76 2.29
CA SER A 55 8.88 5.20 1.48
C SER A 55 9.15 3.75 1.86
N VAL A 56 9.60 2.96 0.89
CA VAL A 56 9.89 1.56 1.11
C VAL A 56 11.28 1.19 0.59
N PRO A 57 12.02 0.40 1.37
CA PRO A 57 13.37 -0.04 1.02
C PRO A 57 13.37 -1.03 -0.14
N GLY A 58 12.18 -1.36 -0.62
CA GLY A 58 12.06 -2.30 -1.73
C GLY A 58 12.31 -3.73 -1.30
N ALA A 59 13.40 -3.94 -0.58
CA ALA A 59 13.75 -5.28 -0.10
C ALA A 59 12.55 -5.97 0.52
N ARG A 60 11.77 -5.23 1.29
CA ARG A 60 10.58 -5.78 1.94
C ARG A 60 9.33 -5.53 1.11
N SER A 61 8.50 -6.55 0.97
CA SER A 61 7.28 -6.45 0.19
C SER A 61 6.09 -6.14 1.09
N HIS A 62 6.34 -5.40 2.16
CA HIS A 62 5.29 -5.03 3.11
C HIS A 62 5.69 -3.81 3.92
N VAL A 63 4.70 -3.14 4.51
CA VAL A 63 4.95 -1.96 5.32
C VAL A 63 3.72 -1.57 6.13
N THR A 64 3.95 -1.02 7.32
CA THR A 64 2.87 -0.61 8.19
C THR A 64 2.62 0.89 8.11
N LEU A 65 1.35 1.27 8.04
CA LEU A 65 0.98 2.68 7.95
C LEU A 65 0.47 3.19 9.30
N PRO A 66 1.36 3.79 10.09
CA PRO A 66 1.01 4.34 11.41
C PRO A 66 0.13 5.57 11.30
N ASP A 67 -0.30 6.09 12.46
CA ASP A 67 -1.15 7.27 12.49
C ASP A 67 -2.44 7.04 11.72
N LEU A 68 -3.16 5.99 12.08
CA LEU A 68 -4.42 5.65 11.42
C LEU A 68 -5.59 5.76 12.39
N GLN A 69 -6.80 5.88 11.84
CA GLN A 69 -8.00 5.98 12.66
C GLN A 69 -8.72 4.64 12.76
N ALA A 70 -9.86 4.63 13.43
CA ALA A 70 -10.65 3.41 13.58
C ALA A 70 -11.94 3.48 12.78
N ALA A 71 -12.41 2.32 12.33
CA ALA A 71 -13.64 2.25 11.54
C ALA A 71 -13.56 3.15 10.32
N THR A 72 -12.45 3.04 9.58
CA THR A 72 -12.26 3.85 8.38
C THR A 72 -11.38 3.12 7.37
N LYS A 73 -11.69 3.29 6.09
CA LYS A 73 -10.93 2.64 5.03
C LYS A 73 -9.75 3.50 4.62
N TYR A 74 -8.86 2.94 3.80
CA TYR A 74 -7.67 3.65 3.34
C TYR A 74 -7.17 3.07 2.02
N ARG A 75 -7.38 3.81 0.93
CA ARG A 75 -6.95 3.37 -0.38
C ARG A 75 -5.43 3.34 -0.47
N VAL A 76 -4.86 2.14 -0.40
CA VAL A 76 -3.41 1.97 -0.47
C VAL A 76 -2.95 1.78 -1.91
N LEU A 77 -2.21 2.76 -2.42
CA LEU A 77 -1.70 2.71 -3.79
C LEU A 77 -0.20 2.45 -3.81
N VAL A 78 0.20 1.34 -4.39
CA VAL A 78 1.62 0.98 -4.47
C VAL A 78 2.11 1.04 -5.92
N SER A 79 3.42 1.16 -6.08
CA SER A 79 4.02 1.23 -7.41
C SER A 79 5.49 0.84 -7.36
N ALA A 80 5.88 -0.10 -8.21
CA ALA A 80 7.26 -0.56 -8.27
C ALA A 80 8.13 0.41 -9.05
N ILE A 81 9.21 0.86 -8.42
CA ILE A 81 10.13 1.81 -9.06
C ILE A 81 11.34 1.08 -9.64
N TYR A 82 11.53 1.22 -10.94
CA TYR A 82 12.65 0.57 -11.62
C TYR A 82 13.63 1.61 -12.16
N ALA A 83 14.84 1.16 -12.46
CA ALA A 83 15.88 2.06 -12.99
C ALA A 83 15.32 2.97 -14.07
N ALA A 84 14.60 2.38 -15.02
CA ALA A 84 14.00 3.15 -16.11
C ALA A 84 12.84 3.99 -15.62
N GLY A 85 11.84 3.35 -15.01
CA GLY A 85 10.70 4.07 -14.51
C GLY A 85 9.82 3.20 -13.63
N ARG A 86 8.87 3.82 -12.94
CA ARG A 86 7.97 3.11 -12.04
C ARG A 86 6.74 2.61 -12.80
N SER A 87 6.28 1.42 -12.45
CA SER A 87 5.10 0.83 -13.10
C SER A 87 3.82 1.50 -12.61
N GLU A 88 2.69 1.08 -13.18
CA GLU A 88 1.40 1.63 -12.81
C GLU A 88 1.21 1.59 -11.29
N ALA A 89 0.06 2.05 -10.83
CA ALA A 89 -0.25 2.08 -9.41
C ALA A 89 -1.51 1.28 -9.10
N VAL A 90 -1.40 0.32 -8.20
CA VAL A 90 -2.53 -0.52 -7.81
C VAL A 90 -3.16 -0.04 -6.51
N SER A 91 -4.45 0.26 -6.55
CA SER A 91 -5.17 0.74 -5.38
C SER A 91 -5.87 -0.42 -4.66
N ALA A 92 -6.08 -0.26 -3.36
CA ALA A 92 -6.74 -1.28 -2.56
C ALA A 92 -7.35 -0.70 -1.29
N THR A 93 -8.48 -1.23 -0.88
CA THR A 93 -9.16 -0.75 0.32
C THR A 93 -9.05 -1.75 1.45
N GLY A 94 -8.76 -1.25 2.65
CA GLY A 94 -8.64 -2.13 3.81
C GLY A 94 -9.08 -1.46 5.09
N GLN A 95 -10.36 -1.64 5.43
CA GLN A 95 -10.91 -1.05 6.64
C GLN A 95 -10.02 -1.34 7.84
N THR A 96 -9.88 -0.35 8.73
CA THR A 96 -9.06 -0.49 9.92
C THR A 96 -9.83 -1.17 11.05
N ALA A 97 -9.18 -1.32 12.19
CA ALA A 97 -9.80 -1.96 13.34
C ALA A 97 -10.57 -0.94 14.17
N CYS A 98 -11.68 -1.38 14.76
CA CYS A 98 -12.52 -0.50 15.59
C CYS A 98 -12.37 -0.85 17.06
N PRO A 99 -12.29 0.18 17.91
CA PRO A 99 -12.15 0.02 19.36
C PRO A 99 -13.43 -0.53 20.00
N SER A 100 -13.49 -1.85 20.14
CA SER A 100 -14.64 -2.51 20.74
C SER A 100 -14.26 -3.23 22.03
N GLY A 101 -13.24 -4.09 21.94
CA GLY A 101 -12.80 -4.83 23.10
C GLY A 101 -11.29 -4.99 23.14
N PRO A 102 -10.76 -5.27 24.34
CA PRO A 102 -9.31 -5.45 24.54
C PRO A 102 -8.79 -6.74 23.89
N SER A 103 -9.68 -7.45 23.20
CA SER A 103 -9.31 -8.69 22.54
C SER A 103 -7.89 -8.61 21.99
N SER A 104 -7.67 -7.68 21.08
CA SER A 104 -6.35 -7.49 20.47
C SER A 104 -5.26 -7.69 21.50
N GLY A 105 -4.07 -8.07 21.03
CA GLY A 105 -2.95 -8.28 21.92
C GLY A 105 -3.37 -8.92 23.24
N GLY A 1 14.24 -8.09 -28.69
CA GLY A 1 13.67 -7.52 -27.48
C GLY A 1 12.66 -8.44 -26.83
N SER A 2 11.89 -7.91 -25.89
CA SER A 2 10.89 -8.70 -25.18
C SER A 2 11.41 -10.11 -24.90
N SER A 3 12.67 -10.21 -24.52
CA SER A 3 13.29 -11.50 -24.22
C SER A 3 13.32 -11.76 -22.72
N GLY A 4 13.83 -10.80 -21.97
CA GLY A 4 13.91 -10.95 -20.53
C GLY A 4 12.61 -10.59 -19.84
N SER A 5 12.70 -9.70 -18.85
CA SER A 5 11.52 -9.27 -18.11
C SER A 5 10.52 -8.55 -19.02
N SER A 6 9.24 -8.67 -18.70
CA SER A 6 8.19 -8.03 -19.49
C SER A 6 7.86 -6.64 -18.95
N GLY A 7 8.69 -5.67 -19.30
CA GLY A 7 8.48 -4.31 -18.83
C GLY A 7 8.26 -4.24 -17.34
N ARG A 8 7.95 -3.04 -16.85
CA ARG A 8 7.71 -2.82 -15.42
C ARG A 8 6.41 -3.49 -14.99
N SER A 9 6.48 -4.27 -13.92
CA SER A 9 5.31 -4.97 -13.41
C SER A 9 4.94 -4.45 -12.01
N PRO A 10 3.71 -3.91 -11.90
CA PRO A 10 3.20 -3.37 -10.63
C PRO A 10 2.93 -4.46 -9.60
N PRO A 11 2.88 -4.06 -8.32
CA PRO A 11 2.62 -4.99 -7.21
C PRO A 11 1.20 -5.53 -7.22
N SER A 12 1.07 -6.85 -7.18
CA SER A 12 -0.24 -7.49 -7.18
C SER A 12 -0.46 -8.29 -5.90
N ASN A 13 -1.65 -8.87 -5.76
CA ASN A 13 -1.98 -9.66 -4.59
C ASN A 13 -1.95 -8.81 -3.33
N LEU A 14 -2.36 -7.55 -3.47
CA LEU A 14 -2.38 -6.62 -2.34
C LEU A 14 -3.32 -7.10 -1.26
N ALA A 15 -2.83 -7.14 -0.02
CA ALA A 15 -3.63 -7.58 1.11
C ALA A 15 -3.51 -6.61 2.29
N LEU A 16 -4.62 -6.00 2.66
CA LEU A 16 -4.64 -5.05 3.77
C LEU A 16 -5.14 -5.71 5.04
N ALA A 17 -4.28 -5.76 6.06
CA ALA A 17 -4.64 -6.37 7.34
C ALA A 17 -4.68 -5.32 8.44
N SER A 18 -5.76 -5.33 9.22
CA SER A 18 -5.92 -4.38 10.32
C SER A 18 -5.68 -5.06 11.66
N GLU A 19 -4.71 -4.53 12.41
CA GLU A 19 -4.37 -5.07 13.72
C GLU A 19 -4.57 -4.03 14.81
N THR A 20 -4.92 -2.82 14.41
CA THR A 20 -5.14 -1.73 15.36
C THR A 20 -5.64 -0.47 14.65
N PRO A 21 -6.51 0.28 15.34
CA PRO A 21 -7.08 1.52 14.79
C PRO A 21 -6.05 2.63 14.68
N ASP A 22 -4.78 2.26 14.71
CA ASP A 22 -3.69 3.23 14.62
C ASP A 22 -2.71 2.83 13.52
N SER A 23 -2.84 1.61 13.01
CA SER A 23 -1.96 1.11 11.97
C SER A 23 -2.68 0.09 11.10
N LEU A 24 -2.23 -0.04 9.85
CA LEU A 24 -2.83 -0.98 8.91
C LEU A 24 -1.75 -1.73 8.13
N GLN A 25 -1.63 -3.02 8.39
CA GLN A 25 -0.64 -3.84 7.70
C GLN A 25 -0.98 -3.98 6.22
N VAL A 26 0.05 -4.03 5.38
CA VAL A 26 -0.13 -4.16 3.93
C VAL A 26 1.03 -4.90 3.29
N SER A 27 0.71 -5.89 2.47
CA SER A 27 1.73 -6.68 1.79
C SER A 27 1.39 -6.86 0.32
N TRP A 28 2.24 -7.58 -0.40
CA TRP A 28 2.03 -7.83 -1.82
C TRP A 28 3.08 -8.78 -2.38
N THR A 29 3.02 -9.05 -3.67
CA THR A 29 3.96 -9.94 -4.32
C THR A 29 4.91 -9.18 -5.25
N PRO A 30 6.21 -9.23 -4.94
CA PRO A 30 7.24 -8.55 -5.73
C PRO A 30 7.43 -9.19 -7.10
N PRO A 31 7.60 -8.35 -8.13
CA PRO A 31 7.80 -8.80 -9.51
C PRO A 31 9.15 -9.47 -9.71
N LEU A 32 9.50 -9.75 -10.96
CA LEU A 32 10.77 -10.37 -11.28
C LEU A 32 11.80 -9.33 -11.71
N GLY A 33 11.31 -8.25 -12.32
CA GLY A 33 12.20 -7.20 -12.77
C GLY A 33 12.90 -6.49 -11.62
N ARG A 34 14.12 -6.03 -11.87
CA ARG A 34 14.90 -5.34 -10.84
C ARG A 34 14.22 -4.04 -10.43
N VAL A 35 13.64 -4.04 -9.24
CA VAL A 35 12.95 -2.86 -8.72
C VAL A 35 13.76 -2.19 -7.61
N LEU A 36 13.92 -0.87 -7.72
CA LEU A 36 14.67 -0.12 -6.72
C LEU A 36 13.92 -0.06 -5.40
N HIS A 37 12.74 0.56 -5.42
CA HIS A 37 11.92 0.67 -4.22
C HIS A 37 10.44 0.55 -4.56
N TYR A 38 9.59 0.74 -3.56
CA TYR A 38 8.15 0.64 -3.75
C TYR A 38 7.44 1.89 -3.23
N TRP A 39 7.20 2.84 -4.12
CA TRP A 39 6.54 4.09 -3.76
C TRP A 39 5.11 3.82 -3.29
N LEU A 40 4.92 3.82 -1.97
CA LEU A 40 3.60 3.58 -1.39
C LEU A 40 2.88 4.89 -1.13
N THR A 41 1.57 4.90 -1.38
CA THR A 41 0.76 6.09 -1.17
C THR A 41 -0.65 5.72 -0.71
N TYR A 42 -0.92 5.93 0.57
CA TYR A 42 -2.22 5.61 1.14
C TYR A 42 -3.08 6.88 1.25
N ALA A 43 -4.39 6.67 1.36
CA ALA A 43 -5.33 7.79 1.49
C ALA A 43 -6.73 7.30 1.86
N PRO A 44 -7.56 8.24 2.35
CA PRO A 44 -8.93 7.92 2.76
C PRO A 44 -9.83 7.59 1.58
N ALA A 45 -9.91 6.31 1.23
CA ALA A 45 -10.73 5.86 0.12
C ALA A 45 -12.00 6.70 0.01
N SER A 46 -12.61 7.00 1.15
CA SER A 46 -13.84 7.79 1.18
C SER A 46 -13.63 9.13 0.47
N GLY A 47 -12.58 9.84 0.88
CA GLY A 47 -12.28 11.13 0.28
C GLY A 47 -12.46 12.28 1.26
N LEU A 48 -11.93 12.11 2.47
CA LEU A 48 -12.04 13.13 3.50
C LEU A 48 -10.67 13.41 4.12
N GLY A 49 -9.64 13.51 3.28
CA GLY A 49 -8.31 13.78 3.76
C GLY A 49 -7.28 13.85 2.65
N PRO A 50 -6.09 14.35 2.98
CA PRO A 50 -5.00 14.49 2.01
C PRO A 50 -4.43 13.14 1.57
N GLU A 51 -3.47 13.17 0.65
CA GLU A 51 -2.84 11.95 0.16
C GLU A 51 -1.44 11.78 0.73
N LYS A 52 -1.29 10.82 1.64
CA LYS A 52 0.00 10.56 2.25
C LYS A 52 0.87 9.66 1.36
N SER A 53 2.13 9.47 1.76
CA SER A 53 3.05 8.65 1.00
C SER A 53 4.24 8.22 1.86
N VAL A 54 4.61 6.96 1.74
CA VAL A 54 5.73 6.42 2.52
C VAL A 54 6.66 5.59 1.64
N SER A 55 7.88 5.37 2.11
CA SER A 55 8.87 4.60 1.37
C SER A 55 8.98 3.19 1.92
N VAL A 56 9.42 2.27 1.08
CA VAL A 56 9.58 0.88 1.48
C VAL A 56 10.80 0.24 0.83
N PRO A 57 11.64 -0.42 1.65
CA PRO A 57 12.86 -1.08 1.17
C PRO A 57 12.56 -2.30 0.30
N GLY A 58 12.90 -2.21 -0.98
CA GLY A 58 12.66 -3.32 -1.89
C GLY A 58 12.85 -4.67 -1.22
N ALA A 59 13.83 -4.75 -0.32
CA ALA A 59 14.10 -5.99 0.38
C ALA A 59 12.82 -6.69 0.79
N ARG A 60 11.91 -5.94 1.40
CA ARG A 60 10.63 -6.49 1.84
C ARG A 60 9.50 -6.08 0.90
N SER A 61 8.42 -6.84 0.92
CA SER A 61 7.27 -6.57 0.06
C SER A 61 6.04 -6.21 0.89
N HIS A 62 6.27 -5.89 2.17
CA HIS A 62 5.19 -5.52 3.08
C HIS A 62 5.61 -4.40 4.00
N VAL A 63 4.62 -3.70 4.57
CA VAL A 63 4.90 -2.60 5.49
C VAL A 63 3.67 -2.27 6.33
N THR A 64 3.80 -1.27 7.18
CA THR A 64 2.70 -0.85 8.05
C THR A 64 2.56 0.67 8.05
N LEU A 65 1.32 1.14 7.95
CA LEU A 65 1.04 2.58 7.95
C LEU A 65 0.50 3.03 9.30
N PRO A 66 1.39 3.53 10.15
CA PRO A 66 1.04 4.02 11.49
C PRO A 66 0.21 5.30 11.44
N ASP A 67 -0.21 5.78 12.61
CA ASP A 67 -1.00 7.00 12.69
C ASP A 67 -2.25 6.90 11.81
N LEU A 68 -3.03 5.85 12.02
CA LEU A 68 -4.25 5.65 11.24
C LEU A 68 -5.49 5.78 12.12
N GLN A 69 -6.63 6.02 11.48
CA GLN A 69 -7.88 6.18 12.21
C GLN A 69 -8.54 4.82 12.47
N ALA A 70 -9.74 4.84 13.03
CA ALA A 70 -10.47 3.61 13.32
C ALA A 70 -11.75 3.53 12.51
N ALA A 71 -12.18 2.30 12.20
CA ALA A 71 -13.39 2.09 11.42
C ALA A 71 -13.36 2.90 10.13
N THR A 72 -12.20 2.97 9.50
CA THR A 72 -12.05 3.72 8.26
C THR A 72 -10.92 3.14 7.41
N LYS A 73 -11.27 2.57 6.27
CA LYS A 73 -10.30 1.99 5.36
C LYS A 73 -9.35 3.06 4.82
N TYR A 74 -8.38 2.63 4.02
CA TYR A 74 -7.41 3.56 3.43
C TYR A 74 -6.93 3.05 2.07
N ARG A 75 -7.32 3.76 1.02
CA ARG A 75 -6.93 3.39 -0.34
C ARG A 75 -5.42 3.33 -0.47
N VAL A 76 -4.87 2.12 -0.42
CA VAL A 76 -3.43 1.94 -0.54
C VAL A 76 -3.00 1.82 -1.99
N LEU A 77 -2.20 2.79 -2.45
CA LEU A 77 -1.72 2.80 -3.82
C LEU A 77 -0.22 2.57 -3.87
N VAL A 78 0.17 1.37 -4.32
CA VAL A 78 1.59 1.02 -4.43
C VAL A 78 2.05 1.04 -5.87
N SER A 79 3.31 1.39 -6.09
CA SER A 79 3.87 1.45 -7.43
C SER A 79 5.36 1.08 -7.42
N ALA A 80 5.71 0.08 -8.22
CA ALA A 80 7.10 -0.38 -8.29
C ALA A 80 7.94 0.58 -9.15
N ILE A 81 9.06 1.02 -8.59
CA ILE A 81 9.95 1.94 -9.30
C ILE A 81 11.11 1.18 -9.93
N TYR A 82 11.38 1.46 -11.20
CA TYR A 82 12.46 0.81 -11.92
C TYR A 82 13.44 1.84 -12.47
N ALA A 83 14.63 1.37 -12.85
CA ALA A 83 15.66 2.25 -13.39
C ALA A 83 15.08 3.17 -14.47
N ALA A 84 14.27 2.59 -15.36
CA ALA A 84 13.66 3.36 -16.43
C ALA A 84 12.50 4.19 -15.92
N GLY A 85 11.60 3.56 -15.18
CA GLY A 85 10.45 4.26 -14.63
C GLY A 85 9.64 3.41 -13.67
N ARG A 86 8.54 3.95 -13.18
CA ARG A 86 7.68 3.23 -12.24
C ARG A 86 6.42 2.75 -12.93
N SER A 87 5.98 1.55 -12.56
CA SER A 87 4.78 0.96 -13.15
C SER A 87 3.52 1.62 -12.60
N GLU A 88 2.37 1.27 -13.16
CA GLU A 88 1.10 1.83 -12.72
C GLU A 88 0.94 1.69 -11.21
N ALA A 89 -0.17 2.21 -10.69
CA ALA A 89 -0.45 2.13 -9.26
C ALA A 89 -1.67 1.27 -8.97
N VAL A 90 -1.55 0.40 -7.98
CA VAL A 90 -2.65 -0.49 -7.61
C VAL A 90 -3.31 -0.03 -6.32
N SER A 91 -4.60 0.27 -6.40
CA SER A 91 -5.36 0.73 -5.23
C SER A 91 -5.93 -0.46 -4.47
N ALA A 92 -6.12 -0.27 -3.16
CA ALA A 92 -6.67 -1.32 -2.32
C ALA A 92 -7.32 -0.74 -1.06
N THR A 93 -8.56 -1.12 -0.80
CA THR A 93 -9.29 -0.63 0.37
C THR A 93 -9.25 -1.66 1.50
N GLY A 94 -8.86 -1.19 2.68
CA GLY A 94 -8.80 -2.08 3.83
C GLY A 94 -9.27 -1.41 5.10
N GLN A 95 -10.54 -1.62 5.45
CA GLN A 95 -11.11 -1.03 6.65
C GLN A 95 -10.22 -1.30 7.86
N THR A 96 -10.04 -0.27 8.68
CA THR A 96 -9.21 -0.40 9.88
C THR A 96 -9.97 -1.10 11.00
N ALA A 97 -9.31 -1.25 12.16
CA ALA A 97 -9.94 -1.89 13.31
C ALA A 97 -10.73 -0.89 14.14
N CYS A 98 -11.51 -1.40 15.08
CA CYS A 98 -12.33 -0.56 15.95
C CYS A 98 -11.81 -0.58 17.38
N PRO A 99 -12.05 0.52 18.11
CA PRO A 99 -11.62 0.65 19.50
C PRO A 99 -12.40 -0.27 20.44
N SER A 100 -13.72 -0.28 20.28
CA SER A 100 -14.58 -1.11 21.11
C SER A 100 -14.01 -2.51 21.26
N GLY A 101 -13.65 -3.12 20.14
CA GLY A 101 -13.09 -4.46 20.17
C GLY A 101 -14.13 -5.52 20.48
N PRO A 102 -13.98 -6.70 19.87
CA PRO A 102 -14.91 -7.81 20.08
C PRO A 102 -14.78 -8.42 21.47
N SER A 103 -13.63 -8.21 22.10
CA SER A 103 -13.39 -8.73 23.44
C SER A 103 -13.77 -7.71 24.50
N SER A 104 -14.07 -8.20 25.71
CA SER A 104 -14.45 -7.33 26.82
C SER A 104 -13.60 -7.60 28.05
N GLY A 105 -12.60 -6.75 28.28
CA GLY A 105 -11.73 -6.92 29.42
C GLY A 105 -11.10 -5.62 29.86
N GLY A 1 7.20 5.02 -22.41
CA GLY A 1 8.36 4.17 -22.58
C GLY A 1 7.99 2.72 -22.82
N SER A 2 7.15 2.49 -23.83
CA SER A 2 6.71 1.14 -24.16
C SER A 2 7.91 0.23 -24.43
N SER A 3 7.70 -1.08 -24.28
CA SER A 3 8.77 -2.04 -24.50
C SER A 3 8.20 -3.40 -24.89
N GLY A 4 8.97 -4.18 -25.65
CA GLY A 4 8.52 -5.48 -26.07
C GLY A 4 8.51 -6.49 -24.93
N SER A 5 9.69 -6.96 -24.53
CA SER A 5 9.80 -7.92 -23.45
C SER A 5 9.30 -7.34 -22.14
N SER A 6 9.05 -8.21 -21.16
CA SER A 6 8.57 -7.78 -19.85
C SER A 6 9.66 -7.05 -19.07
N GLY A 7 9.26 -6.06 -18.29
CA GLY A 7 10.23 -5.31 -17.50
C GLY A 7 9.63 -4.76 -16.22
N ARG A 8 8.78 -3.73 -16.36
CA ARG A 8 8.14 -3.11 -15.21
C ARG A 8 6.84 -3.82 -14.87
N SER A 9 6.75 -4.34 -13.65
CA SER A 9 5.56 -5.05 -13.20
C SER A 9 5.11 -4.56 -11.84
N PRO A 10 3.87 -4.03 -11.77
CA PRO A 10 3.30 -3.51 -10.53
C PRO A 10 2.99 -4.61 -9.52
N PRO A 11 2.89 -4.23 -8.24
CA PRO A 11 2.60 -5.17 -7.15
C PRO A 11 1.18 -5.71 -7.20
N SER A 12 1.05 -7.04 -7.18
CA SER A 12 -0.25 -7.68 -7.24
C SER A 12 -0.53 -8.47 -5.96
N ASN A 13 -1.74 -9.01 -5.86
CA ASN A 13 -2.12 -9.78 -4.68
C ASN A 13 -2.11 -8.92 -3.43
N LEU A 14 -2.62 -7.69 -3.56
CA LEU A 14 -2.67 -6.77 -2.44
C LEU A 14 -3.57 -7.30 -1.32
N ALA A 15 -3.05 -7.30 -0.10
CA ALA A 15 -3.80 -7.78 1.05
C ALA A 15 -3.64 -6.84 2.24
N LEU A 16 -4.70 -6.08 2.53
CA LEU A 16 -4.68 -5.13 3.63
C LEU A 16 -5.20 -5.79 4.91
N ALA A 17 -4.33 -5.90 5.91
CA ALA A 17 -4.70 -6.50 7.18
C ALA A 17 -4.66 -5.47 8.30
N SER A 18 -5.77 -5.35 9.03
CA SER A 18 -5.87 -4.39 10.12
C SER A 18 -5.65 -5.09 11.47
N GLU A 19 -4.68 -4.59 12.22
CA GLU A 19 -4.36 -5.16 13.52
C GLU A 19 -4.61 -4.16 14.65
N THR A 20 -4.51 -2.88 14.31
CA THR A 20 -4.73 -1.81 15.28
C THR A 20 -5.37 -0.59 14.63
N PRO A 21 -6.21 0.12 15.39
CA PRO A 21 -6.90 1.32 14.90
C PRO A 21 -5.95 2.50 14.69
N ASP A 22 -4.65 2.23 14.87
CA ASP A 22 -3.64 3.28 14.70
C ASP A 22 -2.63 2.87 13.62
N SER A 23 -2.80 1.67 13.09
CA SER A 23 -1.90 1.16 12.06
C SER A 23 -2.60 0.10 11.21
N LEU A 24 -2.18 -0.01 9.95
CA LEU A 24 -2.76 -0.98 9.03
C LEU A 24 -1.68 -1.72 8.25
N GLN A 25 -1.66 -3.03 8.39
CA GLN A 25 -0.67 -3.85 7.69
C GLN A 25 -1.03 -4.04 6.23
N VAL A 26 -0.03 -3.98 5.35
CA VAL A 26 -0.26 -4.14 3.92
C VAL A 26 0.88 -4.92 3.28
N SER A 27 0.54 -5.99 2.58
CA SER A 27 1.54 -6.83 1.91
C SER A 27 1.20 -6.98 0.43
N TRP A 28 2.16 -7.53 -0.32
CA TRP A 28 1.97 -7.73 -1.75
C TRP A 28 3.04 -8.66 -2.31
N THR A 29 2.87 -9.06 -3.57
CA THR A 29 3.83 -9.94 -4.22
C THR A 29 4.85 -9.16 -5.03
N PRO A 30 6.12 -9.25 -4.61
CA PRO A 30 7.22 -8.55 -5.28
C PRO A 30 7.54 -9.13 -6.65
N PRO A 31 7.66 -8.25 -7.66
CA PRO A 31 7.96 -8.67 -9.03
C PRO A 31 9.38 -9.18 -9.19
N LEU A 32 9.78 -9.44 -10.43
CA LEU A 32 11.12 -9.94 -10.71
C LEU A 32 12.04 -8.80 -11.13
N GLY A 33 11.54 -7.91 -11.99
CA GLY A 33 12.33 -6.79 -12.45
C GLY A 33 12.99 -6.03 -11.31
N ARG A 34 14.25 -5.66 -11.50
CA ARG A 34 14.99 -4.93 -10.48
C ARG A 34 14.22 -3.68 -10.03
N VAL A 35 13.58 -3.77 -8.87
CA VAL A 35 12.81 -2.65 -8.34
C VAL A 35 13.53 -2.01 -7.16
N LEU A 36 13.98 -0.78 -7.34
CA LEU A 36 14.68 -0.04 -6.29
C LEU A 36 13.85 -0.01 -5.01
N HIS A 37 12.74 0.73 -5.06
CA HIS A 37 11.86 0.85 -3.90
C HIS A 37 10.40 0.81 -4.33
N TYR A 38 9.52 0.54 -3.37
CA TYR A 38 8.08 0.47 -3.65
C TYR A 38 7.37 1.71 -3.13
N TRP A 39 7.23 2.70 -4.00
CA TRP A 39 6.55 3.94 -3.63
C TRP A 39 5.12 3.67 -3.17
N LEU A 40 4.89 3.77 -1.87
CA LEU A 40 3.56 3.54 -1.31
C LEU A 40 2.85 4.86 -1.04
N THR A 41 1.59 4.94 -1.46
CA THR A 41 0.79 6.15 -1.25
C THR A 41 -0.58 5.81 -0.68
N TYR A 42 -0.68 5.82 0.64
CA TYR A 42 -1.93 5.51 1.32
C TYR A 42 -2.76 6.79 1.54
N ALA A 43 -4.06 6.68 1.37
CA ALA A 43 -4.96 7.81 1.57
C ALA A 43 -6.41 7.37 1.58
N PRO A 44 -7.31 8.29 1.97
CA PRO A 44 -8.75 8.01 2.04
C PRO A 44 -9.37 7.86 0.67
N ALA A 45 -10.10 6.77 0.46
CA ALA A 45 -10.76 6.50 -0.81
C ALA A 45 -11.49 7.75 -1.31
N SER A 46 -12.60 8.08 -0.66
CA SER A 46 -13.39 9.23 -1.05
C SER A 46 -13.04 10.45 -0.19
N GLY A 47 -11.94 10.34 0.55
CA GLY A 47 -11.51 11.43 1.41
C GLY A 47 -11.65 12.77 0.74
N LEU A 48 -11.50 12.81 -0.59
CA LEU A 48 -11.60 14.04 -1.35
C LEU A 48 -10.85 15.17 -0.66
N GLY A 49 -9.62 14.89 -0.24
CA GLY A 49 -8.82 15.90 0.42
C GLY A 49 -7.34 15.59 0.35
N PRO A 50 -6.64 15.72 1.49
CA PRO A 50 -5.20 15.45 1.57
C PRO A 50 -4.87 13.97 1.41
N GLU A 51 -3.59 13.68 1.18
CA GLU A 51 -3.14 12.31 1.00
C GLU A 51 -1.84 12.06 1.76
N LYS A 52 -1.45 10.79 1.86
CA LYS A 52 -0.23 10.41 2.55
C LYS A 52 0.59 9.44 1.71
N SER A 53 1.87 9.30 2.06
CA SER A 53 2.77 8.41 1.35
C SER A 53 3.93 7.98 2.24
N VAL A 54 4.49 6.80 1.95
CA VAL A 54 5.61 6.28 2.72
C VAL A 54 6.58 5.54 1.82
N SER A 55 7.86 5.57 2.19
CA SER A 55 8.91 4.91 1.42
C SER A 55 9.13 3.49 1.91
N VAL A 56 9.35 2.57 0.97
CA VAL A 56 9.58 1.17 1.31
C VAL A 56 10.76 0.60 0.52
N PRO A 57 11.73 0.02 1.25
CA PRO A 57 12.91 -0.57 0.64
C PRO A 57 12.60 -1.85 -0.12
N GLY A 58 12.88 -1.84 -1.42
CA GLY A 58 12.62 -3.02 -2.24
C GLY A 58 12.88 -4.31 -1.50
N ALA A 59 13.94 -4.33 -0.69
CA ALA A 59 14.30 -5.52 0.06
C ALA A 59 13.05 -6.22 0.61
N ARG A 60 12.13 -5.44 1.14
CA ARG A 60 10.89 -5.98 1.70
C ARG A 60 9.71 -5.72 0.77
N SER A 61 8.68 -6.53 0.89
CA SER A 61 7.49 -6.40 0.06
C SER A 61 6.26 -6.08 0.90
N HIS A 62 6.46 -5.30 1.96
CA HIS A 62 5.36 -4.93 2.84
C HIS A 62 5.78 -3.77 3.76
N VAL A 63 4.80 -3.16 4.41
CA VAL A 63 5.05 -2.05 5.31
C VAL A 63 3.81 -1.68 6.11
N THR A 64 4.02 -1.11 7.30
CA THR A 64 2.91 -0.72 8.15
C THR A 64 2.69 0.79 8.11
N LEU A 65 1.43 1.20 8.00
CA LEU A 65 1.09 2.61 7.95
C LEU A 65 0.52 3.08 9.28
N PRO A 66 1.39 3.64 10.12
CA PRO A 66 1.02 4.15 11.45
C PRO A 66 0.15 5.41 11.36
N ASP A 67 -0.24 5.94 12.50
CA ASP A 67 -1.06 7.14 12.55
C ASP A 67 -2.33 6.97 11.72
N LEU A 68 -3.08 5.92 12.01
CA LEU A 68 -4.31 5.63 11.27
C LEU A 68 -5.53 5.75 12.19
N GLN A 69 -6.70 5.87 11.59
CA GLN A 69 -7.94 5.99 12.36
C GLN A 69 -8.67 4.64 12.42
N ALA A 70 -9.85 4.65 13.02
CA ALA A 70 -10.65 3.44 13.15
C ALA A 70 -11.94 3.55 12.34
N ALA A 71 -12.39 2.41 11.81
CA ALA A 71 -13.62 2.38 11.02
C ALA A 71 -13.52 3.31 9.81
N THR A 72 -12.44 3.16 9.04
CA THR A 72 -12.22 3.98 7.85
C THR A 72 -11.28 3.29 6.88
N LYS A 73 -11.68 3.25 5.62
CA LYS A 73 -10.86 2.62 4.57
C LYS A 73 -9.75 3.55 4.12
N TYR A 74 -8.66 2.98 3.61
CA TYR A 74 -7.53 3.75 3.14
C TYR A 74 -7.03 3.24 1.80
N ARG A 75 -7.46 3.90 0.72
CA ARG A 75 -7.06 3.50 -0.63
C ARG A 75 -5.54 3.42 -0.74
N VAL A 76 -5.00 2.21 -0.58
CA VAL A 76 -3.56 2.01 -0.66
C VAL A 76 -3.10 1.91 -2.10
N LEU A 77 -2.24 2.83 -2.51
CA LEU A 77 -1.73 2.86 -3.87
C LEU A 77 -0.22 2.62 -3.89
N VAL A 78 0.19 1.43 -4.35
CA VAL A 78 1.60 1.08 -4.42
C VAL A 78 2.10 1.07 -5.86
N SER A 79 3.35 1.45 -6.06
CA SER A 79 3.95 1.48 -7.39
C SER A 79 5.42 1.09 -7.34
N ALA A 80 5.76 0.03 -8.06
CA ALA A 80 7.13 -0.46 -8.11
C ALA A 80 8.02 0.47 -8.93
N ILE A 81 9.05 1.00 -8.30
CA ILE A 81 9.98 1.91 -8.97
C ILE A 81 11.10 1.14 -9.65
N TYR A 82 11.52 1.62 -10.82
CA TYR A 82 12.59 0.97 -11.57
C TYR A 82 13.56 2.01 -12.12
N ALA A 83 14.77 1.55 -12.46
CA ALA A 83 15.80 2.43 -13.00
C ALA A 83 15.21 3.39 -14.03
N ALA A 84 14.45 2.83 -14.98
CA ALA A 84 13.83 3.64 -16.02
C ALA A 84 12.65 4.44 -15.47
N GLY A 85 11.72 3.74 -14.84
CA GLY A 85 10.55 4.41 -14.28
C GLY A 85 9.80 3.53 -13.29
N ARG A 86 8.57 3.92 -12.97
CA ARG A 86 7.76 3.17 -12.03
C ARG A 86 6.48 2.66 -12.70
N SER A 87 6.13 1.41 -12.42
CA SER A 87 4.93 0.81 -12.99
C SER A 87 3.68 1.52 -12.51
N GLU A 88 2.53 1.19 -13.11
CA GLU A 88 1.27 1.79 -12.74
C GLU A 88 1.06 1.76 -11.23
N ALA A 89 -0.09 2.27 -10.79
CA ALA A 89 -0.41 2.28 -9.37
C ALA A 89 -1.68 1.48 -9.07
N VAL A 90 -1.54 0.45 -8.25
CA VAL A 90 -2.69 -0.38 -7.89
C VAL A 90 -3.31 0.06 -6.57
N SER A 91 -4.63 0.26 -6.59
CA SER A 91 -5.34 0.69 -5.40
C SER A 91 -5.82 -0.51 -4.58
N ALA A 92 -6.15 -0.26 -3.31
CA ALA A 92 -6.63 -1.33 -2.43
C ALA A 92 -7.31 -0.74 -1.20
N THR A 93 -8.54 -1.18 -0.95
CA THR A 93 -9.31 -0.70 0.19
C THR A 93 -9.24 -1.69 1.35
N GLY A 94 -8.78 -1.20 2.50
CA GLY A 94 -8.67 -2.06 3.68
C GLY A 94 -9.20 -1.39 4.93
N GLN A 95 -10.44 -1.72 5.28
CA GLN A 95 -11.07 -1.15 6.47
C GLN A 95 -10.21 -1.38 7.71
N THR A 96 -10.05 -0.34 8.52
CA THR A 96 -9.25 -0.44 9.74
C THR A 96 -10.03 -1.16 10.84
N ALA A 97 -9.40 -1.28 12.01
CA ALA A 97 -10.03 -1.95 13.15
C ALA A 97 -10.87 -0.96 13.96
N CYS A 98 -12.14 -1.30 14.13
CA CYS A 98 -13.05 -0.44 14.89
C CYS A 98 -12.52 -0.18 16.30
N PRO A 99 -13.05 0.87 16.94
CA PRO A 99 -12.65 1.25 18.30
C PRO A 99 -13.11 0.24 19.35
N SER A 100 -13.74 -0.83 18.89
CA SER A 100 -14.24 -1.87 19.79
C SER A 100 -13.31 -2.04 20.98
N GLY A 101 -12.05 -2.33 20.70
CA GLY A 101 -11.07 -2.52 21.76
C GLY A 101 -9.74 -3.04 21.24
N PRO A 102 -8.64 -2.61 21.89
CA PRO A 102 -7.29 -3.03 21.50
C PRO A 102 -7.02 -4.50 21.82
N SER A 103 -8.02 -5.16 22.39
CA SER A 103 -7.90 -6.57 22.74
C SER A 103 -8.35 -7.46 21.59
N SER A 104 -7.44 -7.80 20.69
CA SER A 104 -7.75 -8.63 19.55
C SER A 104 -7.50 -10.11 19.88
N GLY A 105 -8.48 -10.73 20.53
CA GLY A 105 -8.35 -12.13 20.90
C GLY A 105 -6.95 -12.48 21.36
#